data_4OO2
#
_entry.id   4OO2
#
_cell.length_a   99.156
_cell.length_b   173.729
_cell.length_c   113.859
_cell.angle_alpha   90.000
_cell.angle_beta   90.000
_cell.angle_gamma   90.000
#
_symmetry.space_group_name_H-M   'P 21 21 21'
#
loop_
_entity.id
_entity.type
_entity.pdbx_description
1 polymer Chlorophenol-4-monooxygenase
2 non-polymer 'CALCIUM ION'
3 non-polymer GLYCEROL
4 water water
#
_entity_poly.entity_id   1
_entity_poly.type   'polypeptide(L)'
_entity_poly.pdbx_seq_one_letter_code
;(MSE)PHGAEREASPAEESAGTRPLTGEEYLESLRDAREVYLDGSRVKDVTAHPAFHNPAR(MSE)TARLYDSLHDPAQK
AVLTAPTDAGDGFTHRFFTAPRSVDDLVKDQAAIASWARKSYGW(MSE)GRSPDYKASFLGTLGANADFYEPFADNARRW
YRESQEKVLYWNHAFLHPPVDRSLPADEVGDVFIHVERETDAGLVVSGAKVVATGSALTHAAFISHWGLPIKDRKFALVA
TVP(MSE)DADGLKVICRPSYSANAATTGSPFDNPLSSRLDENDAILVLDQVLIPWENVFVYGNLGKVHLLAGQSG
(MSE)IERATFHGCTRLAVKLEFIAGLLAKALDITGAKDFRGVQTRLGEVLAWRNLFWSLSDAAARNPVPWKNGTLLPNP
QAG(MSE)AYRWF(MSE)QIGYPRVLEIVQQDVASGL(MSE)YVNSSTEDFRNPETGPYLEKYLRGSDGAGAVERVKV
(MSE)KLLWDAVGSDFGGRHELYERNYSGNHENTRIELLLSQTASGKLDSY(MSE)DFAQAC(MSE)DEYDLDGWTAPDL
ESFHA(MSE)RSASRDLLGGL
;
_entity_poly.pdbx_strand_id   A,B,C,D
#
loop_
_chem_comp.id
_chem_comp.type
_chem_comp.name
_chem_comp.formula
CA non-polymer 'CALCIUM ION' 'Ca 2'
GOL non-polymer GLYCEROL 'C3 H8 O3'
#
# COMPACT_ATOMS: atom_id res chain seq x y z
N THR A 18 -14.48 39.26 -34.09
CA THR A 18 -15.37 38.71 -33.06
C THR A 18 -14.63 38.54 -31.74
N ARG A 19 -15.35 38.04 -30.74
CA ARG A 19 -14.78 37.79 -29.42
C ARG A 19 -15.65 36.83 -28.64
N PRO A 20 -15.05 36.12 -27.65
CA PRO A 20 -15.83 35.24 -26.78
C PRO A 20 -16.68 36.00 -25.76
N LEU A 21 -17.46 35.27 -24.99
CA LEU A 21 -18.33 35.85 -23.97
C LEU A 21 -17.53 36.53 -22.87
N THR A 22 -18.13 37.55 -22.26
CA THR A 22 -17.56 38.17 -21.08
C THR A 22 -18.19 37.54 -19.84
N GLY A 23 -17.73 37.95 -18.67
CA GLY A 23 -18.29 37.45 -17.42
C GLY A 23 -19.77 37.72 -17.31
N GLU A 24 -20.17 38.94 -17.66
CA GLU A 24 -21.58 39.35 -17.60
C GLU A 24 -22.42 38.63 -18.65
N GLU A 25 -21.87 38.48 -19.84
CA GLU A 25 -22.56 37.82 -20.94
C GLU A 25 -22.84 36.34 -20.64
N TYR A 26 -21.86 35.65 -20.06
CA TYR A 26 -22.03 34.26 -19.69
C TYR A 26 -23.14 34.08 -18.66
N LEU A 27 -23.17 34.96 -17.65
CA LEU A 27 -24.19 34.90 -16.61
C LEU A 27 -25.57 35.16 -17.18
N GLU A 28 -25.66 36.08 -18.14
CA GLU A 28 -26.93 36.40 -18.79
C GLU A 28 -27.43 35.22 -19.63
N SER A 29 -26.49 34.43 -20.14
CA SER A 29 -26.84 33.28 -20.97
C SER A 29 -27.48 32.16 -20.16
N LEU A 30 -27.27 32.19 -18.85
CA LEU A 30 -27.83 31.18 -17.96
C LEU A 30 -29.23 31.54 -17.48
N ARG A 31 -29.60 32.81 -17.64
CA ARG A 31 -30.91 33.29 -17.21
C ARG A 31 -31.99 32.97 -18.23
N ASP A 32 -32.07 31.71 -18.64
CA ASP A 32 -33.07 31.26 -19.60
C ASP A 32 -34.11 30.34 -18.95
N ALA A 33 -34.81 29.58 -19.79
CA ALA A 33 -35.90 28.72 -19.33
C ALA A 33 -35.43 27.33 -18.89
N ARG A 34 -34.19 27.23 -18.44
CA ARG A 34 -33.64 25.96 -17.99
C ARG A 34 -34.36 25.46 -16.73
N GLU A 35 -34.68 24.16 -16.72
CA GLU A 35 -35.44 23.58 -15.61
C GLU A 35 -34.53 22.85 -14.63
N VAL A 36 -33.97 23.60 -13.68
CA VAL A 36 -33.10 23.02 -12.67
C VAL A 36 -33.89 22.79 -11.39
N TYR A 37 -33.79 21.59 -10.84
CA TYR A 37 -34.50 21.26 -9.60
C TYR A 37 -33.54 21.02 -8.44
N LEU A 38 -33.97 21.41 -7.25
CA LEU A 38 -33.15 21.29 -6.06
C LEU A 38 -34.00 21.41 -4.81
N ASP A 39 -33.89 20.41 -3.93
CA ASP A 39 -34.64 20.36 -2.68
C ASP A 39 -36.15 20.42 -2.93
N GLY A 40 -36.58 19.76 -3.99
CA GLY A 40 -37.99 19.67 -4.33
C GLY A 40 -38.55 20.88 -5.04
N SER A 41 -37.78 21.96 -5.09
CA SER A 41 -38.22 23.20 -5.72
C SER A 41 -37.47 23.47 -7.03
N ARG A 42 -38.10 24.21 -7.92
CA ARG A 42 -37.44 24.66 -9.14
C ARG A 42 -36.64 25.93 -8.87
N VAL A 43 -35.43 26.00 -9.40
CA VAL A 43 -34.60 27.17 -9.24
C VAL A 43 -35.04 28.25 -10.23
N LYS A 44 -35.53 29.37 -9.71
CA LYS A 44 -36.06 30.43 -10.54
C LYS A 44 -34.94 31.10 -11.34
N ASP A 45 -33.91 31.55 -10.63
CA ASP A 45 -32.73 32.12 -11.27
C ASP A 45 -31.49 31.37 -10.79
N VAL A 46 -30.89 30.61 -11.70
CA VAL A 46 -29.74 29.79 -11.37
C VAL A 46 -28.56 30.64 -10.90
N THR A 47 -28.39 31.80 -11.52
CA THR A 47 -27.29 32.69 -11.18
C THR A 47 -27.52 33.43 -9.86
N ALA A 48 -28.68 33.21 -9.25
CA ALA A 48 -29.03 33.90 -8.02
C ALA A 48 -29.07 32.94 -6.84
N HIS A 49 -29.44 31.69 -7.10
CA HIS A 49 -29.53 30.69 -6.04
C HIS A 49 -28.15 30.37 -5.47
N PRO A 50 -28.04 30.31 -4.14
CA PRO A 50 -26.78 30.05 -3.41
C PRO A 50 -26.04 28.80 -3.89
N ALA A 51 -26.79 27.82 -4.37
CA ALA A 51 -26.21 26.57 -4.85
C ALA A 51 -25.32 26.79 -6.07
N PHE A 52 -25.64 27.80 -6.86
CA PHE A 52 -24.94 28.03 -8.12
C PHE A 52 -24.40 29.45 -8.25
N HIS A 53 -24.78 30.33 -7.32
CA HIS A 53 -24.43 31.75 -7.41
C HIS A 53 -22.92 31.98 -7.47
N ASN A 54 -22.24 31.70 -6.37
CA ASN A 54 -20.79 31.88 -6.31
C ASN A 54 -20.00 30.98 -7.27
N PRO A 55 -20.41 29.72 -7.47
CA PRO A 55 -19.73 28.94 -8.51
C PRO A 55 -19.83 29.56 -9.91
N ALA A 56 -20.96 30.18 -10.22
CA ALA A 56 -21.15 30.82 -11.52
C ALA A 56 -20.26 32.05 -11.65
N ARG A 57 -20.09 32.78 -10.55
CA ARG A 57 -19.25 33.96 -10.54
C ARG A 57 -17.79 33.58 -10.75
N MSE A 58 -17.44 32.38 -10.32
CA MSE A 58 -16.08 31.87 -10.49
C MSE A 58 -15.82 31.53 -11.96
O MSE A 58 -14.74 31.77 -12.49
CB MSE A 58 -15.85 30.62 -9.63
CG MSE A 58 -14.46 30.55 -9.03
SE MSE A 58 -14.12 32.04 -7.84
CE MSE A 58 -15.79 31.98 -6.86
N THR A 59 -16.83 30.95 -12.61
CA THR A 59 -16.75 30.65 -14.03
C THR A 59 -16.69 31.95 -14.83
N ALA A 60 -17.36 32.98 -14.31
CA ALA A 60 -17.35 34.30 -14.94
C ALA A 60 -15.94 34.89 -14.94
N ARG A 61 -15.15 34.54 -13.92
CA ARG A 61 -13.77 34.99 -13.84
C ARG A 61 -12.96 34.43 -15.02
N LEU A 62 -13.26 33.19 -15.39
CA LEU A 62 -12.58 32.53 -16.50
C LEU A 62 -12.85 33.24 -17.81
N TYR A 63 -14.12 33.58 -18.05
CA TYR A 63 -14.51 34.30 -19.25
C TYR A 63 -13.91 35.70 -19.28
N ASP A 64 -13.85 36.34 -18.12
CA ASP A 64 -13.30 37.69 -18.03
C ASP A 64 -11.80 37.71 -18.30
N SER A 65 -11.12 36.61 -17.98
CA SER A 65 -9.68 36.51 -18.18
C SER A 65 -9.32 36.52 -19.67
N LEU A 66 -10.26 36.08 -20.50
CA LEU A 66 -10.05 36.04 -21.95
C LEU A 66 -9.93 37.43 -22.56
N HIS A 67 -10.43 38.44 -21.84
CA HIS A 67 -10.44 39.80 -22.36
C HIS A 67 -9.36 40.68 -21.72
N ASP A 68 -8.69 40.16 -20.71
CA ASP A 68 -7.58 40.86 -20.08
C ASP A 68 -6.35 40.83 -20.99
N PRO A 69 -5.88 42.02 -21.42
CA PRO A 69 -4.72 42.14 -22.30
C PRO A 69 -3.43 41.54 -21.75
N ALA A 70 -3.33 41.46 -20.43
CA ALA A 70 -2.15 40.90 -19.78
C ALA A 70 -2.15 39.37 -19.81
N GLN A 71 -3.26 38.79 -20.26
CA GLN A 71 -3.44 37.34 -20.27
C GLN A 71 -3.74 36.80 -21.67
N LYS A 72 -3.78 37.69 -22.65
CA LYS A 72 -4.15 37.32 -24.01
C LYS A 72 -3.16 36.35 -24.67
N ALA A 73 -1.88 36.56 -24.40
CA ALA A 73 -0.83 35.74 -25.00
C ALA A 73 -0.89 34.29 -24.52
N VAL A 74 -1.21 34.11 -23.25
CA VAL A 74 -1.27 32.77 -22.65
C VAL A 74 -2.59 32.07 -22.97
N LEU A 75 -3.69 32.81 -22.87
CA LEU A 75 -5.02 32.21 -22.91
C LEU A 75 -5.67 32.17 -24.30
N THR A 76 -5.31 33.09 -25.18
CA THR A 76 -6.08 33.26 -26.42
C THR A 76 -5.35 32.90 -27.71
N ALA A 77 -6.12 32.82 -28.78
CA ALA A 77 -5.62 32.45 -30.12
C ALA A 77 -6.69 32.81 -31.16
N PRO A 78 -6.29 32.97 -32.43
CA PRO A 78 -7.27 33.27 -33.49
C PRO A 78 -8.34 32.18 -33.66
N THR A 79 -9.41 32.51 -34.36
CA THR A 79 -10.60 31.65 -34.41
C THR A 79 -10.81 30.97 -35.77
N ASP A 80 -9.72 30.50 -36.39
CA ASP A 80 -9.76 29.80 -37.67
C ASP A 80 -10.30 30.68 -38.80
N ALA A 81 -11.48 31.25 -38.61
CA ALA A 81 -12.03 32.20 -39.57
C ALA A 81 -11.23 33.50 -39.56
N GLY A 82 -10.57 33.76 -38.44
CA GLY A 82 -9.66 34.90 -38.32
C GLY A 82 -10.34 36.23 -38.06
N ASP A 83 -11.66 36.21 -37.91
CA ASP A 83 -12.41 37.44 -37.67
C ASP A 83 -12.37 37.86 -36.20
N GLY A 84 -11.71 37.07 -35.36
CA GLY A 84 -11.63 37.35 -33.95
C GLY A 84 -10.74 36.39 -33.19
N PHE A 85 -10.89 36.34 -31.87
CA PHE A 85 -10.10 35.44 -31.04
C PHE A 85 -10.96 34.51 -30.19
N THR A 86 -10.30 33.57 -29.52
CA THR A 86 -10.98 32.56 -28.72
C THR A 86 -10.03 31.97 -27.69
N HIS A 87 -10.54 31.09 -26.83
CA HIS A 87 -9.69 30.38 -25.89
C HIS A 87 -8.77 29.43 -26.65
N ARG A 88 -7.49 29.43 -26.29
CA ARG A 88 -6.47 28.72 -27.04
C ARG A 88 -6.73 27.21 -27.17
N PHE A 89 -7.31 26.60 -26.15
CA PHE A 89 -7.53 25.16 -26.15
C PHE A 89 -8.68 24.74 -27.06
N PHE A 90 -9.43 25.72 -27.57
CA PHE A 90 -10.53 25.45 -28.49
C PHE A 90 -10.05 25.33 -29.93
N THR A 91 -8.75 25.49 -30.13
CA THR A 91 -8.16 25.33 -31.45
C THR A 91 -7.27 24.10 -31.47
N ALA A 92 -7.21 23.40 -32.60
CA ALA A 92 -6.40 22.21 -32.73
C ALA A 92 -4.92 22.57 -32.79
N PRO A 93 -4.09 21.91 -31.96
CA PRO A 93 -2.65 22.15 -31.96
C PRO A 93 -2.00 21.59 -33.22
N ARG A 94 -1.02 22.29 -33.75
CA ARG A 94 -0.34 21.86 -34.98
C ARG A 94 1.16 21.75 -34.77
N SER A 95 1.60 21.98 -33.54
CA SER A 95 3.02 21.90 -33.20
C SER A 95 3.20 21.65 -31.71
N VAL A 96 4.41 21.28 -31.31
CA VAL A 96 4.72 21.08 -29.90
C VAL A 96 4.56 22.40 -29.16
N ASP A 97 4.95 23.48 -29.82
CA ASP A 97 4.82 24.82 -29.24
C ASP A 97 3.38 25.15 -28.88
N ASP A 98 2.44 24.69 -29.71
CA ASP A 98 1.03 24.91 -29.46
C ASP A 98 0.56 24.16 -28.22
N LEU A 99 1.01 22.92 -28.08
CA LEU A 99 0.61 22.08 -26.95
C LEU A 99 1.22 22.57 -25.63
N VAL A 100 2.39 23.18 -25.72
CA VAL A 100 3.01 23.77 -24.54
C VAL A 100 2.22 25.00 -24.10
N LYS A 101 1.79 25.78 -25.09
CA LYS A 101 0.95 26.95 -24.83
C LYS A 101 -0.44 26.51 -24.37
N ASP A 102 -0.92 25.39 -24.89
CA ASP A 102 -2.17 24.80 -24.44
C ASP A 102 -2.10 24.46 -22.96
N GLN A 103 -0.97 23.89 -22.55
CA GLN A 103 -0.75 23.54 -21.15
C GLN A 103 -0.79 24.77 -20.26
N ALA A 104 -0.20 25.86 -20.75
CA ALA A 104 -0.17 27.11 -20.00
C ALA A 104 -1.57 27.68 -19.83
N ALA A 105 -2.38 27.58 -20.88
CA ALA A 105 -3.75 28.07 -20.84
C ALA A 105 -4.59 27.28 -19.85
N ILE A 106 -4.45 25.96 -19.90
CA ILE A 106 -5.19 25.08 -18.99
C ILE A 106 -4.76 25.29 -17.54
N ALA A 107 -3.45 25.39 -17.31
CA ALA A 107 -2.93 25.60 -15.97
C ALA A 107 -3.36 26.95 -15.42
N SER A 108 -3.51 27.93 -16.30
CA SER A 108 -3.92 29.27 -15.90
C SER A 108 -5.32 29.27 -15.29
N TRP A 109 -6.27 28.69 -16.01
CA TRP A 109 -7.65 28.61 -15.54
C TRP A 109 -7.78 27.68 -14.34
N ALA A 110 -6.91 26.69 -14.25
CA ALA A 110 -6.92 25.76 -13.12
C ALA A 110 -6.55 26.48 -11.83
N ARG A 111 -5.60 27.41 -11.92
CA ARG A 111 -5.16 28.16 -10.76
C ARG A 111 -6.24 29.13 -10.27
N LYS A 112 -7.06 29.59 -11.20
CA LYS A 112 -8.12 30.55 -10.87
C LYS A 112 -9.19 29.92 -9.98
N SER A 113 -9.33 28.60 -10.09
CA SER A 113 -10.25 27.85 -9.25
C SER A 113 -9.47 26.98 -8.27
N TYR A 114 -8.17 27.21 -8.22
CA TYR A 114 -7.25 26.48 -7.35
C TYR A 114 -7.27 24.97 -7.66
N GLY A 115 -7.57 24.64 -8.91
CA GLY A 115 -7.50 23.26 -9.38
C GLY A 115 -8.68 22.39 -9.01
N TRP A 116 -9.74 22.99 -8.49
CA TRP A 116 -10.87 22.21 -7.99
C TRP A 116 -12.01 22.03 -9.01
N MSE A 117 -12.33 23.07 -9.76
N MSE A 117 -12.31 23.10 -9.73
CA MSE A 117 -13.46 22.98 -10.69
CA MSE A 117 -13.31 23.06 -10.79
C MSE A 117 -13.09 22.27 -11.99
C MSE A 117 -12.80 22.25 -11.96
O MSE A 117 -12.91 22.88 -13.04
O MSE A 117 -12.23 22.80 -12.90
CB MSE A 117 -14.01 24.38 -10.99
CB MSE A 117 -13.68 24.48 -11.23
CG MSE A 117 -14.31 25.19 -9.73
CG MSE A 117 -14.75 24.55 -12.30
SE MSE A 117 -15.51 26.70 -10.05
SE MSE A 117 -15.00 26.34 -13.03
CE MSE A 117 -15.02 27.07 -11.91
CE MSE A 117 -15.56 27.26 -11.39
N GLY A 118 -12.99 20.94 -11.90
CA GLY A 118 -12.56 20.08 -12.99
C GLY A 118 -13.34 20.19 -14.28
N ARG A 119 -14.65 20.43 -14.18
CA ARG A 119 -15.50 20.51 -15.34
C ARG A 119 -15.68 21.95 -15.81
N SER A 120 -14.61 22.72 -15.79
CA SER A 120 -14.59 24.08 -16.33
C SER A 120 -14.89 24.06 -17.84
N PRO A 121 -15.30 25.22 -18.40
CA PRO A 121 -15.64 25.29 -19.82
C PRO A 121 -14.53 24.85 -20.78
N ASP A 122 -13.28 24.93 -20.34
CA ASP A 122 -12.16 24.56 -21.20
C ASP A 122 -11.96 23.04 -21.25
N TYR A 123 -12.54 22.34 -20.29
CA TYR A 123 -12.42 20.89 -20.24
C TYR A 123 -13.10 20.21 -21.42
N LYS A 124 -14.30 20.66 -21.74
CA LYS A 124 -15.07 20.07 -22.83
C LYS A 124 -14.49 20.45 -24.18
N ALA A 125 -13.55 21.41 -24.17
CA ALA A 125 -12.83 21.79 -25.38
C ALA A 125 -11.88 20.69 -25.83
N SER A 126 -11.69 19.70 -24.96
CA SER A 126 -10.90 18.52 -25.32
C SER A 126 -11.58 17.78 -26.46
N PHE A 127 -12.90 17.92 -26.55
CA PHE A 127 -13.66 17.37 -27.65
C PHE A 127 -13.89 18.44 -28.72
N LEU A 128 -14.35 19.60 -28.28
CA LEU A 128 -14.72 20.69 -29.18
C LEU A 128 -13.55 21.19 -30.02
N GLY A 129 -12.35 21.15 -29.47
CA GLY A 129 -11.17 21.64 -30.17
C GLY A 129 -10.73 20.77 -31.34
N THR A 130 -11.39 19.64 -31.52
CA THR A 130 -11.00 18.70 -32.57
C THR A 130 -12.09 18.48 -33.62
N LEU A 131 -13.21 19.18 -33.49
CA LEU A 131 -14.31 19.03 -34.44
C LEU A 131 -13.96 19.61 -35.81
N GLY A 132 -12.96 20.48 -35.84
CA GLY A 132 -12.53 21.09 -37.09
C GLY A 132 -11.79 20.12 -38.00
N ALA A 133 -10.74 19.50 -37.47
CA ALA A 133 -9.92 18.59 -38.25
C ALA A 133 -10.55 17.20 -38.36
N ASN A 134 -11.49 16.91 -37.46
CA ASN A 134 -12.14 15.60 -37.42
C ASN A 134 -13.64 15.71 -37.67
N ALA A 135 -14.01 16.58 -38.60
CA ALA A 135 -15.42 16.81 -38.93
C ALA A 135 -16.01 15.66 -39.74
N ASP A 136 -15.27 15.21 -40.75
CA ASP A 136 -15.74 14.18 -41.67
C ASP A 136 -16.01 12.84 -41.00
N PHE A 137 -15.49 12.68 -39.78
CA PHE A 137 -15.76 11.48 -39.00
C PHE A 137 -17.24 11.40 -38.62
N TYR A 138 -17.90 12.55 -38.62
CA TYR A 138 -19.29 12.63 -38.17
C TYR A 138 -20.28 12.68 -39.33
N GLU A 139 -19.85 12.24 -40.51
CA GLU A 139 -20.74 12.12 -41.67
C GLU A 139 -21.91 11.17 -41.35
N PRO A 140 -23.09 11.45 -41.91
CA PRO A 140 -23.40 12.55 -42.84
C PRO A 140 -23.58 13.90 -42.15
N PHE A 141 -23.55 13.91 -40.82
CA PHE A 141 -23.77 15.13 -40.06
C PHE A 141 -22.48 15.90 -39.83
N ALA A 142 -21.53 15.74 -40.76
CA ALA A 142 -20.21 16.36 -40.63
C ALA A 142 -20.29 17.89 -40.67
N ASP A 143 -21.21 18.42 -41.46
CA ASP A 143 -21.35 19.85 -41.57
C ASP A 143 -21.92 20.45 -40.29
N ASN A 144 -22.71 19.67 -39.57
CA ASN A 144 -23.23 20.10 -38.28
C ASN A 144 -22.10 20.27 -37.27
N ALA A 145 -21.10 19.38 -37.36
CA ALA A 145 -19.94 19.44 -36.49
C ALA A 145 -19.04 20.63 -36.84
N ARG A 146 -18.93 20.93 -38.13
CA ARG A 146 -18.05 22.03 -38.59
C ARG A 146 -18.48 23.41 -38.14
N ARG A 147 -19.78 23.62 -37.97
CA ARG A 147 -20.28 24.93 -37.54
C ARG A 147 -20.35 24.99 -36.01
N TRP A 148 -20.70 23.88 -35.38
CA TRP A 148 -20.70 23.83 -33.92
C TRP A 148 -19.26 23.95 -33.42
N TYR A 149 -18.32 23.53 -34.25
CA TYR A 149 -16.91 23.78 -33.98
C TYR A 149 -16.66 25.29 -34.05
N ARG A 150 -17.18 25.91 -35.12
CA ARG A 150 -17.10 27.34 -35.32
C ARG A 150 -17.77 28.13 -34.19
N GLU A 151 -19.00 27.75 -33.86
CA GLU A 151 -19.79 28.48 -32.89
C GLU A 151 -19.27 28.35 -31.46
N SER A 152 -18.89 27.14 -31.07
CA SER A 152 -18.34 26.91 -29.74
C SER A 152 -17.00 27.61 -29.60
N GLN A 153 -16.33 27.82 -30.73
CA GLN A 153 -15.08 28.57 -30.77
C GLN A 153 -15.32 30.07 -30.56
N GLU A 154 -16.34 30.61 -31.23
CA GLU A 154 -16.57 32.05 -31.23
C GLU A 154 -16.92 32.63 -29.87
N LYS A 155 -17.75 31.91 -29.12
CA LYS A 155 -18.22 32.40 -27.83
C LYS A 155 -17.54 31.70 -26.67
N VAL A 156 -16.75 30.67 -26.99
CA VAL A 156 -16.24 29.75 -25.97
C VAL A 156 -17.42 29.19 -25.18
N LEU A 157 -18.17 28.32 -25.84
CA LEU A 157 -19.37 27.72 -25.26
C LEU A 157 -19.03 26.79 -24.11
N TYR A 158 -19.96 26.67 -23.17
CA TYR A 158 -19.79 25.79 -22.02
C TYR A 158 -20.67 24.56 -22.20
N TRP A 159 -20.06 23.45 -22.58
CA TRP A 159 -20.77 22.19 -22.70
C TRP A 159 -20.40 21.24 -21.57
N ASN A 160 -21.36 20.41 -21.16
CA ASN A 160 -21.08 19.37 -20.19
C ASN A 160 -21.17 18.00 -20.86
N HIS A 161 -20.29 17.09 -20.49
CA HIS A 161 -20.25 15.78 -21.11
C HIS A 161 -21.18 14.81 -20.38
N ALA A 162 -22.39 14.64 -20.92
CA ALA A 162 -23.32 13.67 -20.36
C ALA A 162 -23.23 12.38 -21.16
N PHE A 163 -22.59 11.38 -20.58
CA PHE A 163 -22.33 10.13 -21.27
C PHE A 163 -22.62 8.90 -20.42
N LEU A 164 -22.58 9.08 -19.09
CA LEU A 164 -22.80 7.98 -18.17
C LEU A 164 -24.26 7.53 -18.19
N HIS A 165 -24.48 6.25 -18.47
CA HIS A 165 -25.83 5.67 -18.49
C HIS A 165 -26.40 5.54 -17.09
N PRO A 166 -27.71 5.80 -16.95
CA PRO A 166 -28.42 5.60 -15.68
C PRO A 166 -28.55 4.12 -15.32
N PRO A 167 -28.72 3.83 -14.02
CA PRO A 167 -28.90 2.44 -13.58
C PRO A 167 -30.17 1.83 -14.17
N VAL A 168 -30.07 0.58 -14.60
CA VAL A 168 -31.20 -0.14 -15.20
C VAL A 168 -31.41 -1.45 -14.43
N ASP A 169 -32.64 -1.94 -14.43
CA ASP A 169 -32.98 -3.15 -13.69
C ASP A 169 -32.58 -4.44 -14.39
N ARG A 170 -32.85 -4.49 -15.70
CA ARG A 170 -32.53 -5.64 -16.56
C ARG A 170 -33.41 -6.84 -16.24
N SER A 171 -34.45 -6.64 -15.43
CA SER A 171 -35.38 -7.72 -15.10
C SER A 171 -36.69 -7.55 -15.87
N GLU A 176 -38.91 -5.79 -19.35
CA GLU A 176 -37.48 -5.68 -19.65
C GLU A 176 -37.21 -4.63 -20.72
N VAL A 177 -37.60 -3.39 -20.46
CA VAL A 177 -37.47 -2.34 -21.47
C VAL A 177 -36.26 -1.46 -21.14
N GLY A 178 -35.50 -1.11 -22.17
CA GLY A 178 -34.35 -0.23 -22.02
C GLY A 178 -34.64 1.22 -22.35
N ASP A 179 -35.74 1.74 -21.81
CA ASP A 179 -36.15 3.12 -22.05
C ASP A 179 -35.43 4.11 -21.14
N VAL A 180 -34.52 3.61 -20.31
CA VAL A 180 -33.72 4.47 -19.44
C VAL A 180 -32.54 5.09 -20.19
N PHE A 181 -32.14 4.42 -21.28
CA PHE A 181 -31.05 4.92 -22.11
C PHE A 181 -31.55 6.00 -23.07
N ILE A 182 -30.65 6.88 -23.49
CA ILE A 182 -30.96 7.86 -24.52
C ILE A 182 -31.38 7.17 -25.82
N HIS A 183 -32.57 7.52 -26.31
CA HIS A 183 -33.13 6.84 -27.48
C HIS A 183 -34.11 7.73 -28.23
N VAL A 184 -34.24 7.48 -29.53
CA VAL A 184 -35.19 8.21 -30.36
C VAL A 184 -36.57 7.58 -30.29
N GLU A 185 -37.59 8.38 -29.99
CA GLU A 185 -38.96 7.88 -29.92
C GLU A 185 -39.74 8.17 -31.22
N ARG A 186 -39.24 9.13 -32.01
CA ARG A 186 -39.90 9.55 -33.24
C ARG A 186 -38.94 10.38 -34.08
N GLU A 187 -39.00 10.19 -35.39
CA GLU A 187 -38.15 10.91 -36.32
C GLU A 187 -38.91 11.91 -37.19
N THR A 188 -38.94 13.17 -36.77
CA THR A 188 -39.59 14.22 -37.56
C THR A 188 -38.64 14.81 -38.59
N ASP A 189 -39.18 15.64 -39.47
CA ASP A 189 -38.39 16.36 -40.46
C ASP A 189 -37.60 17.49 -39.80
N ALA A 190 -38.15 18.00 -38.70
CA ALA A 190 -37.53 19.09 -37.96
C ALA A 190 -36.29 18.63 -37.22
N GLY A 191 -36.33 17.39 -36.72
CA GLY A 191 -35.21 16.83 -35.99
C GLY A 191 -35.48 15.45 -35.42
N LEU A 192 -35.15 15.26 -34.15
CA LEU A 192 -35.28 13.96 -33.51
C LEU A 192 -35.88 14.07 -32.12
N VAL A 193 -36.97 13.33 -31.88
CA VAL A 193 -37.59 13.31 -30.57
C VAL A 193 -36.91 12.26 -29.69
N VAL A 194 -36.30 12.70 -28.60
CA VAL A 194 -35.45 11.84 -27.79
C VAL A 194 -35.83 11.87 -26.31
N SER A 195 -35.91 10.69 -25.70
CA SER A 195 -36.13 10.59 -24.26
C SER A 195 -35.06 9.70 -23.64
N GLY A 196 -34.86 9.84 -22.33
CA GLY A 196 -33.82 9.11 -21.64
C GLY A 196 -33.18 9.95 -20.56
N ALA A 197 -32.02 9.53 -20.08
CA ALA A 197 -31.34 10.23 -19.00
C ALA A 197 -29.83 9.99 -18.99
N LYS A 198 -29.12 10.84 -18.26
CA LYS A 198 -27.70 10.70 -18.04
C LYS A 198 -27.38 11.04 -16.59
N VAL A 199 -26.40 10.36 -16.00
CA VAL A 199 -26.06 10.58 -14.61
C VAL A 199 -24.69 11.24 -14.44
N VAL A 200 -24.49 11.86 -13.28
CA VAL A 200 -23.26 12.59 -12.96
C VAL A 200 -22.95 13.62 -14.05
N ALA A 201 -23.96 14.40 -14.45
CA ALA A 201 -23.75 15.50 -15.37
C ALA A 201 -23.19 16.68 -14.60
N THR A 202 -21.90 16.61 -14.28
CA THR A 202 -21.26 17.59 -13.42
C THR A 202 -21.18 18.97 -14.05
N GLY A 203 -21.73 19.96 -13.35
CA GLY A 203 -21.66 21.35 -13.79
C GLY A 203 -22.71 21.72 -14.82
N SER A 204 -23.53 20.73 -15.20
CA SER A 204 -24.54 20.91 -16.24
C SER A 204 -25.45 22.13 -16.04
N ALA A 205 -25.83 22.37 -14.79
CA ALA A 205 -26.77 23.44 -14.46
C ALA A 205 -26.22 24.83 -14.82
N LEU A 206 -24.91 24.92 -15.01
CA LEU A 206 -24.27 26.19 -15.34
C LEU A 206 -23.72 26.19 -16.76
N THR A 207 -24.12 25.20 -17.56
CA THR A 207 -23.62 25.07 -18.93
C THR A 207 -24.59 25.62 -19.96
N HIS A 208 -24.12 25.75 -21.19
CA HIS A 208 -24.94 26.24 -22.29
C HIS A 208 -25.68 25.11 -22.99
N ALA A 209 -25.05 23.94 -23.04
CA ALA A 209 -25.62 22.79 -23.72
C ALA A 209 -25.00 21.48 -23.24
N ALA A 210 -25.81 20.43 -23.18
CA ALA A 210 -25.31 19.11 -22.82
C ALA A 210 -24.93 18.31 -24.05
N PHE A 211 -23.69 17.85 -24.10
CA PHE A 211 -23.25 16.99 -25.20
C PHE A 211 -23.49 15.53 -24.86
N ILE A 212 -24.52 14.94 -25.46
CA ILE A 212 -24.89 13.56 -25.19
C ILE A 212 -24.09 12.57 -26.05
N SER A 213 -23.39 11.65 -25.38
CA SER A 213 -22.64 10.60 -26.05
C SER A 213 -22.73 9.32 -25.23
N HIS A 214 -22.04 8.26 -25.67
CA HIS A 214 -22.10 7.00 -24.95
C HIS A 214 -20.77 6.25 -25.00
N TRP A 215 -20.41 5.62 -23.90
CA TRP A 215 -19.25 4.72 -23.87
C TRP A 215 -19.75 3.31 -24.15
N GLY A 216 -20.92 3.02 -23.57
CA GLY A 216 -21.61 1.75 -23.73
C GLY A 216 -22.46 1.75 -24.99
N LEU A 217 -22.75 0.57 -25.52
CA LEU A 217 -23.53 0.49 -26.75
C LEU A 217 -24.99 0.81 -26.45
N PRO A 218 -25.59 0.21 -25.40
CA PRO A 218 -25.36 -1.04 -24.67
C PRO A 218 -25.96 -2.22 -25.43
N ILE A 219 -27.09 -1.94 -26.08
CA ILE A 219 -27.81 -2.89 -26.93
C ILE A 219 -27.66 -2.56 -28.40
N LYS A 220 -27.56 -3.58 -29.23
CA LYS A 220 -27.33 -3.38 -30.65
C LYS A 220 -28.61 -2.95 -31.36
N ASP A 221 -28.95 -1.67 -31.21
CA ASP A 221 -30.10 -1.12 -31.91
C ASP A 221 -29.73 0.22 -32.54
N ARG A 222 -30.23 0.43 -33.75
CA ARG A 222 -29.98 1.63 -34.52
C ARG A 222 -30.31 2.92 -33.78
N LYS A 223 -31.44 2.90 -33.07
CA LYS A 223 -31.99 4.08 -32.42
C LYS A 223 -31.28 4.57 -31.14
N PHE A 224 -30.41 3.75 -30.57
CA PHE A 224 -29.68 4.16 -29.37
C PHE A 224 -28.35 4.80 -29.77
N ALA A 225 -27.91 4.53 -30.98
CA ALA A 225 -26.66 5.07 -31.50
C ALA A 225 -26.83 6.55 -31.85
N LEU A 226 -26.87 7.39 -30.83
CA LEU A 226 -27.07 8.83 -31.03
C LEU A 226 -26.06 9.67 -30.26
N VAL A 227 -25.39 10.55 -30.98
CA VAL A 227 -24.47 11.51 -30.39
C VAL A 227 -24.82 12.91 -30.87
N ALA A 228 -25.22 13.78 -29.96
CA ALA A 228 -25.70 15.11 -30.32
C ALA A 228 -25.61 16.09 -29.17
N THR A 229 -25.84 17.37 -29.48
CA THR A 229 -25.84 18.41 -28.46
C THR A 229 -27.26 18.93 -28.21
N VAL A 230 -27.58 19.19 -26.95
CA VAL A 230 -28.89 19.73 -26.59
C VAL A 230 -28.75 20.97 -25.72
N PRO A 231 -29.45 22.06 -26.09
CA PRO A 231 -29.47 23.28 -25.28
C PRO A 231 -30.00 23.01 -23.88
N MSE A 232 -29.46 23.69 -22.88
CA MSE A 232 -29.86 23.46 -21.50
C MSE A 232 -31.22 24.07 -21.18
O MSE A 232 -31.80 23.78 -20.13
CB MSE A 232 -28.80 24.01 -20.54
CG MSE A 232 -27.48 23.25 -20.57
SE MSE A 232 -27.71 21.35 -20.17
CE MSE A 232 -28.42 21.52 -18.37
N ASP A 233 -31.72 24.90 -22.08
CA ASP A 233 -33.04 25.49 -21.90
C ASP A 233 -34.07 24.85 -22.81
N ALA A 234 -33.69 23.74 -23.44
CA ALA A 234 -34.58 23.02 -24.34
C ALA A 234 -35.79 22.47 -23.59
N ASP A 235 -36.98 22.70 -24.13
CA ASP A 235 -38.21 22.24 -23.50
C ASP A 235 -38.27 20.72 -23.45
N GLY A 236 -38.42 20.18 -22.24
CA GLY A 236 -38.45 18.75 -22.05
C GLY A 236 -37.23 18.27 -21.28
N LEU A 237 -36.17 19.07 -21.31
CA LEU A 237 -34.94 18.75 -20.60
C LEU A 237 -35.01 19.23 -19.15
N LYS A 238 -34.77 18.32 -18.22
CA LYS A 238 -34.79 18.65 -16.80
C LYS A 238 -33.48 18.26 -16.10
N VAL A 239 -33.13 19.02 -15.08
CA VAL A 239 -31.92 18.78 -14.31
C VAL A 239 -32.24 18.52 -12.85
N ILE A 240 -32.01 17.28 -12.40
CA ILE A 240 -32.24 16.92 -11.01
C ILE A 240 -30.92 16.87 -10.25
N CYS A 241 -30.74 17.82 -9.34
CA CYS A 241 -29.47 18.00 -8.65
C CYS A 241 -29.22 16.99 -7.54
N ARG A 242 -27.94 16.75 -7.28
CA ARG A 242 -27.49 16.06 -6.08
C ARG A 242 -27.43 17.10 -4.96
N PRO A 243 -27.34 16.67 -3.69
CA PRO A 243 -27.25 17.64 -2.59
C PRO A 243 -26.16 18.69 -2.82
N SER A 244 -26.54 19.96 -2.74
CA SER A 244 -25.61 21.06 -3.02
C SER A 244 -24.80 21.42 -1.79
N TYR A 245 -23.48 21.32 -1.92
CA TYR A 245 -22.57 21.63 -0.82
C TYR A 245 -22.37 23.14 -0.71
N SER A 246 -22.63 23.84 -1.80
CA SER A 246 -22.51 25.30 -1.83
C SER A 246 -23.73 25.97 -1.22
N ALA A 247 -24.90 25.39 -1.46
CA ALA A 247 -26.14 25.92 -0.88
C ALA A 247 -26.16 25.72 0.63
N ASN A 248 -25.73 24.55 1.08
CA ASN A 248 -25.68 24.24 2.51
C ASN A 248 -24.68 25.12 3.25
N ALA A 249 -23.59 25.46 2.57
CA ALA A 249 -22.56 26.31 3.15
C ALA A 249 -23.05 27.75 3.25
N ALA A 250 -24.02 28.10 2.41
CA ALA A 250 -24.58 29.45 2.41
C ALA A 250 -25.50 29.66 3.62
N THR A 251 -26.24 28.63 4.00
CA THR A 251 -27.24 28.76 5.05
C THR A 251 -26.72 28.37 6.43
N THR A 252 -25.77 27.45 6.49
CA THR A 252 -25.28 26.97 7.78
C THR A 252 -23.80 27.25 8.00
N GLY A 253 -23.10 27.67 6.95
CA GLY A 253 -21.68 27.93 7.05
C GLY A 253 -21.32 29.37 6.72
N SER A 254 -20.10 29.55 6.20
CA SER A 254 -19.59 30.87 5.86
C SER A 254 -18.35 30.72 4.98
N PRO A 255 -17.99 31.78 4.22
CA PRO A 255 -16.77 31.77 3.40
C PRO A 255 -15.52 31.45 4.21
N PHE A 256 -15.53 31.80 5.49
CA PHE A 256 -14.40 31.51 6.37
C PHE A 256 -14.42 30.05 6.82
N ASP A 257 -15.60 29.56 7.18
CA ASP A 257 -15.75 28.21 7.70
C ASP A 257 -15.85 27.16 6.60
N ASN A 258 -16.23 27.61 5.40
CA ASN A 258 -16.37 26.71 4.24
C ASN A 258 -15.90 27.38 2.96
N PRO A 259 -14.60 27.65 2.84
CA PRO A 259 -14.03 28.46 1.75
C PRO A 259 -14.14 27.83 0.36
N LEU A 260 -14.00 26.52 0.26
CA LEU A 260 -14.02 25.87 -1.06
C LEU A 260 -15.41 25.44 -1.47
N SER A 261 -16.13 24.77 -0.57
CA SER A 261 -17.43 24.21 -0.89
C SER A 261 -18.46 25.27 -1.24
N SER A 262 -18.34 26.45 -0.63
CA SER A 262 -19.34 27.51 -0.79
C SER A 262 -19.25 28.21 -2.13
N ARG A 263 -18.17 27.99 -2.89
CA ARG A 263 -17.98 28.73 -4.13
C ARG A 263 -17.41 27.91 -5.28
N LEU A 264 -17.05 26.65 -5.02
CA LEU A 264 -16.42 25.83 -6.05
C LEU A 264 -17.17 24.52 -6.29
N ASP A 265 -18.31 24.35 -5.63
CA ASP A 265 -19.06 23.11 -5.71
C ASP A 265 -19.66 22.90 -7.10
N GLU A 266 -19.31 21.78 -7.73
CA GLU A 266 -19.88 21.41 -9.02
C GLU A 266 -20.90 20.30 -8.82
N ASN A 267 -22.18 20.62 -9.02
CA ASN A 267 -23.25 19.68 -8.76
C ASN A 267 -23.30 18.56 -9.79
N ASP A 268 -23.14 17.32 -9.33
CA ASP A 268 -23.25 16.16 -10.19
C ASP A 268 -24.70 15.75 -10.35
N ALA A 269 -25.41 16.45 -11.22
CA ALA A 269 -26.86 16.30 -11.33
C ALA A 269 -27.25 15.22 -12.35
N ILE A 270 -28.48 14.71 -12.19
CA ILE A 270 -29.06 13.82 -13.19
C ILE A 270 -29.66 14.63 -14.32
N LEU A 271 -29.34 14.27 -15.56
CA LEU A 271 -29.82 15.01 -16.71
C LEU A 271 -30.91 14.21 -17.43
N VAL A 272 -32.14 14.69 -17.35
CA VAL A 272 -33.29 13.97 -17.88
C VAL A 272 -33.90 14.62 -19.11
N LEU A 273 -34.04 13.83 -20.18
CA LEU A 273 -34.74 14.27 -21.38
C LEU A 273 -36.13 13.64 -21.45
N ASP A 274 -37.16 14.47 -21.60
CA ASP A 274 -38.51 13.97 -21.76
C ASP A 274 -39.11 14.44 -23.08
N GLN A 275 -38.99 13.59 -24.11
CA GLN A 275 -39.49 13.89 -25.45
C GLN A 275 -38.92 15.20 -25.99
N VAL A 276 -37.64 15.42 -25.74
CA VAL A 276 -36.96 16.61 -26.26
C VAL A 276 -36.77 16.48 -27.77
N LEU A 277 -37.15 17.52 -28.51
CA LEU A 277 -36.92 17.54 -29.94
C LEU A 277 -35.50 17.99 -30.22
N ILE A 278 -34.67 17.07 -30.71
CA ILE A 278 -33.32 17.41 -31.10
C ILE A 278 -33.25 17.67 -32.60
N PRO A 279 -33.07 18.94 -32.98
CA PRO A 279 -32.98 19.34 -34.39
C PRO A 279 -31.85 18.62 -35.12
N TRP A 280 -32.02 18.43 -36.42
CA TRP A 280 -30.99 17.79 -37.25
C TRP A 280 -29.70 18.59 -37.20
N GLU A 281 -29.83 19.90 -36.97
CA GLU A 281 -28.67 20.79 -36.88
C GLU A 281 -27.88 20.58 -35.59
N ASN A 282 -28.40 19.74 -34.70
CA ASN A 282 -27.75 19.46 -33.43
C ASN A 282 -27.16 18.06 -33.36
N VAL A 283 -27.50 17.24 -34.35
CA VAL A 283 -27.04 15.85 -34.37
C VAL A 283 -25.61 15.74 -34.92
N PHE A 284 -24.78 14.96 -34.22
CA PHE A 284 -23.42 14.69 -34.68
C PHE A 284 -23.33 13.28 -35.25
N VAL A 285 -23.91 12.32 -34.54
CA VAL A 285 -23.95 10.93 -34.98
C VAL A 285 -25.34 10.34 -34.75
N TYR A 286 -25.86 9.63 -35.74
CA TYR A 286 -27.16 8.99 -35.62
C TYR A 286 -27.26 7.74 -36.48
N GLY A 287 -27.68 6.63 -35.87
CA GLY A 287 -27.86 5.38 -36.59
C GLY A 287 -26.59 4.58 -36.76
N ASN A 288 -25.47 5.28 -36.99
CA ASN A 288 -24.19 4.62 -37.20
C ASN A 288 -23.70 3.96 -35.91
N LEU A 289 -24.10 2.71 -35.72
CA LEU A 289 -23.77 1.96 -34.51
C LEU A 289 -22.26 1.71 -34.36
N GLY A 290 -21.54 1.79 -35.47
CA GLY A 290 -20.11 1.54 -35.46
C GLY A 290 -19.31 2.69 -34.87
N LYS A 291 -19.56 3.90 -35.36
CA LYS A 291 -18.82 5.09 -34.93
C LYS A 291 -19.03 5.42 -33.45
N VAL A 292 -20.17 5.00 -32.90
CA VAL A 292 -20.46 5.22 -31.49
C VAL A 292 -19.49 4.40 -30.63
N HIS A 293 -19.15 3.20 -31.09
CA HIS A 293 -18.20 2.36 -30.39
C HIS A 293 -16.77 2.91 -30.52
N LEU A 294 -16.44 3.38 -31.71
CA LEU A 294 -15.13 3.93 -32.02
C LEU A 294 -14.95 5.34 -31.45
N LEU A 295 -16.06 5.94 -31.01
CA LEU A 295 -16.08 7.33 -30.56
C LEU A 295 -15.15 7.59 -29.39
N ALA A 296 -15.01 6.62 -28.50
CA ALA A 296 -14.18 6.79 -27.32
C ALA A 296 -12.69 6.83 -27.69
N GLY A 297 -12.32 6.10 -28.73
CA GLY A 297 -10.93 6.00 -29.14
C GLY A 297 -10.51 6.80 -30.36
N GLN A 298 -11.47 7.34 -31.10
CA GLN A 298 -11.17 8.08 -32.33
C GLN A 298 -11.61 9.54 -32.33
N SER A 299 -12.32 9.96 -31.29
CA SER A 299 -12.74 11.35 -31.22
C SER A 299 -11.53 12.21 -30.88
N GLY A 300 -10.53 11.61 -30.25
CA GLY A 300 -9.31 12.30 -29.88
C GLY A 300 -9.46 12.99 -28.54
N MSE A 301 -10.69 13.00 -28.02
CA MSE A 301 -11.00 13.68 -26.78
C MSE A 301 -10.29 13.07 -25.58
O MSE A 301 -9.76 13.78 -24.73
CB MSE A 301 -12.52 13.68 -26.54
CG MSE A 301 -12.92 14.02 -25.11
SE MSE A 301 -14.86 14.02 -24.88
CE MSE A 301 -15.27 12.31 -25.74
N ILE A 302 -10.27 11.74 -25.52
CA ILE A 302 -9.72 11.02 -24.37
C ILE A 302 -8.24 11.35 -24.16
N GLU A 303 -7.51 11.57 -25.25
CA GLU A 303 -6.10 11.95 -25.15
C GLU A 303 -5.98 13.35 -24.56
N ARG A 304 -6.89 14.24 -24.94
CA ARG A 304 -6.86 15.63 -24.51
C ARG A 304 -7.52 15.82 -23.15
N ALA A 305 -8.51 14.98 -22.86
CA ALA A 305 -9.20 15.06 -21.58
C ALA A 305 -8.28 14.64 -20.44
N THR A 306 -7.47 13.61 -20.69
CA THR A 306 -6.47 13.18 -19.72
C THR A 306 -5.37 14.22 -19.60
N PHE A 307 -5.04 14.86 -20.72
CA PHE A 307 -4.05 15.93 -20.75
C PHE A 307 -4.52 17.13 -19.93
N HIS A 308 -5.79 17.48 -20.08
CA HIS A 308 -6.38 18.59 -19.35
C HIS A 308 -6.43 18.29 -17.85
N GLY A 309 -6.93 17.10 -17.53
CA GLY A 309 -7.09 16.68 -16.14
C GLY A 309 -5.76 16.52 -15.42
N CYS A 310 -4.75 16.06 -16.14
CA CYS A 310 -3.42 15.86 -15.56
C CYS A 310 -2.78 17.19 -15.18
N THR A 311 -2.89 18.17 -16.07
CA THR A 311 -2.37 19.50 -15.82
C THR A 311 -3.08 20.15 -14.63
N ARG A 312 -4.39 19.98 -14.55
CA ARG A 312 -5.19 20.56 -13.48
C ARG A 312 -4.87 19.92 -12.13
N LEU A 313 -4.73 18.60 -12.10
CA LEU A 313 -4.42 17.90 -10.87
C LEU A 313 -3.06 18.33 -10.33
N ALA A 314 -2.13 18.58 -11.25
CA ALA A 314 -0.80 19.09 -10.88
C ALA A 314 -0.93 20.44 -10.19
N VAL A 315 -1.84 21.27 -10.69
CA VAL A 315 -2.11 22.57 -10.13
C VAL A 315 -2.74 22.45 -8.74
N LYS A 316 -3.70 21.54 -8.61
CA LYS A 316 -4.39 21.33 -7.34
C LYS A 316 -3.44 20.83 -6.25
N LEU A 317 -2.50 19.98 -6.64
CA LEU A 317 -1.55 19.43 -5.68
C LEU A 317 -0.65 20.51 -5.10
N GLU A 318 -0.30 21.49 -5.92
CA GLU A 318 0.47 22.63 -5.45
C GLU A 318 -0.31 23.40 -4.39
N PHE A 319 -1.61 23.55 -4.62
CA PHE A 319 -2.49 24.22 -3.68
C PHE A 319 -2.56 23.46 -2.36
N ILE A 320 -2.72 22.14 -2.44
CA ILE A 320 -2.80 21.30 -1.25
C ILE A 320 -1.44 21.24 -0.53
N ALA A 321 -0.36 21.22 -1.30
CA ALA A 321 0.99 21.18 -0.73
C ALA A 321 1.29 22.45 0.06
N GLY A 322 0.95 23.60 -0.52
CA GLY A 322 1.11 24.87 0.16
C GLY A 322 0.22 24.93 1.39
N LEU A 323 -0.98 24.38 1.25
CA LEU A 323 -1.94 24.29 2.35
C LEU A 323 -1.39 23.45 3.50
N LEU A 324 -0.87 22.27 3.16
CA LEU A 324 -0.32 21.35 4.14
C LEU A 324 0.88 21.95 4.89
N ALA A 325 1.75 22.63 4.13
CA ALA A 325 2.94 23.25 4.70
C ALA A 325 2.60 24.31 5.72
N LYS A 326 1.60 25.14 5.41
CA LYS A 326 1.14 26.18 6.33
C LYS A 326 0.55 25.56 7.58
N ALA A 327 -0.15 24.45 7.42
CA ALA A 327 -0.77 23.73 8.53
C ALA A 327 0.31 23.14 9.44
N LEU A 328 1.32 22.53 8.84
CA LEU A 328 2.42 21.90 9.58
C LEU A 328 3.27 22.94 10.30
N ASP A 329 3.40 24.13 9.72
CA ASP A 329 4.15 25.20 10.35
C ASP A 329 3.42 25.69 11.59
N ILE A 330 2.09 25.72 11.51
CA ILE A 330 1.25 26.17 12.61
C ILE A 330 1.20 25.14 13.73
N THR A 331 1.07 23.87 13.36
CA THR A 331 1.05 22.79 14.34
C THR A 331 2.45 22.51 14.86
N GLY A 332 3.46 23.01 14.13
CA GLY A 332 4.85 22.84 14.52
C GLY A 332 5.42 21.49 14.13
N ALA A 333 4.63 20.69 13.44
CA ALA A 333 5.07 19.36 13.02
C ALA A 333 6.04 19.41 11.84
N LYS A 334 6.28 20.61 11.34
CA LYS A 334 7.10 20.79 10.15
C LYS A 334 8.58 20.53 10.45
N ASP A 335 8.94 20.62 11.73
CA ASP A 335 10.33 20.44 12.15
C ASP A 335 10.73 18.97 12.21
N PHE A 336 9.73 18.09 12.30
CA PHE A 336 9.98 16.66 12.43
C PHE A 336 10.43 16.05 11.10
N ARG A 337 11.38 15.12 11.17
CA ARG A 337 11.94 14.52 9.97
C ARG A 337 10.94 13.64 9.23
N GLY A 338 10.17 12.87 10.00
CA GLY A 338 9.19 11.96 9.42
C GLY A 338 8.09 12.70 8.67
N VAL A 339 7.69 13.85 9.22
CA VAL A 339 6.67 14.68 8.59
C VAL A 339 7.18 15.28 7.28
N GLN A 340 8.46 15.63 7.26
CA GLN A 340 9.08 16.23 6.08
C GLN A 340 9.20 15.23 4.94
N THR A 341 9.34 13.94 5.29
CA THR A 341 9.42 12.89 4.28
C THR A 341 8.09 12.78 3.54
N ARG A 342 7.00 12.83 4.30
CA ARG A 342 5.67 12.71 3.72
C ARG A 342 5.24 14.01 3.05
N LEU A 343 5.79 15.12 3.50
CA LEU A 343 5.57 16.40 2.83
C LEU A 343 6.25 16.38 1.47
N GLY A 344 7.47 15.87 1.44
CA GLY A 344 8.22 15.70 0.21
C GLY A 344 7.56 14.67 -0.69
N GLU A 345 6.82 13.75 -0.09
CA GLU A 345 6.09 12.73 -0.83
C GLU A 345 4.95 13.35 -1.63
N VAL A 346 4.29 14.33 -1.04
CA VAL A 346 3.22 15.07 -1.73
C VAL A 346 3.80 15.85 -2.91
N LEU A 347 4.98 16.42 -2.70
CA LEU A 347 5.66 17.18 -3.75
C LEU A 347 6.11 16.26 -4.88
N ALA A 348 6.41 15.00 -4.53
CA ALA A 348 6.80 14.02 -5.53
C ALA A 348 5.64 13.74 -6.48
N TRP A 349 4.45 13.59 -5.92
CA TRP A 349 3.24 13.40 -6.71
C TRP A 349 2.95 14.64 -7.54
N ARG A 350 3.25 15.81 -6.98
CA ARG A 350 3.08 17.07 -7.69
C ARG A 350 3.95 17.11 -8.94
N ASN A 351 5.20 16.66 -8.79
CA ASN A 351 6.13 16.62 -9.91
C ASN A 351 5.72 15.58 -10.93
N LEU A 352 5.05 14.54 -10.46
CA LEU A 352 4.64 13.44 -11.32
C LEU A 352 3.66 13.87 -12.40
N PHE A 353 2.60 14.56 -11.98
CA PHE A 353 1.54 14.95 -12.91
C PHE A 353 1.96 16.10 -13.82
N TRP A 354 2.93 16.90 -13.36
CA TRP A 354 3.51 17.92 -14.21
C TRP A 354 4.38 17.27 -15.28
N SER A 355 5.05 16.18 -14.90
CA SER A 355 5.91 15.45 -15.84
C SER A 355 5.09 14.67 -16.85
N LEU A 356 4.00 14.06 -16.39
CA LEU A 356 3.07 13.36 -17.28
C LEU A 356 2.48 14.36 -18.28
N SER A 357 2.15 15.55 -17.78
CA SER A 357 1.64 16.62 -18.63
C SER A 357 2.72 17.12 -19.57
N ASP A 358 3.94 17.22 -19.08
CA ASP A 358 5.08 17.64 -19.89
C ASP A 358 5.32 16.64 -21.01
N ALA A 359 5.29 15.36 -20.68
CA ALA A 359 5.45 14.30 -21.67
C ALA A 359 4.29 14.32 -22.64
N ALA A 360 3.11 14.65 -22.13
CA ALA A 360 1.90 14.72 -22.96
C ALA A 360 1.98 15.84 -23.97
N ALA A 361 2.41 17.02 -23.51
CA ALA A 361 2.46 18.20 -24.37
C ALA A 361 3.64 18.18 -25.34
N ARG A 362 4.79 17.71 -24.85
CA ARG A 362 6.03 17.82 -25.61
C ARG A 362 6.39 16.56 -26.40
N ASN A 363 5.70 15.45 -26.14
CA ASN A 363 5.87 14.25 -26.95
C ASN A 363 4.56 13.79 -27.56
N PRO A 364 3.96 14.61 -28.44
CA PRO A 364 2.63 14.31 -28.98
C PRO A 364 2.68 13.31 -30.11
N VAL A 365 1.51 12.90 -30.60
CA VAL A 365 1.42 12.00 -31.73
C VAL A 365 0.74 12.69 -32.90
N PRO A 366 1.14 12.36 -34.14
CA PRO A 366 0.50 12.94 -35.31
C PRO A 366 -0.96 12.51 -35.41
N TRP A 367 -1.82 13.40 -35.87
CA TRP A 367 -3.24 13.09 -36.01
C TRP A 367 -3.77 13.58 -37.36
N LYS A 368 -5.09 13.75 -37.46
CA LYS A 368 -5.69 14.13 -38.74
C LYS A 368 -5.37 15.57 -39.12
N ASN A 369 -5.12 15.78 -40.41
CA ASN A 369 -4.90 17.10 -40.98
C ASN A 369 -3.83 17.92 -40.27
N GLY A 370 -2.69 17.30 -40.01
CA GLY A 370 -1.54 17.98 -39.42
C GLY A 370 -1.71 18.45 -38.00
N THR A 371 -2.77 17.99 -37.34
CA THR A 371 -3.00 18.33 -35.95
C THR A 371 -2.35 17.29 -35.07
N LEU A 372 -2.18 17.62 -33.79
CA LEU A 372 -1.51 16.72 -32.87
C LEU A 372 -2.34 16.43 -31.63
N LEU A 373 -2.31 15.19 -31.19
CA LEU A 373 -2.91 14.81 -29.91
C LEU A 373 -1.80 14.67 -28.88
N PRO A 374 -2.08 15.06 -27.63
CA PRO A 374 -1.10 14.90 -26.55
C PRO A 374 -0.74 13.43 -26.36
N ASN A 375 0.46 13.16 -25.83
CA ASN A 375 0.96 11.80 -25.66
C ASN A 375 -0.04 10.87 -24.97
N PRO A 376 -0.52 9.86 -25.69
CA PRO A 376 -1.49 8.89 -25.18
C PRO A 376 -0.94 8.07 -24.02
N GLN A 377 0.34 7.71 -24.09
CA GLN A 377 0.95 6.87 -23.07
C GLN A 377 1.12 7.63 -21.75
N ALA A 378 1.27 8.94 -21.85
CA ALA A 378 1.36 9.79 -20.67
C ALA A 378 0.00 10.01 -20.03
N GLY A 379 -1.03 10.09 -20.86
CA GLY A 379 -2.39 10.32 -20.37
C GLY A 379 -3.05 9.09 -19.81
N MSE A 380 -2.75 7.94 -20.39
N MSE A 380 -2.78 7.95 -20.42
CA MSE A 380 -3.36 6.69 -19.95
CA MSE A 380 -3.33 6.67 -19.96
C MSE A 380 -2.77 6.21 -18.64
C MSE A 380 -2.81 6.31 -18.58
O MSE A 380 -3.41 5.49 -17.88
O MSE A 380 -3.53 5.76 -17.75
CB MSE A 380 -3.21 5.61 -21.03
CB MSE A 380 -3.01 5.55 -20.94
CG MSE A 380 -4.28 4.53 -20.97
CG MSE A 380 -4.09 5.25 -21.96
SE MSE A 380 -5.63 4.69 -22.37
SE MSE A 380 -3.57 3.72 -23.06
CE MSE A 380 -6.27 6.51 -22.03
CE MSE A 380 -1.68 4.18 -23.29
N ALA A 381 -1.53 6.61 -18.36
CA ALA A 381 -0.90 6.32 -17.07
C ALA A 381 -1.53 7.18 -15.98
N TYR A 382 -1.89 8.40 -16.36
CA TYR A 382 -2.51 9.36 -15.45
C TYR A 382 -3.82 8.82 -14.88
N ARG A 383 -4.56 8.07 -15.71
CA ARG A 383 -5.85 7.54 -15.31
C ARG A 383 -5.72 6.53 -14.17
N TRP A 384 -4.54 5.95 -14.02
CA TRP A 384 -4.28 4.98 -12.96
C TRP A 384 -3.66 5.61 -11.72
N PHE A 385 -2.59 6.37 -11.92
CA PHE A 385 -1.84 6.92 -10.79
C PHE A 385 -2.61 8.00 -10.03
N MSE A 386 -3.65 8.55 -10.65
CA MSE A 386 -4.50 9.51 -9.96
C MSE A 386 -5.34 8.79 -8.90
O MSE A 386 -5.74 9.39 -7.90
CB MSE A 386 -5.42 10.22 -10.95
CG MSE A 386 -6.49 9.34 -11.57
SE MSE A 386 -7.67 10.29 -12.79
CE MSE A 386 -8.89 8.83 -13.22
N GLN A 387 -5.58 7.51 -9.13
CA GLN A 387 -6.43 6.71 -8.25
C GLN A 387 -5.68 6.27 -7.00
N ILE A 388 -4.35 6.35 -7.05
CA ILE A 388 -3.51 5.99 -5.91
C ILE A 388 -2.78 7.21 -5.36
N GLY A 389 -2.48 8.17 -6.23
CA GLY A 389 -1.74 9.36 -5.83
C GLY A 389 -2.56 10.33 -5.01
N TYR A 390 -3.72 10.73 -5.52
CA TYR A 390 -4.58 11.68 -4.85
C TYR A 390 -5.09 11.20 -3.48
N PRO A 391 -5.49 9.91 -3.36
CA PRO A 391 -5.85 9.47 -2.00
C PRO A 391 -4.69 9.51 -1.03
N ARG A 392 -3.48 9.25 -1.52
CA ARG A 392 -2.29 9.29 -0.68
C ARG A 392 -2.03 10.69 -0.15
N VAL A 393 -2.24 11.68 -1.01
CA VAL A 393 -2.08 13.08 -0.61
C VAL A 393 -3.07 13.45 0.50
N LEU A 394 -4.33 13.07 0.32
CA LEU A 394 -5.35 13.32 1.34
C LEU A 394 -5.07 12.54 2.61
N GLU A 395 -4.44 11.38 2.46
CA GLU A 395 -4.11 10.54 3.61
C GLU A 395 -3.00 11.13 4.47
N ILE A 396 -1.97 11.65 3.81
CA ILE A 396 -0.83 12.25 4.51
C ILE A 396 -1.27 13.41 5.38
N VAL A 397 -2.19 14.22 4.86
CA VAL A 397 -2.75 15.33 5.61
C VAL A 397 -3.47 14.84 6.87
N GLN A 398 -4.26 13.78 6.73
CA GLN A 398 -5.00 13.23 7.85
C GLN A 398 -4.08 12.53 8.86
N GLN A 399 -2.87 12.20 8.43
CA GLN A 399 -1.92 11.51 9.30
C GLN A 399 -0.99 12.48 10.02
N ASP A 400 -0.55 13.51 9.31
CA ASP A 400 0.45 14.44 9.86
C ASP A 400 -0.20 15.64 10.55
N VAL A 401 -1.42 15.98 10.17
CA VAL A 401 -2.16 17.04 10.85
C VAL A 401 -3.08 16.40 11.90
N ALA A 402 -3.61 15.23 11.54
CA ALA A 402 -4.39 14.40 12.46
C ALA A 402 -5.55 15.13 13.12
N SER A 403 -5.66 14.97 14.43
CA SER A 403 -6.75 15.56 15.20
C SER A 403 -6.66 17.08 15.24
N GLY A 404 -5.55 17.63 14.76
CA GLY A 404 -5.38 19.07 14.68
C GLY A 404 -6.38 19.73 13.76
N LEU A 405 -6.99 18.93 12.89
CA LEU A 405 -8.03 19.43 12.00
C LEU A 405 -9.33 19.63 12.76
N MSE A 406 -9.45 18.98 13.91
CA MSE A 406 -10.63 19.12 14.75
C MSE A 406 -10.43 20.16 15.85
O MSE A 406 -11.35 20.44 16.63
CB MSE A 406 -11.02 17.78 15.36
CG MSE A 406 -11.53 16.73 14.37
SE MSE A 406 -13.27 17.17 13.59
CE MSE A 406 -12.70 18.14 11.99
N TYR A 407 -9.23 20.74 15.92
CA TYR A 407 -8.96 21.82 16.85
C TYR A 407 -9.62 23.12 16.40
N VAL A 408 -10.94 23.09 16.20
CA VAL A 408 -11.63 24.24 15.63
C VAL A 408 -12.94 24.56 16.34
N ASN A 409 -13.44 25.76 16.09
CA ASN A 409 -14.72 26.21 16.64
C ASN A 409 -15.84 26.05 15.61
N SER A 410 -17.08 26.20 16.06
CA SER A 410 -18.24 26.00 15.19
C SER A 410 -18.27 26.95 14.00
N SER A 411 -18.15 28.25 14.26
CA SER A 411 -18.24 29.25 13.20
C SER A 411 -17.54 30.56 13.58
N THR A 412 -17.62 31.53 12.68
CA THR A 412 -16.99 32.83 12.88
C THR A 412 -17.64 33.64 14.00
N GLU A 413 -18.88 33.28 14.34
CA GLU A 413 -19.61 33.98 15.39
C GLU A 413 -19.01 33.73 16.77
N ASP A 414 -18.26 32.64 16.90
CA ASP A 414 -17.62 32.29 18.17
C ASP A 414 -16.49 33.26 18.53
N PHE A 415 -15.84 33.80 17.51
CA PHE A 415 -14.79 34.80 17.71
C PHE A 415 -15.39 36.15 18.05
N ARG A 416 -16.61 36.38 17.56
CA ARG A 416 -17.28 37.65 17.76
C ARG A 416 -17.99 37.68 19.12
N ASN A 417 -18.43 36.51 19.56
CA ASN A 417 -19.07 36.38 20.86
C ASN A 417 -18.07 36.68 21.98
N PRO A 418 -18.36 37.70 22.79
CA PRO A 418 -17.47 38.09 23.91
C PRO A 418 -17.26 36.97 24.92
N GLU A 419 -18.20 36.03 24.98
CA GLU A 419 -18.13 34.92 25.92
C GLU A 419 -17.16 33.83 25.48
N THR A 420 -16.89 33.76 24.18
CA THR A 420 -16.03 32.71 23.63
C THR A 420 -14.82 33.27 22.89
N GLY A 421 -14.99 34.45 22.30
CA GLY A 421 -13.96 35.10 21.50
C GLY A 421 -12.57 35.11 22.11
N PRO A 422 -12.41 35.80 23.25
CA PRO A 422 -11.14 35.87 23.97
C PRO A 422 -10.53 34.50 24.29
N TYR A 423 -11.37 33.52 24.60
CA TYR A 423 -10.88 32.17 24.91
C TYR A 423 -10.24 31.49 23.72
N LEU A 424 -10.87 31.60 22.55
CA LEU A 424 -10.34 31.00 21.33
C LEU A 424 -8.98 31.58 20.99
N GLU A 425 -8.86 32.89 21.13
CA GLU A 425 -7.61 33.58 20.80
C GLU A 425 -6.49 33.23 21.76
N LYS A 426 -6.85 32.75 22.94
CA LYS A 426 -5.87 32.34 23.94
C LYS A 426 -5.42 30.90 23.74
N TYR A 427 -6.36 30.01 23.43
CA TYR A 427 -6.10 28.58 23.42
C TYR A 427 -5.94 27.95 22.04
N LEU A 428 -6.24 28.70 20.98
CA LEU A 428 -6.17 28.15 19.62
C LEU A 428 -5.11 28.83 18.76
N ARG A 429 -4.05 29.31 19.40
CA ARG A 429 -2.92 29.91 18.68
C ARG A 429 -2.04 28.84 18.06
N GLY A 430 -1.25 29.21 17.06
CA GLY A 430 -0.34 28.27 16.44
C GLY A 430 1.04 28.31 17.08
N SER A 431 1.87 27.32 16.75
CA SER A 431 3.22 27.26 17.30
C SER A 431 4.13 28.26 16.58
N ASP A 432 3.77 28.59 15.34
CA ASP A 432 4.52 29.56 14.54
C ASP A 432 4.44 30.97 15.14
N GLY A 433 3.55 31.15 16.11
CA GLY A 433 3.25 32.46 16.64
C GLY A 433 2.01 33.08 15.99
N ALA A 434 1.31 32.27 15.20
CA ALA A 434 0.12 32.75 14.51
C ALA A 434 -1.06 32.87 15.47
N GLY A 435 -2.03 33.70 15.09
CA GLY A 435 -3.22 33.89 15.90
C GLY A 435 -4.22 32.77 15.68
N ALA A 436 -5.28 32.78 16.47
CA ALA A 436 -6.31 31.75 16.38
C ALA A 436 -7.07 31.85 15.06
N VAL A 437 -7.30 33.07 14.61
CA VAL A 437 -8.04 33.29 13.37
C VAL A 437 -7.32 32.67 12.18
N GLU A 438 -6.01 32.88 12.10
CA GLU A 438 -5.21 32.30 11.01
C GLU A 438 -5.19 30.78 11.09
N ARG A 439 -5.04 30.25 12.30
CA ARG A 439 -5.00 28.80 12.48
C ARG A 439 -6.32 28.14 12.09
N VAL A 440 -7.43 28.69 12.59
CA VAL A 440 -8.75 28.17 12.26
C VAL A 440 -9.03 28.33 10.77
N LYS A 441 -8.52 29.42 10.19
CA LYS A 441 -8.71 29.70 8.77
C LYS A 441 -8.10 28.63 7.86
N VAL A 442 -6.84 28.30 8.10
CA VAL A 442 -6.15 27.29 7.30
C VAL A 442 -6.71 25.89 7.60
N MSE A 443 -7.02 25.64 8.88
CA MSE A 443 -7.48 24.33 9.31
C MSE A 443 -8.86 24.01 8.74
O MSE A 443 -9.17 22.85 8.46
CB MSE A 443 -7.51 24.25 10.84
CG MSE A 443 -6.96 22.96 11.41
SE MSE A 443 -5.09 22.66 10.90
CE MSE A 443 -4.32 24.30 11.63
N LYS A 444 -9.69 25.03 8.58
CA LYS A 444 -11.00 24.86 8.00
C LYS A 444 -10.90 24.80 6.47
N LEU A 445 -9.92 25.49 5.91
CA LEU A 445 -9.66 25.44 4.47
C LEU A 445 -9.11 24.07 4.09
N LEU A 446 -8.19 23.55 4.91
CA LEU A 446 -7.59 22.25 4.68
C LEU A 446 -8.61 21.13 4.83
N TRP A 447 -9.49 21.25 5.82
CA TRP A 447 -10.52 20.24 6.05
C TRP A 447 -11.56 20.23 4.95
N ASP A 448 -11.89 21.41 4.45
CA ASP A 448 -12.86 21.54 3.36
C ASP A 448 -12.33 20.87 2.10
N ALA A 449 -11.00 20.75 2.02
CA ALA A 449 -10.34 20.13 0.88
C ALA A 449 -10.17 18.63 1.05
N VAL A 450 -10.34 18.13 2.28
CA VAL A 450 -9.96 16.76 2.59
C VAL A 450 -11.09 15.90 3.19
N GLY A 451 -11.81 16.44 4.16
CA GLY A 451 -12.75 15.63 4.92
C GLY A 451 -14.21 16.02 4.87
N SER A 452 -14.50 17.18 4.29
CA SER A 452 -15.88 17.65 4.16
C SER A 452 -16.61 16.89 3.07
N ASP A 453 -17.91 17.15 2.93
CA ASP A 453 -18.68 16.64 1.80
C ASP A 453 -18.01 17.03 0.49
N PHE A 454 -17.47 18.24 0.46
CA PHE A 454 -16.75 18.76 -0.69
C PHE A 454 -15.46 17.98 -0.93
N GLY A 455 -14.74 17.72 0.16
CA GLY A 455 -13.50 16.96 0.08
C GLY A 455 -13.71 15.49 -0.26
N GLY A 456 -14.76 14.91 0.32
CA GLY A 456 -15.13 13.54 0.02
C GLY A 456 -15.51 13.33 -1.43
N ARG A 457 -16.34 14.23 -1.94
CA ARG A 457 -16.79 14.19 -3.33
C ARG A 457 -15.61 14.27 -4.28
N HIS A 458 -14.63 15.10 -3.94
CA HIS A 458 -13.47 15.28 -4.82
C HIS A 458 -12.50 14.10 -4.77
N GLU A 459 -12.41 13.45 -3.62
CA GLU A 459 -11.64 12.21 -3.51
C GLU A 459 -12.26 11.13 -4.39
N LEU A 460 -13.57 10.97 -4.28
CA LEU A 460 -14.32 10.02 -5.10
C LEU A 460 -14.21 10.38 -6.58
N TYR A 461 -14.22 11.68 -6.86
CA TYR A 461 -14.12 12.19 -8.22
C TYR A 461 -12.78 11.81 -8.87
N GLU A 462 -11.69 12.30 -8.29
CA GLU A 462 -10.34 12.06 -8.81
C GLU A 462 -9.99 10.57 -8.83
N ARG A 463 -10.80 9.76 -8.15
CA ARG A 463 -10.59 8.32 -8.05
C ARG A 463 -11.21 7.59 -9.23
N ASN A 464 -12.32 8.12 -9.72
CA ASN A 464 -13.13 7.46 -10.74
C ASN A 464 -13.38 8.40 -11.91
N TYR A 465 -12.56 9.44 -11.98
CA TYR A 465 -12.64 10.50 -12.97
C TYR A 465 -12.72 10.00 -14.42
N SER A 466 -11.96 8.95 -14.74
CA SER A 466 -11.96 8.43 -16.10
C SER A 466 -12.61 7.05 -16.17
N GLY A 467 -12.68 6.37 -15.04
CA GLY A 467 -13.26 5.04 -14.97
C GLY A 467 -12.88 4.36 -13.67
N ASN A 468 -13.52 3.23 -13.38
CA ASN A 468 -13.22 2.48 -12.16
C ASN A 468 -11.79 1.93 -12.20
N HIS A 469 -11.27 1.58 -11.03
CA HIS A 469 -9.85 1.23 -10.89
C HIS A 469 -9.44 -0.03 -11.66
N GLU A 470 -10.40 -0.80 -12.13
CA GLU A 470 -10.10 -1.98 -12.92
C GLU A 470 -9.98 -1.66 -14.41
N ASN A 471 -10.95 -0.93 -14.94
CA ASN A 471 -11.00 -0.61 -16.36
C ASN A 471 -9.84 0.27 -16.83
N THR A 472 -9.37 1.16 -15.96
CA THR A 472 -8.27 2.04 -16.31
C THR A 472 -7.02 1.23 -16.63
N ARG A 473 -6.82 0.15 -15.89
CA ARG A 473 -5.69 -0.75 -16.11
C ARG A 473 -5.98 -1.70 -17.27
N ILE A 474 -7.23 -2.15 -17.37
CA ILE A 474 -7.62 -3.06 -18.44
C ILE A 474 -7.54 -2.40 -19.81
N GLU A 475 -8.08 -1.19 -19.91
CA GLU A 475 -8.06 -0.44 -21.17
C GLU A 475 -6.63 -0.13 -21.57
N LEU A 476 -5.74 -0.03 -20.58
CA LEU A 476 -4.32 0.15 -20.82
C LEU A 476 -3.71 -1.10 -21.46
N LEU A 477 -4.08 -2.27 -20.94
CA LEU A 477 -3.61 -3.53 -21.49
C LEU A 477 -4.14 -3.74 -22.91
N LEU A 478 -5.43 -3.45 -23.10
CA LEU A 478 -6.06 -3.59 -24.41
C LEU A 478 -5.46 -2.64 -25.44
N SER A 479 -5.15 -1.43 -25.01
CA SER A 479 -4.57 -0.42 -25.90
C SER A 479 -3.19 -0.82 -26.41
N GLN A 480 -2.38 -1.40 -25.53
CA GLN A 480 -1.03 -1.80 -25.90
C GLN A 480 -1.01 -3.14 -26.63
N THR A 481 -2.03 -3.96 -26.40
CA THR A 481 -2.15 -5.23 -27.11
C THR A 481 -2.57 -5.00 -28.56
N ALA A 482 -3.53 -4.11 -28.76
CA ALA A 482 -4.03 -3.80 -30.09
C ALA A 482 -2.98 -3.10 -30.94
N SER A 483 -2.14 -2.29 -30.31
CA SER A 483 -1.12 -1.54 -31.01
C SER A 483 0.12 -2.39 -31.27
N GLY A 484 0.11 -3.61 -30.74
CA GLY A 484 1.24 -4.51 -30.91
C GLY A 484 2.40 -4.20 -29.98
N LYS A 485 2.18 -3.23 -29.08
CA LYS A 485 3.21 -2.87 -28.10
C LYS A 485 3.47 -4.01 -27.12
N LEU A 486 2.41 -4.71 -26.73
CA LEU A 486 2.54 -5.87 -25.85
C LEU A 486 3.32 -6.96 -26.58
N ASP A 487 3.09 -7.06 -27.87
CA ASP A 487 3.81 -8.02 -28.71
C ASP A 487 5.29 -7.67 -28.74
N SER A 488 5.58 -6.37 -28.72
CA SER A 488 6.95 -5.89 -28.71
C SER A 488 7.68 -6.28 -27.43
N TYR A 489 6.98 -6.18 -26.30
CA TYR A 489 7.56 -6.49 -25.01
C TYR A 489 7.92 -7.97 -24.92
N MSE A 490 7.06 -8.80 -25.50
CA MSE A 490 7.26 -10.24 -25.47
C MSE A 490 8.38 -10.67 -26.42
O MSE A 490 9.10 -11.63 -26.14
CB MSE A 490 5.96 -10.97 -25.81
CG MSE A 490 4.87 -10.81 -24.76
SE MSE A 490 3.23 -11.79 -25.14
CE MSE A 490 2.45 -10.60 -26.46
N ASP A 491 8.53 -9.94 -27.52
CA ASP A 491 9.61 -10.18 -28.46
C ASP A 491 10.95 -9.80 -27.82
N PHE A 492 10.91 -8.77 -26.98
CA PHE A 492 12.08 -8.33 -26.23
C PHE A 492 12.56 -9.44 -25.30
N ALA A 493 11.62 -10.02 -24.55
CA ALA A 493 11.95 -11.10 -23.63
C ALA A 493 12.36 -12.35 -24.39
N GLN A 494 11.72 -12.58 -25.53
CA GLN A 494 12.03 -13.74 -26.36
C GLN A 494 13.45 -13.67 -26.90
N ALA A 495 13.92 -12.46 -27.18
CA ALA A 495 15.27 -12.26 -27.70
C ALA A 495 16.32 -12.74 -26.70
N CYS A 496 15.97 -12.69 -25.42
CA CYS A 496 16.85 -13.17 -24.36
C CYS A 496 16.93 -14.70 -24.35
N MSE A 497 15.78 -15.34 -24.56
CA MSE A 497 15.69 -16.79 -24.49
C MSE A 497 16.37 -17.45 -25.70
O MSE A 497 16.78 -18.60 -25.63
CB MSE A 497 14.23 -17.23 -24.42
CG MSE A 497 13.31 -16.19 -23.80
SE MSE A 497 11.60 -16.91 -23.20
CE MSE A 497 12.28 -17.99 -21.75
N ASP A 498 16.47 -16.70 -26.80
CA ASP A 498 17.07 -17.22 -28.02
C ASP A 498 18.58 -17.35 -27.91
N GLU A 499 19.15 -16.78 -26.84
CA GLU A 499 20.59 -16.77 -26.67
C GLU A 499 21.11 -17.97 -25.86
N TYR A 500 20.22 -18.87 -25.49
CA TYR A 500 20.61 -20.09 -24.80
C TYR A 500 19.60 -21.21 -24.94
N ASP A 501 19.99 -22.41 -24.52
CA ASP A 501 19.12 -23.58 -24.51
C ASP A 501 19.67 -24.63 -23.56
N LEU A 502 19.13 -25.85 -23.63
CA LEU A 502 19.53 -26.92 -22.71
C LEU A 502 21.00 -27.30 -22.80
N ASP A 503 21.66 -26.94 -23.91
CA ASP A 503 23.07 -27.25 -24.08
C ASP A 503 23.97 -26.19 -23.45
N GLY A 504 23.46 -24.96 -23.37
CA GLY A 504 24.24 -23.84 -22.88
C GLY A 504 23.91 -22.60 -23.70
N TRP A 505 24.87 -21.69 -23.81
CA TRP A 505 24.68 -20.50 -24.62
C TRP A 505 24.61 -20.87 -26.10
N THR A 506 23.82 -20.12 -26.86
CA THR A 506 23.80 -20.26 -28.31
C THR A 506 24.56 -19.09 -28.92
N ALA A 507 24.73 -18.04 -28.13
CA ALA A 507 25.54 -16.90 -28.53
C ALA A 507 27.01 -17.28 -28.48
N PRO A 508 27.75 -16.95 -29.55
CA PRO A 508 29.16 -17.34 -29.70
C PRO A 508 30.08 -16.74 -28.65
N ASP A 509 29.83 -15.50 -28.26
CA ASP A 509 30.75 -14.78 -27.39
C ASP A 509 30.60 -15.11 -25.90
N LEU A 510 29.69 -16.02 -25.58
CA LEU A 510 29.44 -16.36 -24.17
C LEU A 510 29.95 -17.75 -23.83
N GLU A 511 30.49 -17.89 -22.61
CA GLU A 511 31.03 -19.16 -22.14
C GLU A 511 30.06 -19.92 -21.24
N SER A 512 29.94 -21.22 -21.46
CA SER A 512 29.02 -22.05 -20.70
C SER A 512 29.68 -22.73 -19.50
N PHE A 513 31.01 -22.79 -19.52
CA PHE A 513 31.79 -23.42 -18.45
C PHE A 513 31.34 -24.86 -18.18
N HIS A 514 31.17 -25.64 -19.23
CA HIS A 514 30.71 -27.04 -19.10
C HIS A 514 31.65 -27.91 -18.27
N ALA A 515 32.95 -27.75 -18.47
CA ALA A 515 33.94 -28.58 -17.77
C ALA A 515 33.86 -28.36 -16.27
N MSE A 516 33.85 -27.08 -15.88
CA MSE A 516 33.78 -26.68 -14.48
C MSE A 516 32.43 -27.04 -13.87
O MSE A 516 32.35 -27.47 -12.71
CB MSE A 516 34.02 -25.17 -14.38
CG MSE A 516 33.69 -24.55 -13.06
SE MSE A 516 33.64 -22.62 -13.27
CE MSE A 516 35.32 -22.43 -14.27
N ARG A 517 31.37 -26.87 -14.65
CA ARG A 517 30.01 -27.19 -14.20
C ARG A 517 29.86 -28.68 -13.91
N SER A 518 30.34 -29.51 -14.83
CA SER A 518 30.25 -30.96 -14.67
C SER A 518 31.14 -31.43 -13.53
N ALA A 519 32.25 -30.74 -13.34
CA ALA A 519 33.16 -31.04 -12.23
C ALA A 519 32.48 -30.78 -10.89
N SER A 520 31.70 -29.71 -10.83
CA SER A 520 30.96 -29.37 -9.62
C SER A 520 29.79 -30.32 -9.39
N ARG A 521 29.21 -30.81 -10.48
CA ARG A 521 28.13 -31.79 -10.39
C ARG A 521 28.65 -33.10 -9.81
N ASP A 522 29.92 -33.39 -10.10
CA ASP A 522 30.57 -34.61 -9.64
C ASP A 522 30.87 -34.58 -8.15
N LEU A 523 30.86 -33.39 -7.57
CA LEU A 523 31.09 -33.21 -6.13
C LEU A 523 30.06 -33.96 -5.28
N LEU A 524 28.92 -34.26 -5.88
CA LEU A 524 27.85 -34.94 -5.18
C LEU A 524 27.67 -36.37 -5.68
N GLY A 525 28.77 -37.00 -6.09
CA GLY A 525 28.73 -38.37 -6.56
C GLY A 525 28.81 -39.37 -5.43
N GLY A 526 28.03 -40.44 -5.55
CA GLY A 526 27.99 -41.48 -4.53
C GLY A 526 27.24 -41.02 -3.30
N LEU A 527 26.45 -39.95 -3.46
CA LEU A 527 25.66 -39.41 -2.37
C LEU A 527 24.17 -39.53 -2.67
N THR B 18 -30.47 -0.71 44.08
CA THR B 18 -30.01 0.60 43.61
C THR B 18 -29.69 0.55 42.12
N ARG B 19 -30.72 0.73 41.29
CA ARG B 19 -30.54 0.73 39.84
C ARG B 19 -29.80 1.97 39.35
N PRO B 20 -29.15 1.86 38.17
CA PRO B 20 -28.53 2.99 37.50
C PRO B 20 -29.56 3.93 36.88
N LEU B 21 -29.09 5.00 36.25
CA LEU B 21 -29.98 5.97 35.63
C LEU B 21 -30.76 5.35 34.48
N THR B 22 -31.95 5.89 34.23
CA THR B 22 -32.74 5.50 33.07
C THR B 22 -32.48 6.46 31.92
N GLY B 23 -33.07 6.19 30.77
CA GLY B 23 -32.94 7.05 29.61
C GLY B 23 -33.44 8.46 29.88
N GLU B 24 -34.60 8.56 30.50
CA GLU B 24 -35.21 9.85 30.81
C GLU B 24 -34.43 10.60 31.88
N GLU B 25 -33.96 9.86 32.89
CA GLU B 25 -33.17 10.43 33.98
C GLU B 25 -31.86 11.02 33.49
N TYR B 26 -31.22 10.31 32.56
CA TYR B 26 -29.98 10.78 31.95
C TYR B 26 -30.20 12.11 31.23
N LEU B 27 -31.31 12.21 30.52
CA LEU B 27 -31.66 13.43 29.79
C LEU B 27 -31.87 14.61 30.74
N GLU B 28 -32.50 14.34 31.87
CA GLU B 28 -32.75 15.36 32.88
C GLU B 28 -31.45 15.83 33.54
N SER B 29 -30.48 14.94 33.62
CA SER B 29 -29.19 15.23 34.25
C SER B 29 -28.36 16.21 33.43
N LEU B 30 -28.68 16.33 32.14
CA LEU B 30 -27.93 17.23 31.25
C LEU B 30 -28.52 18.63 31.27
N ARG B 31 -29.73 18.77 31.79
CA ARG B 31 -30.40 20.06 31.85
C ARG B 31 -29.94 20.90 33.04
N ASP B 32 -28.63 21.08 33.17
CA ASP B 32 -28.07 21.88 34.25
C ASP B 32 -27.47 23.18 33.73
N ALA B 33 -26.61 23.79 34.53
CA ALA B 33 -26.06 25.10 34.21
C ALA B 33 -24.80 25.01 33.34
N ARG B 34 -24.69 23.94 32.55
CA ARG B 34 -23.54 23.76 31.66
C ARG B 34 -23.53 24.86 30.60
N GLU B 35 -22.36 25.43 30.36
CA GLU B 35 -22.22 26.54 29.43
C GLU B 35 -21.71 26.07 28.07
N VAL B 36 -22.61 25.61 27.22
CA VAL B 36 -22.25 25.11 25.89
C VAL B 36 -22.50 26.18 24.83
N TYR B 37 -21.50 26.41 23.99
CA TYR B 37 -21.61 27.41 22.93
C TYR B 37 -21.58 26.78 21.56
N LEU B 38 -22.32 27.38 20.63
CA LEU B 38 -22.42 26.87 19.27
C LEU B 38 -22.97 27.95 18.34
N ASP B 39 -22.23 28.21 17.27
CA ASP B 39 -22.60 29.22 16.27
C ASP B 39 -22.80 30.59 16.92
N GLY B 40 -21.93 30.91 17.87
CA GLY B 40 -21.94 32.21 18.53
C GLY B 40 -22.97 32.37 19.62
N SER B 41 -23.88 31.40 19.74
CA SER B 41 -24.91 31.45 20.77
C SER B 41 -24.67 30.42 21.86
N ARG B 42 -25.18 30.69 23.05
CA ARG B 42 -25.13 29.72 24.14
C ARG B 42 -26.31 28.77 24.01
N VAL B 43 -26.06 27.48 24.17
CA VAL B 43 -27.12 26.49 24.10
C VAL B 43 -27.90 26.48 25.41
N LYS B 44 -29.16 26.89 25.34
CA LYS B 44 -30.01 27.00 26.52
C LYS B 44 -30.37 25.62 27.06
N ASP B 45 -30.89 24.76 26.19
CA ASP B 45 -31.22 23.39 26.57
C ASP B 45 -30.48 22.41 25.66
N VAL B 46 -29.50 21.73 26.23
CA VAL B 46 -28.67 20.80 25.46
C VAL B 46 -29.49 19.65 24.88
N THR B 47 -30.47 19.18 25.65
CA THR B 47 -31.30 18.06 25.23
C THR B 47 -32.34 18.46 24.18
N ALA B 48 -32.41 19.75 23.87
CA ALA B 48 -33.42 20.24 22.94
C ALA B 48 -32.82 20.73 21.62
N HIS B 49 -31.58 21.23 21.67
CA HIS B 49 -30.92 21.75 20.48
C HIS B 49 -30.63 20.62 19.50
N PRO B 50 -30.91 20.84 18.21
CA PRO B 50 -30.73 19.86 17.13
C PRO B 50 -29.34 19.24 17.09
N ALA B 51 -28.33 19.99 17.51
CA ALA B 51 -26.96 19.50 17.53
C ALA B 51 -26.79 18.32 18.48
N PHE B 52 -27.60 18.29 19.53
CA PHE B 52 -27.44 17.29 20.58
C PHE B 52 -28.69 16.48 20.89
N HIS B 53 -29.83 16.90 20.34
CA HIS B 53 -31.12 16.29 20.68
C HIS B 53 -31.15 14.78 20.40
N ASN B 54 -31.12 14.41 19.14
CA ASN B 54 -31.13 13.00 18.75
C ASN B 54 -29.92 12.18 19.23
N PRO B 55 -28.70 12.78 19.22
CA PRO B 55 -27.60 12.03 19.85
C PRO B 55 -27.83 11.72 21.32
N ALA B 56 -28.48 12.63 22.05
CA ALA B 56 -28.76 12.41 23.46
C ALA B 56 -29.82 11.31 23.63
N ARG B 57 -30.78 11.27 22.72
CA ARG B 57 -31.81 10.25 22.75
C ARG B 57 -31.20 8.89 22.45
N MSE B 58 -30.19 8.87 21.59
CA MSE B 58 -29.48 7.66 21.25
C MSE B 58 -28.68 7.17 22.46
O MSE B 58 -28.55 5.96 22.68
CB MSE B 58 -28.56 7.88 20.06
CG MSE B 58 -28.49 6.72 19.09
SE MSE B 58 -30.21 6.35 18.25
CE MSE B 58 -30.76 8.19 17.89
N THR B 59 -28.17 8.11 23.24
CA THR B 59 -27.43 7.78 24.45
C THR B 59 -28.41 7.25 25.49
N ALA B 60 -29.62 7.80 25.47
CA ALA B 60 -30.68 7.38 26.37
C ALA B 60 -31.09 5.93 26.14
N ARG B 61 -30.98 5.49 24.90
CA ARG B 61 -31.28 4.10 24.55
C ARG B 61 -30.37 3.14 25.30
N LEU B 62 -29.10 3.54 25.44
CA LEU B 62 -28.13 2.73 26.15
C LEU B 62 -28.51 2.55 27.61
N TYR B 63 -28.90 3.65 28.25
CA TYR B 63 -29.32 3.61 29.64
C TYR B 63 -30.60 2.80 29.85
N ASP B 64 -31.53 2.91 28.89
CA ASP B 64 -32.79 2.18 28.98
C ASP B 64 -32.57 0.68 28.82
N SER B 65 -31.54 0.32 28.06
CA SER B 65 -31.21 -1.10 27.83
C SER B 65 -30.75 -1.76 29.13
N LEU B 66 -30.21 -0.94 30.03
CA LEU B 66 -29.74 -1.43 31.33
C LEU B 66 -30.88 -1.93 32.20
N HIS B 67 -32.10 -1.52 31.89
CA HIS B 67 -33.26 -1.87 32.70
C HIS B 67 -34.14 -2.95 32.07
N ASP B 68 -33.85 -3.31 30.83
CA ASP B 68 -34.56 -4.39 30.15
C ASP B 68 -34.15 -5.77 30.68
N PRO B 69 -35.11 -6.51 31.25
CA PRO B 69 -34.86 -7.84 31.81
C PRO B 69 -34.31 -8.84 30.77
N ALA B 70 -34.60 -8.60 29.49
CA ALA B 70 -34.13 -9.47 28.43
C ALA B 70 -32.66 -9.20 28.10
N GLN B 71 -32.10 -8.15 28.70
CA GLN B 71 -30.73 -7.74 28.42
C GLN B 71 -29.86 -7.70 29.67
N LYS B 72 -30.44 -8.04 30.82
CA LYS B 72 -29.74 -7.95 32.09
C LYS B 72 -28.58 -8.93 32.17
N ALA B 73 -28.76 -10.11 31.59
CA ALA B 73 -27.73 -11.14 31.61
C ALA B 73 -26.50 -10.69 30.81
N VAL B 74 -26.73 -10.00 29.71
CA VAL B 74 -25.66 -9.53 28.84
C VAL B 74 -25.00 -8.25 29.35
N LEU B 75 -25.82 -7.31 29.80
CA LEU B 75 -25.35 -5.96 30.10
C LEU B 75 -24.96 -5.72 31.56
N THR B 76 -25.56 -6.46 32.48
CA THR B 76 -25.46 -6.07 33.89
C THR B 76 -24.71 -7.03 34.81
N ALA B 77 -24.43 -6.53 36.01
CA ALA B 77 -23.70 -7.24 37.05
C ALA B 77 -23.87 -6.49 38.38
N PRO B 78 -23.67 -7.16 39.52
CA PRO B 78 -23.77 -6.50 40.83
C PRO B 78 -22.76 -5.36 41.00
N THR B 79 -22.96 -4.55 42.04
CA THR B 79 -22.21 -3.30 42.21
C THR B 79 -21.16 -3.35 43.32
N ASP B 80 -20.44 -4.47 43.43
CA ASP B 80 -19.38 -4.64 44.42
C ASP B 80 -19.93 -4.56 45.84
N ALA B 81 -20.62 -3.46 46.15
CA ALA B 81 -21.30 -3.30 47.43
C ALA B 81 -22.48 -4.27 47.51
N GLY B 82 -22.99 -4.66 46.34
CA GLY B 82 -24.04 -5.66 46.25
C GLY B 82 -25.46 -5.17 46.49
N ASP B 83 -25.62 -3.87 46.69
CA ASP B 83 -26.94 -3.29 46.96
C ASP B 83 -27.78 -3.11 45.69
N GLY B 84 -27.21 -3.43 44.54
CA GLY B 84 -27.91 -3.25 43.28
C GLY B 84 -27.13 -3.78 42.09
N PHE B 85 -27.49 -3.32 40.90
CA PHE B 85 -26.79 -3.76 39.70
C PHE B 85 -26.21 -2.58 38.93
N THR B 86 -25.43 -2.89 37.91
CA THR B 86 -24.73 -1.86 37.14
C THR B 86 -24.32 -2.39 35.77
N HIS B 87 -23.78 -1.51 34.94
CA HIS B 87 -23.22 -1.93 33.66
C HIS B 87 -21.98 -2.78 33.91
N ARG B 88 -21.89 -3.91 33.21
CA ARG B 88 -20.83 -4.89 33.45
C ARG B 88 -19.41 -4.35 33.31
N PHE B 89 -19.19 -3.42 32.39
CA PHE B 89 -17.84 -2.93 32.14
C PHE B 89 -17.38 -1.98 33.25
N PHE B 90 -18.30 -1.59 34.12
CA PHE B 90 -17.96 -0.72 35.25
C PHE B 90 -17.44 -1.54 36.43
N THR B 91 -17.40 -2.85 36.26
CA THR B 91 -16.87 -3.74 37.30
C THR B 91 -15.57 -4.37 36.83
N ALA B 92 -14.65 -4.58 37.77
CA ALA B 92 -13.36 -5.18 37.45
C ALA B 92 -13.52 -6.68 37.17
N PRO B 93 -12.97 -7.14 36.05
CA PRO B 93 -13.04 -8.57 35.70
C PRO B 93 -12.14 -9.39 36.63
N ARG B 94 -12.59 -10.58 37.01
CA ARG B 94 -11.81 -11.42 37.91
C ARG B 94 -11.59 -12.80 37.30
N SER B 95 -12.06 -12.98 36.07
CA SER B 95 -11.90 -14.24 35.36
C SER B 95 -12.01 -14.04 33.86
N VAL B 96 -11.58 -15.04 33.09
CA VAL B 96 -11.69 -15.00 31.64
C VAL B 96 -13.15 -14.96 31.22
N ASP B 97 -13.98 -15.71 31.93
CA ASP B 97 -15.41 -15.76 31.66
C ASP B 97 -16.05 -14.38 31.78
N ASP B 98 -15.57 -13.60 32.75
CA ASP B 98 -16.06 -12.24 32.94
C ASP B 98 -15.67 -11.35 31.77
N LEU B 99 -14.43 -11.51 31.29
CA LEU B 99 -13.92 -10.69 30.20
C LEU B 99 -14.60 -11.02 28.86
N VAL B 100 -15.05 -12.26 28.71
CA VAL B 100 -15.81 -12.64 27.52
C VAL B 100 -17.18 -11.96 27.57
N LYS B 101 -17.76 -11.92 28.76
CA LYS B 101 -19.03 -11.23 28.96
C LYS B 101 -18.86 -9.72 28.82
N ASP B 102 -17.68 -9.22 29.21
CA ASP B 102 -17.35 -7.81 29.00
C ASP B 102 -17.43 -7.48 27.51
N GLN B 103 -16.90 -8.38 26.69
CA GLN B 103 -16.93 -8.23 25.25
C GLN B 103 -18.36 -8.17 24.71
N ALA B 104 -19.22 -9.02 25.27
CA ALA B 104 -20.61 -9.09 24.85
C ALA B 104 -21.36 -7.80 25.19
N ALA B 105 -21.08 -7.25 26.36
CA ALA B 105 -21.73 -6.02 26.80
C ALA B 105 -21.32 -4.84 25.92
N ILE B 106 -20.03 -4.75 25.61
CA ILE B 106 -19.51 -3.69 24.76
C ILE B 106 -20.07 -3.79 23.34
N ALA B 107 -20.09 -5.00 22.81
CA ALA B 107 -20.60 -5.24 21.47
C ALA B 107 -22.09 -4.93 21.40
N SER B 108 -22.80 -5.15 22.50
CA SER B 108 -24.23 -4.90 22.56
C SER B 108 -24.54 -3.41 22.36
N TRP B 109 -23.89 -2.56 23.14
CA TRP B 109 -24.09 -1.12 23.04
C TRP B 109 -23.56 -0.57 21.72
N ALA B 110 -22.52 -1.21 21.18
CA ALA B 110 -21.95 -0.78 19.91
C ALA B 110 -22.95 -0.97 18.77
N ARG B 111 -23.69 -2.07 18.82
CA ARG B 111 -24.69 -2.37 17.80
C ARG B 111 -25.88 -1.42 17.85
N LYS B 112 -26.18 -0.92 19.04
CA LYS B 112 -27.32 -0.02 19.22
C LYS B 112 -27.09 1.32 18.53
N SER B 113 -25.82 1.69 18.38
CA SER B 113 -25.45 2.89 17.64
C SER B 113 -24.78 2.51 16.33
N TYR B 114 -24.82 1.21 16.02
CA TYR B 114 -24.24 0.66 14.81
C TYR B 114 -22.73 0.91 14.73
N GLY B 115 -22.10 1.01 15.89
CA GLY B 115 -20.65 1.11 15.99
C GLY B 115 -20.05 2.47 15.73
N TRP B 116 -20.89 3.50 15.63
CA TRP B 116 -20.41 4.84 15.29
C TRP B 116 -20.13 5.68 16.53
N MSE B 117 -20.83 5.42 17.62
N MSE B 117 -20.86 5.37 17.59
CA MSE B 117 -20.64 6.22 18.82
CA MSE B 117 -20.67 6.00 18.89
C MSE B 117 -19.54 5.65 19.73
C MSE B 117 -19.45 5.41 19.57
O MSE B 117 -19.81 4.85 20.62
O MSE B 117 -19.54 4.34 20.19
CB MSE B 117 -21.96 6.36 19.59
CB MSE B 117 -21.91 5.81 19.74
CG MSE B 117 -23.06 7.01 18.75
CG MSE B 117 -22.04 6.74 20.91
SE MSE B 117 -24.41 7.98 19.77
SE MSE B 117 -23.85 6.74 21.62
CE MSE B 117 -24.98 6.55 20.96
CE MSE B 117 -23.69 8.31 22.75
N GLY B 118 -18.31 6.08 19.47
CA GLY B 118 -17.13 5.60 20.16
C GLY B 118 -16.99 6.06 21.59
N ARG B 119 -17.42 7.28 21.87
CA ARG B 119 -17.31 7.83 23.22
C ARG B 119 -18.60 7.66 24.00
N SER B 120 -19.23 6.50 23.83
CA SER B 120 -20.40 6.11 24.62
C SER B 120 -20.02 6.00 26.10
N PRO B 121 -21.02 6.03 27.00
CA PRO B 121 -20.74 5.98 28.44
C PRO B 121 -19.91 4.78 28.89
N ASP B 122 -19.94 3.69 28.12
CA ASP B 122 -19.21 2.49 28.49
C ASP B 122 -17.72 2.57 28.14
N TYR B 123 -17.36 3.48 27.25
CA TYR B 123 -15.96 3.62 26.85
C TYR B 123 -15.08 4.12 27.99
N LYS B 124 -15.55 5.16 28.68
CA LYS B 124 -14.78 5.75 29.78
C LYS B 124 -14.78 4.84 31.00
N ALA B 125 -15.63 3.83 30.96
CA ALA B 125 -15.68 2.83 32.03
C ALA B 125 -14.42 1.96 32.02
N SER B 126 -13.64 2.07 30.95
CA SER B 126 -12.36 1.39 30.85
C SER B 126 -11.41 1.89 31.93
N PHE B 127 -11.63 3.13 32.35
CA PHE B 127 -10.89 3.71 33.47
C PHE B 127 -11.67 3.56 34.77
N LEU B 128 -12.95 3.92 34.73
CA LEU B 128 -13.80 3.91 35.91
C LEU B 128 -13.98 2.52 36.51
N GLY B 129 -13.99 1.50 35.66
CA GLY B 129 -14.21 0.15 36.11
C GLY B 129 -13.08 -0.48 36.90
N THR B 130 -11.95 0.24 36.99
CA THR B 130 -10.77 -0.28 37.68
C THR B 130 -10.38 0.55 38.90
N LEU B 131 -11.15 1.59 39.19
CA LEU B 131 -10.82 2.47 40.31
C LEU B 131 -10.99 1.75 41.66
N GLY B 132 -11.75 0.67 41.65
CA GLY B 132 -11.95 -0.13 42.84
C GLY B 132 -10.70 -0.89 43.22
N ALA B 133 -10.17 -1.65 42.25
CA ALA B 133 -8.99 -2.48 42.47
C ALA B 133 -7.70 -1.66 42.41
N ASN B 134 -7.80 -0.46 41.83
CA ASN B 134 -6.63 0.40 41.65
C ASN B 134 -6.76 1.71 42.42
N ALA B 135 -7.31 1.63 43.63
CA ALA B 135 -7.51 2.80 44.46
C ALA B 135 -6.20 3.29 45.10
N ASP B 136 -5.43 2.36 45.66
CA ASP B 136 -4.22 2.70 46.40
C ASP B 136 -3.13 3.36 45.54
N PHE B 137 -3.24 3.22 44.23
CA PHE B 137 -2.31 3.87 43.32
C PHE B 137 -2.45 5.39 43.36
N TYR B 138 -3.61 5.86 43.79
CA TYR B 138 -3.92 7.28 43.79
C TYR B 138 -3.80 7.96 45.15
N GLU B 139 -3.04 7.34 46.06
CA GLU B 139 -2.76 7.96 47.36
C GLU B 139 -2.08 9.31 47.15
N PRO B 140 -2.37 10.29 48.02
CA PRO B 140 -3.27 10.23 49.18
C PRO B 140 -4.75 10.30 48.82
N PHE B 141 -5.07 10.51 47.56
CA PHE B 141 -6.45 10.67 47.12
C PHE B 141 -7.11 9.34 46.78
N ALA B 142 -6.67 8.28 47.43
CA ALA B 142 -7.18 6.94 47.15
C ALA B 142 -8.65 6.79 47.49
N ASP B 143 -9.09 7.50 48.52
CA ASP B 143 -10.48 7.45 48.95
C ASP B 143 -11.40 8.15 47.95
N ASN B 144 -10.84 9.13 47.24
CA ASN B 144 -11.57 9.82 46.19
C ASN B 144 -11.92 8.88 45.05
N ALA B 145 -10.99 7.97 44.74
CA ALA B 145 -11.20 6.99 43.69
C ALA B 145 -12.25 5.97 44.13
N ARG B 146 -12.24 5.64 45.42
CA ARG B 146 -13.14 4.63 45.97
C ARG B 146 -14.60 5.09 45.95
N ARG B 147 -14.82 6.41 46.01
CA ARG B 147 -16.19 6.94 46.00
C ARG B 147 -16.69 7.16 44.59
N TRP B 148 -15.81 7.66 43.73
CA TRP B 148 -16.17 7.88 42.33
C TRP B 148 -16.39 6.56 41.64
N TYR B 149 -15.69 5.53 42.09
CA TYR B 149 -15.92 4.17 41.61
C TYR B 149 -17.29 3.66 42.04
N ARG B 150 -17.60 3.83 43.32
CA ARG B 150 -18.89 3.42 43.87
C ARG B 150 -20.04 4.12 43.16
N GLU B 151 -19.93 5.44 43.02
CA GLU B 151 -21.00 6.25 42.46
C GLU B 151 -21.18 5.99 40.97
N SER B 152 -20.06 5.88 40.25
CA SER B 152 -20.12 5.60 38.82
C SER B 152 -20.69 4.21 38.56
N GLN B 153 -20.55 3.30 39.52
CA GLN B 153 -21.19 2.00 39.40
C GLN B 153 -22.69 2.13 39.63
N GLU B 154 -23.05 2.87 40.67
CA GLU B 154 -24.45 2.99 41.08
C GLU B 154 -25.31 3.70 40.05
N LYS B 155 -24.77 4.74 39.43
CA LYS B 155 -25.54 5.54 38.48
C LYS B 155 -25.16 5.29 37.02
N VAL B 156 -24.06 4.57 36.80
CA VAL B 156 -23.44 4.48 35.47
C VAL B 156 -23.19 5.89 34.94
N LEU B 157 -22.21 6.56 35.52
CA LEU B 157 -21.89 7.93 35.16
C LEU B 157 -21.30 8.03 33.75
N TYR B 158 -21.54 9.16 33.10
CA TYR B 158 -21.01 9.41 31.77
C TYR B 158 -19.88 10.44 31.84
N TRP B 159 -18.64 9.97 31.73
CA TRP B 159 -17.49 10.85 31.72
C TRP B 159 -16.88 10.94 30.34
N ASN B 160 -16.31 12.10 30.02
CA ASN B 160 -15.57 12.27 28.78
C ASN B 160 -14.08 12.46 29.06
N HIS B 161 -13.25 11.87 28.21
CA HIS B 161 -11.80 11.93 28.40
C HIS B 161 -11.19 13.15 27.74
N ALA B 162 -11.00 14.21 28.51
CA ALA B 162 -10.33 15.41 28.02
C ALA B 162 -8.86 15.40 28.47
N PHE B 163 -7.96 15.09 27.54
CA PHE B 163 -6.55 14.96 27.87
C PHE B 163 -5.65 15.64 26.85
N LEU B 164 -6.16 15.82 25.63
CA LEU B 164 -5.35 16.41 24.57
C LEU B 164 -5.06 17.88 24.86
N HIS B 165 -3.77 18.21 24.89
CA HIS B 165 -3.35 19.57 25.15
C HIS B 165 -3.63 20.51 23.99
N PRO B 166 -4.09 21.73 24.29
CA PRO B 166 -4.20 22.79 23.29
C PRO B 166 -2.81 23.28 22.91
N PRO B 167 -2.67 23.87 21.72
CA PRO B 167 -1.35 24.36 21.27
C PRO B 167 -0.78 25.44 22.18
N GLY B 178 2.32 28.23 28.82
CA GLY B 178 2.22 27.65 30.15
C GLY B 178 0.81 27.73 30.71
N ASP B 179 0.14 28.85 30.46
CA ASP B 179 -1.24 29.03 30.92
C ASP B 179 -2.22 28.40 29.96
N VAL B 180 -1.70 27.78 28.91
CA VAL B 180 -2.53 27.09 27.93
C VAL B 180 -2.88 25.69 28.44
N PHE B 181 -2.01 25.15 29.29
CA PHE B 181 -2.22 23.83 29.88
C PHE B 181 -3.13 23.90 31.10
N ILE B 182 -3.82 22.80 31.39
CA ILE B 182 -4.57 22.69 32.63
C ILE B 182 -3.59 22.81 33.80
N HIS B 183 -3.84 23.75 34.69
CA HIS B 183 -2.90 24.03 35.77
C HIS B 183 -3.56 24.66 36.99
N VAL B 184 -2.96 24.45 38.15
CA VAL B 184 -3.46 25.03 39.39
C VAL B 184 -2.97 26.46 39.58
N GLU B 185 -3.91 27.36 39.84
CA GLU B 185 -3.59 28.77 40.08
C GLU B 185 -3.59 29.09 41.57
N ARG B 186 -4.21 28.21 42.36
CA ARG B 186 -4.41 28.46 43.78
C ARG B 186 -4.82 27.19 44.53
N GLU B 187 -4.29 27.02 45.74
CA GLU B 187 -4.69 25.90 46.57
C GLU B 187 -5.47 26.39 47.78
N THR B 188 -6.80 26.43 47.65
CA THR B 188 -7.66 26.82 48.76
C THR B 188 -7.96 25.61 49.64
N ASP B 189 -8.62 25.85 50.77
CA ASP B 189 -9.04 24.76 51.65
C ASP B 189 -10.21 23.99 51.05
N ALA B 190 -11.01 24.68 50.24
CA ALA B 190 -12.17 24.07 49.61
C ALA B 190 -11.77 23.11 48.51
N GLY B 191 -10.71 23.47 47.78
CA GLY B 191 -10.23 22.66 46.69
C GLY B 191 -9.08 23.27 45.92
N LEU B 192 -9.20 23.26 44.59
CA LEU B 192 -8.14 23.72 43.72
C LEU B 192 -8.67 24.62 42.61
N VAL B 193 -8.10 25.82 42.49
CA VAL B 193 -8.49 26.75 41.43
C VAL B 193 -7.69 26.46 40.17
N VAL B 194 -8.39 26.09 39.10
CA VAL B 194 -7.74 25.62 37.89
C VAL B 194 -8.18 26.36 36.63
N SER B 195 -7.21 26.74 35.80
CA SER B 195 -7.49 27.34 34.50
C SER B 195 -6.71 26.59 33.42
N GLY B 196 -7.16 26.71 32.18
CA GLY B 196 -6.55 25.99 31.08
C GLY B 196 -7.59 25.52 30.09
N ALA B 197 -7.22 24.58 29.23
CA ALA B 197 -8.14 24.10 28.20
C ALA B 197 -7.79 22.68 27.74
N LYS B 198 -8.76 22.04 27.08
CA LYS B 198 -8.56 20.74 26.46
C LYS B 198 -9.26 20.70 25.10
N VAL B 199 -8.67 20.00 24.14
CA VAL B 199 -9.23 19.94 22.80
C VAL B 199 -9.72 18.53 22.46
N VAL B 200 -10.60 18.45 21.47
CA VAL B 200 -11.22 17.20 21.03
C VAL B 200 -11.85 16.46 22.22
N ALA B 201 -12.61 17.20 23.02
CA ALA B 201 -13.39 16.59 24.10
C ALA B 201 -14.66 15.99 23.52
N THR B 202 -14.52 14.84 22.87
CA THR B 202 -15.61 14.22 22.13
C THR B 202 -16.76 13.77 23.05
N GLY B 203 -17.96 14.29 22.77
CA GLY B 203 -19.15 13.89 23.50
C GLY B 203 -19.33 14.60 24.83
N SER B 204 -18.38 15.49 25.15
CA SER B 204 -18.36 16.19 26.43
C SER B 204 -19.66 16.89 26.81
N ALA B 205 -20.30 17.51 25.83
CA ALA B 205 -21.51 18.31 26.09
C ALA B 205 -22.68 17.48 26.62
N LEU B 206 -22.63 16.17 26.42
CA LEU B 206 -23.70 15.29 26.88
C LEU B 206 -23.25 14.37 28.01
N THR B 207 -22.10 14.70 28.60
CA THR B 207 -21.54 13.89 29.67
C THR B 207 -21.90 14.52 31.02
N HIS B 208 -21.65 13.79 32.10
CA HIS B 208 -21.93 14.29 33.44
C HIS B 208 -20.74 15.06 33.99
N ALA B 209 -19.54 14.63 33.61
CA ALA B 209 -18.32 15.25 34.11
C ALA B 209 -17.14 14.97 33.19
N ALA B 210 -16.24 15.95 33.09
CA ALA B 210 -15.03 15.79 32.30
C ALA B 210 -13.89 15.26 33.17
N PHE B 211 -13.29 14.16 32.75
CA PHE B 211 -12.13 13.63 33.45
C PHE B 211 -10.87 14.25 32.89
N ILE B 212 -10.29 15.18 33.63
CA ILE B 212 -9.09 15.88 33.17
C ILE B 212 -7.85 15.05 33.48
N SER B 213 -7.10 14.73 32.42
CA SER B 213 -5.87 13.98 32.54
C SER B 213 -4.85 14.48 31.53
N HIS B 214 -3.71 13.81 31.47
CA HIS B 214 -2.63 14.19 30.57
C HIS B 214 -1.91 12.94 30.04
N TRP B 215 -1.47 13.03 28.79
CA TRP B 215 -0.68 11.97 28.19
C TRP B 215 0.80 12.14 28.50
N GLY B 216 1.26 13.38 28.47
CA GLY B 216 2.63 13.68 28.83
C GLY B 216 2.78 15.14 29.22
N LEU B 217 3.70 15.40 30.15
CA LEU B 217 3.95 16.75 30.64
C LEU B 217 4.96 17.50 29.77
N PRO B 218 4.52 18.60 29.14
CA PRO B 218 5.49 19.44 28.43
C PRO B 218 6.31 20.27 29.40
N ILE B 219 5.66 20.76 30.46
CA ILE B 219 6.37 21.46 31.52
C ILE B 219 6.38 20.62 32.80
N LYS B 220 7.57 20.42 33.35
CA LYS B 220 7.74 19.61 34.56
C LYS B 220 7.63 20.47 35.82
N ASP B 221 6.40 20.86 36.16
CA ASP B 221 6.15 21.63 37.37
C ASP B 221 4.94 21.08 38.14
N ARG B 222 4.98 21.19 39.46
CA ARG B 222 3.90 20.70 40.33
C ARG B 222 2.50 21.16 39.92
N LYS B 223 2.39 22.39 39.44
CA LYS B 223 1.08 22.98 39.15
C LYS B 223 0.43 22.32 37.93
N PHE B 224 1.23 21.61 37.14
CA PHE B 224 0.72 20.93 35.96
C PHE B 224 0.41 19.47 36.26
N ALA B 225 1.00 18.95 37.33
CA ALA B 225 0.79 17.57 37.73
C ALA B 225 -0.58 17.40 38.39
N LEU B 226 -1.63 17.46 37.58
CA LEU B 226 -2.99 17.36 38.10
C LEU B 226 -3.88 16.40 37.33
N VAL B 227 -4.48 15.46 38.05
CA VAL B 227 -5.46 14.54 37.46
C VAL B 227 -6.72 14.54 38.31
N ALA B 228 -7.83 14.98 37.72
CA ALA B 228 -9.07 15.13 38.47
C ALA B 228 -10.29 15.15 37.55
N THR B 229 -11.47 15.05 38.15
CA THR B 229 -12.73 15.12 37.40
C THR B 229 -13.47 16.42 37.70
N VAL B 230 -14.08 17.01 36.68
CA VAL B 230 -14.85 18.22 36.86
C VAL B 230 -16.28 18.08 36.30
N PRO B 231 -17.28 18.42 37.12
CA PRO B 231 -18.67 18.42 36.67
C PRO B 231 -18.86 19.36 35.48
N MSE B 232 -19.72 18.98 34.54
CA MSE B 232 -19.93 19.77 33.34
C MSE B 232 -20.72 21.05 33.63
O MSE B 232 -20.77 21.96 32.79
CB MSE B 232 -20.62 18.94 32.26
CG MSE B 232 -19.79 17.79 31.74
SE MSE B 232 -18.12 18.38 30.91
CE MSE B 232 -18.88 19.47 29.48
N ASP B 233 -21.34 21.12 34.80
CA ASP B 233 -22.09 22.31 35.20
C ASP B 233 -21.29 23.17 36.17
N ALA B 234 -20.01 22.85 36.33
CA ALA B 234 -19.14 23.62 37.22
C ALA B 234 -18.98 25.05 36.74
N ASP B 235 -19.14 26.01 37.66
CA ASP B 235 -19.03 27.43 37.34
C ASP B 235 -17.61 27.77 36.90
N GLY B 236 -17.47 28.33 35.71
CA GLY B 236 -16.17 28.66 35.16
C GLY B 236 -15.82 27.79 33.97
N LEU B 237 -16.46 26.64 33.87
CA LEU B 237 -16.23 25.71 32.77
C LEU B 237 -17.11 26.05 31.57
N LYS B 238 -16.48 26.20 30.41
CA LYS B 238 -17.21 26.52 29.18
C LYS B 238 -16.93 25.49 28.10
N VAL B 239 -17.92 25.27 27.24
CA VAL B 239 -17.78 24.31 26.14
C VAL B 239 -17.97 24.98 24.79
N ILE B 240 -16.89 25.06 24.02
CA ILE B 240 -16.94 25.64 22.69
C ILE B 240 -16.95 24.52 21.65
N CYS B 241 -18.07 24.36 20.96
CA CYS B 241 -18.29 23.23 20.06
C CYS B 241 -17.57 23.31 18.72
N ARG B 242 -17.31 22.14 18.16
CA ARG B 242 -16.88 21.98 16.78
C ARG B 242 -18.15 22.07 15.92
N PRO B 243 -18.02 22.39 14.61
CA PRO B 243 -19.21 22.42 13.76
C PRO B 243 -20.05 21.14 13.84
N SER B 244 -21.33 21.30 14.14
CA SER B 244 -22.22 20.15 14.34
C SER B 244 -22.78 19.62 13.03
N TYR B 245 -22.51 18.35 12.77
CA TYR B 245 -22.97 17.71 11.54
C TYR B 245 -24.42 17.28 11.69
N SER B 246 -24.87 17.13 12.93
CA SER B 246 -26.25 16.77 13.21
C SER B 246 -27.17 17.98 13.09
N ALA B 247 -26.66 19.14 13.50
CA ALA B 247 -27.42 20.39 13.40
C ALA B 247 -27.63 20.78 11.94
N ASN B 248 -26.57 20.62 11.14
CA ASN B 248 -26.66 20.94 9.72
C ASN B 248 -27.62 20.00 9.01
N ALA B 249 -27.64 18.75 9.45
CA ALA B 249 -28.53 17.74 8.89
C ALA B 249 -29.98 17.99 9.30
N ALA B 250 -30.16 18.65 10.44
CA ALA B 250 -31.50 18.97 10.93
C ALA B 250 -32.15 20.09 10.13
N THR B 251 -31.35 21.07 9.74
CA THR B 251 -31.87 22.26 9.06
C THR B 251 -31.80 22.17 7.53
N THR B 252 -30.81 21.46 7.01
CA THR B 252 -30.61 21.39 5.56
C THR B 252 -30.76 19.98 5.00
N GLY B 253 -30.80 18.99 5.89
CA GLY B 253 -30.90 17.61 5.48
C GLY B 253 -32.15 16.92 5.99
N SER B 254 -32.06 15.61 6.20
CA SER B 254 -33.18 14.81 6.67
C SER B 254 -32.67 13.46 7.17
N PRO B 255 -33.46 12.77 7.99
CA PRO B 255 -33.10 11.43 8.46
C PRO B 255 -32.83 10.46 7.32
N PHE B 256 -33.48 10.67 6.17
CA PHE B 256 -33.26 9.84 4.99
C PHE B 256 -31.98 10.23 4.27
N ASP B 257 -31.75 11.54 4.14
CA ASP B 257 -30.60 12.04 3.41
C ASP B 257 -29.33 12.06 4.27
N ASN B 258 -29.51 12.02 5.58
CA ASN B 258 -28.39 12.03 6.52
C ASN B 258 -28.66 11.11 7.70
N PRO B 259 -28.72 9.79 7.46
CA PRO B 259 -29.17 8.82 8.47
C PRO B 259 -28.24 8.70 9.68
N LEU B 260 -26.93 8.79 9.47
CA LEU B 260 -25.97 8.61 10.57
C LEU B 260 -25.63 9.92 11.25
N SER B 261 -25.29 10.93 10.46
CA SER B 261 -24.82 12.21 10.98
C SER B 261 -25.86 12.95 11.82
N SER B 262 -27.13 12.80 11.46
CA SER B 262 -28.21 13.55 12.09
C SER B 262 -28.56 13.06 13.50
N ARG B 263 -28.06 11.89 13.89
CA ARG B 263 -28.46 11.31 15.17
C ARG B 263 -27.31 10.65 15.94
N LEU B 264 -26.13 10.58 15.34
CA LEU B 264 -25.01 9.88 15.96
C LEU B 264 -23.78 10.78 16.11
N ASP B 265 -23.93 12.05 15.77
CA ASP B 265 -22.80 12.97 15.78
C ASP B 265 -22.30 13.26 17.20
N GLU B 266 -21.03 12.96 17.44
CA GLU B 266 -20.39 13.28 18.71
C GLU B 266 -19.46 14.48 18.54
N ASN B 267 -19.85 15.61 19.10
CA ASN B 267 -19.11 16.85 18.91
C ASN B 267 -17.78 16.88 19.64
N ASP B 268 -16.70 17.04 18.88
CA ASP B 268 -15.36 17.18 19.45
C ASP B 268 -15.13 18.63 19.86
N ALA B 269 -15.65 19.00 21.02
CA ALA B 269 -15.68 20.39 21.45
C ALA B 269 -14.43 20.79 22.22
N ILE B 270 -14.17 22.10 22.24
CA ILE B 270 -13.10 22.66 23.06
C ILE B 270 -13.59 22.82 24.50
N LEU B 271 -12.81 22.32 25.45
CA LEU B 271 -13.19 22.39 26.85
C LEU B 271 -12.32 23.39 27.60
N VAL B 272 -12.91 24.53 27.98
CA VAL B 272 -12.15 25.62 28.60
C VAL B 272 -12.50 25.81 30.07
N LEU B 273 -11.47 25.82 30.92
CA LEU B 273 -11.66 26.12 32.34
C LEU B 273 -11.19 27.54 32.66
N ASP B 274 -12.05 28.31 33.30
CA ASP B 274 -11.69 29.65 33.74
C ASP B 274 -11.88 29.76 35.25
N GLN B 275 -10.79 29.54 35.98
CA GLN B 275 -10.78 29.60 37.45
C GLN B 275 -11.82 28.66 38.06
N VAL B 276 -11.92 27.46 37.51
CA VAL B 276 -12.83 26.44 38.04
C VAL B 276 -12.34 25.91 39.38
N LEU B 277 -13.24 25.86 40.36
CA LEU B 277 -12.91 25.29 41.66
C LEU B 277 -13.07 23.78 41.64
N ILE B 278 -11.95 23.07 41.73
CA ILE B 278 -11.97 21.62 41.83
C ILE B 278 -11.85 21.19 43.28
N PRO B 279 -12.94 20.67 43.86
CA PRO B 279 -12.94 20.20 45.26
C PRO B 279 -11.90 19.10 45.49
N TRP B 280 -11.38 19.01 46.70
CA TRP B 280 -10.39 17.99 47.03
C TRP B 280 -10.94 16.58 46.85
N GLU B 281 -12.26 16.44 46.98
CA GLU B 281 -12.91 15.16 46.81
C GLU B 281 -12.97 14.75 45.34
N ASN B 282 -12.53 15.63 44.45
CA ASN B 282 -12.55 15.35 43.01
C ASN B 282 -11.15 15.11 42.45
N VAL B 283 -10.13 15.40 43.26
CA VAL B 283 -8.75 15.23 42.83
C VAL B 283 -8.31 13.77 42.94
N PHE B 284 -7.67 13.26 41.90
CA PHE B 284 -7.11 11.91 41.94
C PHE B 284 -5.60 11.95 42.14
N VAL B 285 -4.93 12.83 41.40
CA VAL B 285 -3.50 13.01 41.54
C VAL B 285 -3.14 14.49 41.52
N TYR B 286 -2.29 14.91 42.46
CA TYR B 286 -1.82 16.29 42.51
C TYR B 286 -0.43 16.40 43.13
N GLY B 287 0.47 17.10 42.43
CA GLY B 287 1.82 17.31 42.91
C GLY B 287 2.76 16.16 42.61
N ASN B 288 2.25 14.93 42.70
CA ASN B 288 3.05 13.75 42.42
C ASN B 288 3.38 13.67 40.94
N LEU B 289 4.50 14.27 40.55
CA LEU B 289 4.90 14.33 39.15
C LEU B 289 5.15 12.96 38.54
N GLY B 290 5.42 11.98 39.40
CA GLY B 290 5.66 10.63 38.92
C GLY B 290 4.39 9.94 38.49
N LYS B 291 3.37 9.96 39.34
CA LYS B 291 2.12 9.29 39.06
C LYS B 291 1.36 9.89 37.87
N VAL B 292 1.55 11.18 37.63
CA VAL B 292 0.91 11.84 36.49
C VAL B 292 1.51 11.37 35.17
N HIS B 293 2.83 11.19 35.17
CA HIS B 293 3.55 10.68 34.01
C HIS B 293 3.29 9.19 33.82
N LEU B 294 3.25 8.48 34.94
CA LEU B 294 3.10 7.03 34.91
C LEU B 294 1.67 6.57 34.59
N LEU B 295 0.71 7.50 34.66
CA LEU B 295 -0.70 7.17 34.51
C LEU B 295 -1.06 6.58 33.14
N ALA B 296 -0.41 7.09 32.10
CA ALA B 296 -0.73 6.68 30.73
C ALA B 296 -0.26 5.26 30.39
N GLY B 297 0.09 4.50 31.41
CA GLY B 297 0.59 3.15 31.20
C GLY B 297 0.42 2.27 32.41
N GLN B 298 0.06 2.87 33.55
CA GLN B 298 -0.02 2.11 34.77
C GLN B 298 -1.46 2.11 35.31
N SER B 299 -2.32 2.92 34.69
CA SER B 299 -3.71 3.02 35.14
C SER B 299 -4.53 1.80 34.74
N GLY B 300 -4.09 1.12 33.68
CA GLY B 300 -4.80 -0.05 33.20
C GLY B 300 -5.90 0.33 32.23
N MSE B 301 -6.10 1.63 32.05
CA MSE B 301 -7.12 2.15 31.14
C MSE B 301 -6.81 1.78 29.70
O MSE B 301 -7.71 1.42 28.94
CB MSE B 301 -7.23 3.66 31.28
CG MSE B 301 -8.34 4.28 30.45
SE MSE B 301 -7.94 6.10 29.88
CE MSE B 301 -7.15 6.77 31.53
N ILE B 302 -5.55 1.89 29.32
CA ILE B 302 -5.13 1.69 27.93
C ILE B 302 -5.41 0.27 27.45
N GLU B 303 -5.27 -0.72 28.34
CA GLU B 303 -5.55 -2.10 27.99
C GLU B 303 -7.04 -2.32 27.72
N ARG B 304 -7.89 -1.67 28.51
CA ARG B 304 -9.32 -1.84 28.39
C ARG B 304 -9.93 -0.93 27.33
N ALA B 305 -9.33 0.24 27.12
CA ALA B 305 -9.80 1.17 26.11
C ALA B 305 -9.56 0.60 24.71
N THR B 306 -8.42 -0.05 24.53
CA THR B 306 -8.12 -0.72 23.27
C THR B 306 -9.01 -1.93 23.10
N PHE B 307 -9.31 -2.60 24.22
CA PHE B 307 -10.23 -3.73 24.21
C PHE B 307 -11.64 -3.29 23.81
N HIS B 308 -12.06 -2.15 24.35
CA HIS B 308 -13.37 -1.58 24.03
C HIS B 308 -13.45 -1.12 22.58
N GLY B 309 -12.45 -0.37 22.14
CA GLY B 309 -12.43 0.18 20.80
C GLY B 309 -12.34 -0.90 19.73
N CYS B 310 -11.59 -1.96 20.02
CA CYS B 310 -11.44 -3.06 19.09
C CYS B 310 -12.75 -3.82 18.92
N THR B 311 -13.43 -4.06 20.04
CA THR B 311 -14.72 -4.72 20.02
C THR B 311 -15.74 -3.88 19.25
N ARG B 312 -15.70 -2.57 19.47
CA ARG B 312 -16.62 -1.65 18.80
C ARG B 312 -16.34 -1.55 17.31
N LEU B 313 -15.06 -1.47 16.94
N LEU B 313 -15.06 -1.47 16.94
CA LEU B 313 -14.66 -1.36 15.53
CA LEU B 313 -14.66 -1.38 15.54
C LEU B 313 -15.06 -2.61 14.75
C LEU B 313 -15.11 -2.62 14.76
N ALA B 314 -14.99 -3.77 15.41
CA ALA B 314 -15.42 -5.02 14.81
C ALA B 314 -16.91 -4.97 14.48
N VAL B 315 -17.68 -4.35 15.37
CA VAL B 315 -19.11 -4.17 15.15
C VAL B 315 -19.39 -3.19 14.02
N LYS B 316 -18.64 -2.09 13.98
CA LYS B 316 -18.82 -1.08 12.95
C LYS B 316 -18.50 -1.64 11.57
N LEU B 317 -17.48 -2.47 11.49
CA LEU B 317 -17.08 -3.06 10.22
C LEU B 317 -18.17 -3.98 9.69
N GLU B 318 -18.87 -4.68 10.58
CA GLU B 318 -20.01 -5.50 10.20
C GLU B 318 -21.11 -4.65 9.57
N PHE B 319 -21.35 -3.49 10.16
CA PHE B 319 -22.34 -2.56 9.64
C PHE B 319 -21.98 -2.07 8.24
N ILE B 320 -20.72 -1.69 8.07
CA ILE B 320 -20.24 -1.22 6.78
C ILE B 320 -20.19 -2.36 5.75
N ALA B 321 -19.85 -3.56 6.21
CA ALA B 321 -19.81 -4.72 5.34
C ALA B 321 -21.20 -5.05 4.82
N GLY B 322 -22.19 -5.02 5.72
CA GLY B 322 -23.57 -5.25 5.34
C GLY B 322 -24.05 -4.17 4.40
N LEU B 323 -23.63 -2.94 4.67
CA LEU B 323 -23.96 -1.80 3.82
C LEU B 323 -23.39 -1.97 2.42
N LEU B 324 -22.11 -2.32 2.35
CA LEU B 324 -21.42 -2.52 1.08
C LEU B 324 -22.05 -3.65 0.27
N ALA B 325 -22.40 -4.73 0.96
CA ALA B 325 -23.02 -5.89 0.31
C ALA B 325 -24.34 -5.51 -0.35
N LYS B 326 -25.15 -4.73 0.37
CA LYS B 326 -26.41 -4.24 -0.18
C LYS B 326 -26.17 -3.31 -1.36
N ALA B 327 -25.13 -2.50 -1.25
CA ALA B 327 -24.78 -1.54 -2.31
C ALA B 327 -24.35 -2.25 -3.58
N LEU B 328 -23.50 -3.27 -3.43
CA LEU B 328 -22.98 -4.02 -4.57
C LEU B 328 -24.08 -4.86 -5.21
N ASP B 329 -25.00 -5.34 -4.36
CA ASP B 329 -26.13 -6.15 -4.81
C ASP B 329 -27.11 -5.31 -5.61
N ILE B 330 -27.29 -4.06 -5.21
CA ILE B 330 -28.20 -3.15 -5.91
C ILE B 330 -27.60 -2.70 -7.24
N THR B 331 -26.30 -2.40 -7.24
CA THR B 331 -25.62 -1.98 -8.46
C THR B 331 -25.34 -3.18 -9.36
N GLY B 332 -25.44 -4.38 -8.81
CA GLY B 332 -25.23 -5.59 -9.58
C GLY B 332 -23.78 -5.96 -9.73
N ALA B 333 -22.90 -5.18 -9.10
CA ALA B 333 -21.47 -5.44 -9.17
C ALA B 333 -21.02 -6.63 -8.33
N LYS B 334 -21.95 -7.21 -7.60
N LYS B 334 -21.94 -7.21 -7.57
CA LYS B 334 -21.66 -8.32 -6.70
CA LYS B 334 -21.60 -8.32 -6.69
C LYS B 334 -21.32 -9.61 -7.45
C LYS B 334 -21.30 -9.60 -7.46
N ASP B 335 -21.73 -9.67 -8.71
CA ASP B 335 -21.51 -10.86 -9.52
C ASP B 335 -20.07 -10.98 -10.04
N PHE B 336 -19.36 -9.85 -10.10
CA PHE B 336 -18.00 -9.84 -10.62
C PHE B 336 -17.01 -10.38 -9.59
N ARG B 337 -16.01 -11.13 -10.08
CA ARG B 337 -15.04 -11.79 -9.21
C ARG B 337 -14.15 -10.82 -8.46
N GLY B 338 -13.69 -9.77 -9.14
CA GLY B 338 -12.80 -8.80 -8.53
C GLY B 338 -13.44 -8.06 -7.38
N VAL B 339 -14.73 -7.76 -7.51
CA VAL B 339 -15.49 -7.07 -6.48
C VAL B 339 -15.65 -7.98 -5.25
N GLN B 340 -15.82 -9.27 -5.50
CA GLN B 340 -16.03 -10.24 -4.43
C GLN B 340 -14.76 -10.44 -3.60
N THR B 341 -13.61 -10.26 -4.22
CA THR B 341 -12.33 -10.37 -3.54
C THR B 341 -12.18 -9.26 -2.50
N ARG B 342 -12.55 -8.04 -2.89
CA ARG B 342 -12.41 -6.88 -2.01
C ARG B 342 -13.51 -6.87 -0.95
N LEU B 343 -14.64 -7.49 -1.26
CA LEU B 343 -15.70 -7.65 -0.27
C LEU B 343 -15.25 -8.61 0.82
N GLY B 344 -14.60 -9.71 0.41
CA GLY B 344 -14.03 -10.66 1.34
C GLY B 344 -12.88 -10.04 2.11
N GLU B 345 -12.24 -9.05 1.50
CA GLU B 345 -11.15 -8.33 2.15
C GLU B 345 -11.68 -7.51 3.32
N VAL B 346 -12.87 -6.91 3.15
CA VAL B 346 -13.53 -6.17 4.21
C VAL B 346 -13.90 -7.12 5.34
N LEU B 347 -14.35 -8.31 4.97
CA LEU B 347 -14.71 -9.34 5.94
C LEU B 347 -13.47 -9.83 6.68
N ALA B 348 -12.33 -9.78 6.01
CA ALA B 348 -11.06 -10.18 6.62
C ALA B 348 -10.68 -9.24 7.75
N TRP B 349 -10.85 -7.94 7.53
CA TRP B 349 -10.59 -6.94 8.54
C TRP B 349 -11.56 -7.09 9.70
N ARG B 350 -12.80 -7.47 9.37
CA ARG B 350 -13.83 -7.71 10.38
C ARG B 350 -13.42 -8.85 11.31
N ASN B 351 -12.87 -9.92 10.74
CA ASN B 351 -12.41 -11.06 11.52
C ASN B 351 -11.19 -10.71 12.35
N LEU B 352 -10.39 -9.75 11.86
CA LEU B 352 -9.16 -9.35 12.52
C LEU B 352 -9.43 -8.74 13.89
N PHE B 353 -10.32 -7.75 13.93
CA PHE B 353 -10.61 -7.03 15.17
C PHE B 353 -11.46 -7.88 16.11
N TRP B 354 -12.20 -8.84 15.57
CA TRP B 354 -12.91 -9.80 16.39
C TRP B 354 -11.91 -10.75 17.05
N SER B 355 -10.85 -11.08 16.32
CA SER B 355 -9.81 -11.97 16.82
C SER B 355 -8.95 -11.26 17.85
N LEU B 356 -8.62 -10.00 17.58
CA LEU B 356 -7.88 -9.17 18.53
C LEU B 356 -8.68 -9.02 19.81
N SER B 357 -9.99 -8.81 19.67
CA SER B 357 -10.88 -8.70 20.81
C SER B 357 -10.99 -10.04 21.55
N ASP B 358 -11.05 -11.12 20.79
CA ASP B 358 -11.09 -12.46 21.36
C ASP B 358 -9.81 -12.76 22.13
N ALA B 359 -8.67 -12.45 21.53
CA ALA B 359 -7.38 -12.65 22.15
C ALA B 359 -7.22 -11.79 23.39
N ALA B 360 -7.77 -10.58 23.34
CA ALA B 360 -7.70 -9.67 24.46
C ALA B 360 -8.50 -10.18 25.66
N ALA B 361 -9.71 -10.65 25.39
CA ALA B 361 -10.61 -11.10 26.43
C ALA B 361 -10.25 -12.48 26.98
N ARG B 362 -9.83 -13.38 26.08
CA ARG B 362 -9.64 -14.77 26.46
C ARG B 362 -8.21 -15.13 26.84
N ASN B 363 -7.27 -14.23 26.56
CA ASN B 363 -5.90 -14.40 27.03
C ASN B 363 -5.42 -13.20 27.85
N PRO B 364 -6.04 -12.96 29.01
CA PRO B 364 -5.74 -11.78 29.81
C PRO B 364 -4.48 -11.91 30.67
N VAL B 365 -4.10 -10.83 31.32
CA VAL B 365 -2.97 -10.82 32.23
C VAL B 365 -3.45 -10.51 33.65
N PRO B 366 -2.79 -11.11 34.66
CA PRO B 366 -3.15 -10.82 36.05
C PRO B 366 -2.87 -9.37 36.44
N TRP B 367 -3.74 -8.80 37.27
CA TRP B 367 -3.58 -7.43 37.71
C TRP B 367 -3.83 -7.31 39.20
N LYS B 368 -4.19 -6.10 39.61
CA LYS B 368 -4.38 -5.74 41.01
C LYS B 368 -5.59 -6.40 41.65
N ASN B 369 -5.41 -6.84 42.90
CA ASN B 369 -6.49 -7.45 43.69
C ASN B 369 -7.22 -8.59 42.98
N GLY B 370 -6.47 -9.51 42.38
CA GLY B 370 -7.05 -10.67 41.74
C GLY B 370 -7.86 -10.37 40.49
N THR B 371 -7.77 -9.14 40.02
CA THR B 371 -8.48 -8.73 38.81
C THR B 371 -7.61 -8.92 37.57
N LEU B 372 -8.24 -8.88 36.41
CA LEU B 372 -7.52 -9.13 35.17
C LEU B 372 -7.70 -7.98 34.17
N LEU B 373 -6.62 -7.66 33.47
CA LEU B 373 -6.66 -6.73 32.35
C LEU B 373 -6.67 -7.49 31.05
N PRO B 374 -7.40 -7.00 30.04
CA PRO B 374 -7.40 -7.64 28.73
C PRO B 374 -5.99 -7.65 28.14
N ASN B 375 -5.72 -8.61 27.26
CA ASN B 375 -4.40 -8.78 26.67
C ASN B 375 -3.84 -7.49 26.06
N PRO B 376 -2.77 -6.97 26.67
CA PRO B 376 -2.11 -5.75 26.21
C PRO B 376 -1.55 -5.92 24.80
N GLN B 377 -1.06 -7.12 24.50
CA GLN B 377 -0.41 -7.38 23.23
C GLN B 377 -1.42 -7.33 22.07
N ALA B 378 -2.66 -7.67 22.38
CA ALA B 378 -3.74 -7.60 21.41
C ALA B 378 -4.20 -6.16 21.18
N GLY B 379 -4.15 -5.35 22.25
CA GLY B 379 -4.59 -3.98 22.19
C GLY B 379 -3.58 -3.06 21.56
N MSE B 380 -2.30 -3.33 21.78
N MSE B 380 -2.30 -3.33 21.81
CA MSE B 380 -1.25 -2.50 21.20
CA MSE B 380 -1.21 -2.56 21.21
C MSE B 380 -1.15 -2.71 19.69
C MSE B 380 -1.25 -2.69 19.70
O MSE B 380 -0.71 -1.82 18.97
O MSE B 380 -0.98 -1.72 18.97
CB MSE B 380 0.10 -2.79 21.87
CB MSE B 380 0.14 -3.02 21.75
CG MSE B 380 0.15 -2.41 23.35
CG MSE B 380 0.56 -2.40 23.06
SE MSE B 380 -0.18 -0.51 23.69
SE MSE B 380 2.24 -3.14 23.69
CE MSE B 380 1.50 0.22 23.04
CE MSE B 380 1.62 -3.91 25.38
N ALA B 381 -1.57 -3.88 19.23
CA ALA B 381 -1.63 -4.15 17.80
C ALA B 381 -2.84 -3.48 17.17
N TYR B 382 -3.94 -3.42 17.92
CA TYR B 382 -5.17 -2.80 17.44
C TYR B 382 -4.99 -1.33 17.09
N ARG B 383 -4.18 -0.63 17.88
CA ARG B 383 -3.96 0.81 17.68
C ARG B 383 -3.28 1.13 16.36
N TRP B 384 -2.57 0.15 15.80
CA TRP B 384 -1.89 0.36 14.52
C TRP B 384 -2.72 -0.09 13.32
N PHE B 385 -3.21 -1.32 13.36
CA PHE B 385 -3.90 -1.90 12.23
C PHE B 385 -5.25 -1.24 11.97
N MSE B 386 -5.72 -0.48 12.94
CA MSE B 386 -6.93 0.31 12.77
C MSE B 386 -6.67 1.48 11.84
O MSE B 386 -7.56 1.93 11.12
CB MSE B 386 -7.45 0.81 14.12
CG MSE B 386 -6.54 1.82 14.80
SE MSE B 386 -7.34 2.53 16.42
CE MSE B 386 -9.15 2.74 15.73
N GLN B 387 -5.43 1.97 11.85
CA GLN B 387 -5.05 3.15 11.08
C GLN B 387 -4.84 2.83 9.62
N ILE B 388 -4.69 1.55 9.30
CA ILE B 388 -4.52 1.12 7.91
C ILE B 388 -5.73 0.31 7.44
N GLY B 389 -6.38 -0.39 8.36
CA GLY B 389 -7.51 -1.23 8.03
C GLY B 389 -8.77 -0.47 7.68
N TYR B 390 -9.17 0.44 8.57
CA TYR B 390 -10.40 1.22 8.37
C TYR B 390 -10.36 2.10 7.11
N PRO B 391 -9.23 2.76 6.83
CA PRO B 391 -9.19 3.51 5.56
C PRO B 391 -9.31 2.62 4.33
N ARG B 392 -8.78 1.39 4.42
CA ARG B 392 -8.86 0.44 3.33
C ARG B 392 -10.31 0.07 3.04
N VAL B 393 -11.08 -0.12 4.10
CA VAL B 393 -12.50 -0.45 3.97
C VAL B 393 -13.24 0.69 3.26
N LEU B 394 -12.98 1.92 3.71
CA LEU B 394 -13.58 3.10 3.10
C LEU B 394 -13.13 3.27 1.65
N GLU B 395 -11.91 2.83 1.37
CA GLU B 395 -11.36 2.93 0.02
C GLU B 395 -12.04 1.97 -0.94
N ILE B 396 -12.27 0.75 -0.46
CA ILE B 396 -12.93 -0.28 -1.27
C ILE B 396 -14.33 0.17 -1.68
N VAL B 397 -15.01 0.83 -0.74
CA VAL B 397 -16.33 1.38 -0.99
C VAL B 397 -16.28 2.41 -2.12
N GLN B 398 -15.27 3.27 -2.07
CA GLN B 398 -15.09 4.30 -3.09
C GLN B 398 -14.62 3.71 -4.42
N GLN B 399 -14.10 2.49 -4.38
CA GLN B 399 -13.58 1.84 -5.59
C GLN B 399 -14.61 0.93 -6.26
N ASP B 400 -15.37 0.19 -5.47
CA ASP B 400 -16.29 -0.81 -6.00
C ASP B 400 -17.70 -0.26 -6.22
N VAL B 401 -18.05 0.80 -5.49
CA VAL B 401 -19.33 1.47 -5.70
C VAL B 401 -19.10 2.66 -6.64
N ALA B 402 -17.94 3.31 -6.46
CA ALA B 402 -17.49 4.38 -7.35
C ALA B 402 -18.51 5.50 -7.49
N SER B 403 -18.75 5.91 -8.74
CA SER B 403 -19.66 7.02 -9.03
C SER B 403 -21.11 6.69 -8.68
N GLY B 404 -21.38 5.43 -8.36
CA GLY B 404 -22.72 5.02 -7.96
C GLY B 404 -23.17 5.67 -6.67
N LEU B 405 -22.22 6.20 -5.91
CA LEU B 405 -22.53 6.93 -4.69
C LEU B 405 -23.08 8.32 -4.99
N MSE B 406 -22.89 8.76 -6.22
CA MSE B 406 -23.37 10.08 -6.64
C MSE B 406 -24.64 10.00 -7.47
O MSE B 406 -25.19 11.02 -7.88
CB MSE B 406 -22.27 10.81 -7.43
CG MSE B 406 -21.06 11.20 -6.59
SE MSE B 406 -21.33 12.75 -5.44
CE MSE B 406 -22.06 11.86 -3.86
N TYR B 407 -25.11 8.77 -7.73
CA TYR B 407 -26.37 8.57 -8.44
C TYR B 407 -27.57 8.88 -7.54
N VAL B 408 -27.62 10.10 -7.01
CA VAL B 408 -28.63 10.46 -6.04
C VAL B 408 -29.24 11.83 -6.27
N ASN B 409 -30.38 12.07 -5.64
CA ASN B 409 -31.06 13.36 -5.73
C ASN B 409 -30.76 14.23 -4.50
N SER B 410 -31.15 15.50 -4.58
CA SER B 410 -30.85 16.47 -3.53
C SER B 410 -31.45 16.08 -2.18
N SER B 411 -32.74 15.78 -2.16
CA SER B 411 -33.42 15.47 -0.92
C SER B 411 -34.68 14.64 -1.14
N THR B 412 -35.37 14.35 -0.04
CA THR B 412 -36.57 13.53 -0.08
C THR B 412 -37.72 14.23 -0.78
N GLU B 413 -37.64 15.56 -0.86
CA GLU B 413 -38.71 16.34 -1.46
C GLU B 413 -38.76 16.11 -2.97
N ASP B 414 -37.66 15.60 -3.52
CA ASP B 414 -37.57 15.31 -4.94
C ASP B 414 -38.46 14.13 -5.30
N PHE B 415 -38.67 13.21 -4.36
CA PHE B 415 -39.55 12.08 -4.59
C PHE B 415 -41.03 12.49 -4.50
N ARG B 416 -41.32 13.49 -3.68
CA ARG B 416 -42.69 13.97 -3.51
C ARG B 416 -43.07 14.97 -4.60
N ASN B 417 -42.09 15.71 -5.10
CA ASN B 417 -42.32 16.66 -6.19
C ASN B 417 -42.76 15.91 -7.44
N PRO B 418 -43.98 16.20 -7.91
CA PRO B 418 -44.53 15.58 -9.13
C PRO B 418 -43.68 15.84 -10.36
N GLU B 419 -42.89 16.92 -10.32
CA GLU B 419 -42.06 17.31 -11.44
C GLU B 419 -40.81 16.43 -11.58
N THR B 420 -40.37 15.86 -10.46
CA THR B 420 -39.14 15.08 -10.45
C THR B 420 -39.33 13.65 -9.95
N GLY B 421 -40.31 13.46 -9.06
CA GLY B 421 -40.57 12.17 -8.44
C GLY B 421 -40.59 10.97 -9.37
N PRO B 422 -41.54 10.94 -10.31
CA PRO B 422 -41.66 9.85 -11.29
C PRO B 422 -40.36 9.60 -12.06
N TYR B 423 -39.63 10.65 -12.37
CA TYR B 423 -38.36 10.52 -13.10
C TYR B 423 -37.33 9.74 -12.29
N LEU B 424 -37.22 10.05 -11.00
CA LEU B 424 -36.29 9.35 -10.12
C LEU B 424 -36.65 7.87 -10.05
N GLU B 425 -37.95 7.60 -9.99
CA GLU B 425 -38.45 6.24 -9.86
C GLU B 425 -38.16 5.40 -11.11
N LYS B 426 -38.00 6.08 -12.25
CA LYS B 426 -37.72 5.40 -13.50
C LYS B 426 -36.23 5.16 -13.74
N TYR B 427 -35.41 6.14 -13.41
CA TYR B 427 -34.00 6.12 -13.80
C TYR B 427 -33.02 5.72 -12.70
N LEU B 428 -33.50 5.62 -11.47
CA LEU B 428 -32.61 5.29 -10.36
C LEU B 428 -32.94 3.95 -9.71
N ARG B 429 -33.51 3.03 -10.47
CA ARG B 429 -33.78 1.70 -9.96
C ARG B 429 -32.49 0.90 -9.91
N GLY B 430 -32.47 -0.14 -9.07
CA GLY B 430 -31.30 -0.99 -8.95
C GLY B 430 -31.36 -2.22 -9.86
N SER B 431 -30.24 -2.92 -9.96
CA SER B 431 -30.18 -4.14 -10.77
C SER B 431 -30.86 -5.26 -10.01
N ASP B 432 -30.95 -5.10 -8.70
CA ASP B 432 -31.58 -6.07 -7.81
C ASP B 432 -33.07 -6.27 -8.09
N GLY B 433 -33.64 -5.36 -8.87
CA GLY B 433 -35.09 -5.31 -9.05
C GLY B 433 -35.63 -4.33 -8.03
N ALA B 434 -34.72 -3.67 -7.34
CA ALA B 434 -35.05 -2.72 -6.29
C ALA B 434 -35.53 -1.38 -6.86
N GLY B 435 -36.29 -0.65 -6.05
CA GLY B 435 -36.79 0.65 -6.45
C GLY B 435 -35.77 1.75 -6.25
N ALA B 436 -36.10 2.94 -6.74
CA ALA B 436 -35.22 4.09 -6.62
C ALA B 436 -35.07 4.55 -5.18
N VAL B 437 -36.15 4.48 -4.41
CA VAL B 437 -36.14 4.89 -3.01
C VAL B 437 -35.15 4.06 -2.21
N GLU B 438 -35.19 2.75 -2.42
CA GLU B 438 -34.29 1.84 -1.72
C GLU B 438 -32.84 2.09 -2.11
N ARG B 439 -32.59 2.30 -3.40
CA ARG B 439 -31.24 2.53 -3.88
C ARG B 439 -30.64 3.82 -3.31
N VAL B 440 -31.42 4.90 -3.39
CA VAL B 440 -30.97 6.19 -2.88
C VAL B 440 -30.77 6.11 -1.37
N LYS B 441 -31.60 5.30 -0.71
CA LYS B 441 -31.51 5.09 0.73
C LYS B 441 -30.17 4.46 1.10
N VAL B 442 -29.78 3.43 0.37
CA VAL B 442 -28.52 2.73 0.61
C VAL B 442 -27.33 3.61 0.26
N MSE B 443 -27.39 4.27 -0.89
CA MSE B 443 -26.29 5.11 -1.36
C MSE B 443 -26.01 6.26 -0.38
O MSE B 443 -24.86 6.56 -0.09
CB MSE B 443 -26.59 5.68 -2.75
CG MSE B 443 -26.65 4.65 -3.86
SE MSE B 443 -25.08 3.49 -3.95
CE MSE B 443 -25.88 1.88 -3.21
N LYS B 444 -27.08 6.91 0.10
CA LYS B 444 -26.93 8.04 1.00
C LYS B 444 -26.48 7.60 2.38
N LEU B 445 -26.89 6.40 2.79
CA LEU B 445 -26.45 5.82 4.05
C LEU B 445 -24.99 5.46 3.97
N LEU B 446 -24.59 4.87 2.84
CA LEU B 446 -23.22 4.48 2.61
C LEU B 446 -22.30 5.70 2.50
N TRP B 447 -22.78 6.74 1.83
CA TRP B 447 -22.00 7.96 1.66
C TRP B 447 -21.85 8.71 2.98
N ASP B 448 -22.89 8.71 3.79
CA ASP B 448 -22.85 9.34 5.11
C ASP B 448 -21.84 8.63 6.00
N ALA B 449 -21.59 7.37 5.68
CA ALA B 449 -20.65 6.54 6.44
C ALA B 449 -19.23 6.66 5.91
N VAL B 450 -19.08 7.21 4.71
CA VAL B 450 -17.80 7.16 4.00
C VAL B 450 -17.27 8.52 3.55
N GLY B 451 -18.14 9.35 2.97
CA GLY B 451 -17.67 10.55 2.31
C GLY B 451 -18.17 11.88 2.84
N SER B 452 -19.14 11.85 3.75
CA SER B 452 -19.66 13.09 4.33
C SER B 452 -18.69 13.66 5.36
N ASP B 453 -19.01 14.86 5.87
CA ASP B 453 -18.26 15.43 6.98
C ASP B 453 -18.23 14.46 8.15
N PHE B 454 -19.34 13.77 8.35
CA PHE B 454 -19.45 12.75 9.39
C PHE B 454 -18.52 11.58 9.09
N GLY B 455 -18.49 11.18 7.82
CA GLY B 455 -17.62 10.10 7.39
C GLY B 455 -16.17 10.52 7.42
N GLY B 456 -15.90 11.75 7.03
CA GLY B 456 -14.56 12.31 7.08
C GLY B 456 -14.04 12.39 8.50
N ARG B 457 -14.86 12.91 9.41
CA ARG B 457 -14.50 13.02 10.81
C ARG B 457 -14.22 11.64 11.40
N HIS B 458 -15.01 10.65 11.00
CA HIS B 458 -14.85 9.30 11.53
C HIS B 458 -13.64 8.62 10.91
N GLU B 459 -13.33 8.95 9.67
CA GLU B 459 -12.09 8.48 9.06
C GLU B 459 -10.91 9.04 9.84
N LEU B 460 -10.96 10.34 10.10
CA LEU B 460 -9.95 11.02 10.90
C LEU B 460 -9.92 10.48 12.32
N TYR B 461 -11.09 10.16 12.86
CA TYR B 461 -11.19 9.63 14.22
C TYR B 461 -10.50 8.28 14.33
N GLU B 462 -10.99 7.29 13.60
CA GLU B 462 -10.45 5.94 13.65
C GLU B 462 -8.97 5.87 13.27
N ARG B 463 -8.45 6.95 12.68
CA ARG B 463 -7.04 7.01 12.32
C ARG B 463 -6.16 7.54 13.46
N ASN B 464 -6.70 8.45 14.26
CA ASN B 464 -5.90 9.09 15.31
C ASN B 464 -6.56 9.04 16.68
N TYR B 465 -7.57 8.19 16.83
CA TYR B 465 -8.34 8.03 18.06
C TYR B 465 -7.46 7.74 19.28
N SER B 466 -6.40 6.97 19.09
CA SER B 466 -5.53 6.60 20.21
C SER B 466 -4.20 7.32 20.13
N GLY B 467 -3.84 7.77 18.94
CA GLY B 467 -2.60 8.49 18.72
C GLY B 467 -2.25 8.58 17.26
N ASN B 468 -1.28 9.41 16.92
CA ASN B 468 -0.82 9.55 15.54
C ASN B 468 -0.13 8.26 15.08
N HIS B 469 -0.04 8.08 13.76
CA HIS B 469 0.41 6.82 13.19
C HIS B 469 1.87 6.48 13.52
N GLU B 470 2.62 7.46 14.03
CA GLU B 470 4.01 7.22 14.43
C GLU B 470 4.12 6.73 15.88
N ASN B 471 3.46 7.44 16.78
CA ASN B 471 3.56 7.13 18.21
C ASN B 471 2.96 5.78 18.58
N THR B 472 1.92 5.38 17.86
CA THR B 472 1.26 4.09 18.11
C THR B 472 2.24 2.93 17.92
N ARG B 473 3.10 3.06 16.93
CA ARG B 473 4.10 2.04 16.64
C ARG B 473 5.31 2.13 17.59
N ILE B 474 5.71 3.36 17.89
CA ILE B 474 6.85 3.59 18.79
C ILE B 474 6.54 3.13 20.21
N GLU B 475 5.36 3.48 20.71
CA GLU B 475 4.96 3.10 22.05
C GLU B 475 4.86 1.59 22.21
N LEU B 476 4.57 0.90 21.12
CA LEU B 476 4.55 -0.56 21.12
C LEU B 476 5.98 -1.05 21.29
N LEU B 477 6.90 -0.43 20.57
CA LEU B 477 8.33 -0.75 20.68
C LEU B 477 8.85 -0.46 22.06
N LEU B 478 8.47 0.69 22.62
CA LEU B 478 8.90 1.08 23.95
C LEU B 478 8.34 0.11 24.99
N SER B 479 7.09 -0.30 24.80
CA SER B 479 6.44 -1.23 25.71
C SER B 479 7.12 -2.60 25.69
N GLN B 480 7.53 -3.04 24.50
CA GLN B 480 8.19 -4.34 24.37
C GLN B 480 9.67 -4.27 24.76
N THR B 481 10.25 -3.08 24.68
CA THR B 481 11.62 -2.88 25.10
C THR B 481 11.73 -2.92 26.62
N ALA B 482 10.78 -2.27 27.28
CA ALA B 482 10.74 -2.21 28.74
C ALA B 482 10.44 -3.57 29.36
N SER B 483 9.61 -4.37 28.67
CA SER B 483 9.22 -5.68 29.18
C SER B 483 10.27 -6.73 28.87
N GLY B 484 11.29 -6.35 28.11
CA GLY B 484 12.35 -7.28 27.74
C GLY B 484 11.96 -8.21 26.61
N LYS B 485 10.77 -8.00 26.04
CA LYS B 485 10.31 -8.80 24.92
C LYS B 485 11.18 -8.59 23.69
N LEU B 486 11.59 -7.34 23.46
CA LEU B 486 12.48 -7.01 22.36
C LEU B 486 13.83 -7.66 22.58
N ASP B 487 14.26 -7.70 23.84
CA ASP B 487 15.51 -8.36 24.20
C ASP B 487 15.42 -9.86 23.96
N SER B 488 14.22 -10.41 24.16
CA SER B 488 13.98 -11.83 23.93
C SER B 488 14.11 -12.18 22.45
N TYR B 489 13.62 -11.29 21.58
CA TYR B 489 13.68 -11.51 20.14
C TYR B 489 15.12 -11.50 19.65
N MSE B 490 15.93 -10.62 20.23
CA MSE B 490 17.33 -10.51 19.86
C MSE B 490 18.13 -11.71 20.36
O MSE B 490 19.07 -12.15 19.72
CB MSE B 490 17.92 -9.20 20.40
CG MSE B 490 17.29 -7.95 19.80
SE MSE B 490 18.17 -6.29 20.33
CE MSE B 490 17.76 -6.31 22.24
N ASP B 491 17.73 -12.24 21.51
CA ASP B 491 18.34 -13.46 22.05
C ASP B 491 17.96 -14.65 21.18
N PHE B 492 16.75 -14.61 20.64
CA PHE B 492 16.26 -15.63 19.73
C PHE B 492 17.12 -15.69 18.48
N ALA B 493 17.38 -14.54 17.88
CA ALA B 493 18.23 -14.46 16.69
C ALA B 493 19.68 -14.78 17.02
N GLN B 494 20.12 -14.39 18.21
CA GLN B 494 21.49 -14.65 18.65
C GLN B 494 21.73 -16.15 18.81
N ALA B 495 20.70 -16.87 19.23
CA ALA B 495 20.79 -18.32 19.40
C ALA B 495 21.08 -19.01 18.08
N CYS B 496 20.65 -18.39 16.99
CA CYS B 496 20.90 -18.90 15.65
C CYS B 496 22.36 -18.72 15.26
N MSE B 497 22.92 -17.57 15.62
CA MSE B 497 24.29 -17.23 15.27
C MSE B 497 25.30 -18.00 16.10
O MSE B 497 26.45 -18.18 15.69
CB MSE B 497 24.52 -15.73 15.41
CG MSE B 497 23.40 -14.88 14.84
SE MSE B 497 23.76 -12.97 15.00
CE MSE B 497 21.97 -12.29 14.64
N ASP B 498 24.88 -18.44 17.28
CA ASP B 498 25.76 -19.18 18.19
C ASP B 498 26.02 -20.60 17.69
N GLU B 499 25.27 -21.02 16.67
CA GLU B 499 25.38 -22.38 16.16
C GLU B 499 26.38 -22.49 15.00
N TYR B 500 27.05 -21.39 14.69
CA TYR B 500 28.07 -21.41 13.66
C TYR B 500 29.10 -20.29 13.83
N ASP B 501 30.16 -20.35 13.04
CA ASP B 501 31.21 -19.33 13.06
C ASP B 501 31.99 -19.36 11.76
N LEU B 502 33.11 -18.65 11.72
CA LEU B 502 33.92 -18.55 10.51
C LEU B 502 34.48 -19.90 10.08
N ASP B 503 34.51 -20.84 11.03
CA ASP B 503 35.01 -22.19 10.76
C ASP B 503 33.92 -23.09 10.19
N GLY B 504 32.68 -22.81 10.54
CA GLY B 504 31.57 -23.65 10.15
C GLY B 504 30.56 -23.75 11.29
N TRP B 505 29.85 -24.86 11.35
CA TRP B 505 28.90 -25.08 12.44
C TRP B 505 29.63 -25.28 13.77
N THR B 506 29.01 -24.84 14.85
CA THR B 506 29.53 -25.13 16.19
C THR B 506 28.69 -26.22 16.82
N ALA B 507 27.49 -26.42 16.27
CA ALA B 507 26.62 -27.52 16.69
C ALA B 507 27.18 -28.84 16.20
N PRO B 508 27.24 -29.85 17.08
CA PRO B 508 27.83 -31.16 16.79
C PRO B 508 27.10 -31.94 15.71
N ASP B 509 25.78 -31.83 15.67
CA ASP B 509 24.97 -32.67 14.78
C ASP B 509 24.88 -32.13 13.35
N LEU B 510 25.58 -31.03 13.07
CA LEU B 510 25.52 -30.42 11.75
C LEU B 510 26.83 -30.57 10.96
N GLU B 511 26.70 -30.77 9.65
CA GLU B 511 27.86 -30.93 8.78
C GLU B 511 28.18 -29.63 8.04
N SER B 512 29.47 -29.29 7.99
CA SER B 512 29.89 -28.03 7.36
C SER B 512 30.29 -28.22 5.91
N PHE B 513 30.57 -29.46 5.51
CA PHE B 513 30.99 -29.79 4.16
C PHE B 513 32.21 -28.98 3.72
N HIS B 514 33.21 -28.90 4.59
CA HIS B 514 34.44 -28.17 4.32
C HIS B 514 35.14 -28.68 3.07
N ALA B 515 35.11 -30.01 2.90
CA ALA B 515 35.80 -30.66 1.80
C ALA B 515 35.27 -30.22 0.44
N MSE B 516 33.98 -30.44 0.19
CA MSE B 516 33.41 -30.12 -1.12
C MSE B 516 33.34 -28.61 -1.34
O MSE B 516 33.22 -28.15 -2.47
CB MSE B 516 32.03 -30.74 -1.28
CG MSE B 516 30.94 -30.11 -0.42
SE MSE B 516 29.19 -30.85 -0.86
CE MSE B 516 29.60 -32.74 -0.58
N ARG B 517 33.40 -27.84 -0.25
CA ARG B 517 33.42 -26.40 -0.34
C ARG B 517 34.76 -25.90 -0.85
N SER B 518 35.83 -26.42 -0.25
CA SER B 518 37.18 -26.06 -0.66
C SER B 518 37.51 -26.62 -2.04
N ALA B 519 36.94 -27.79 -2.34
CA ALA B 519 37.11 -28.42 -3.64
C ALA B 519 36.51 -27.56 -4.75
N SER B 520 35.37 -26.96 -4.45
CA SER B 520 34.70 -26.07 -5.40
C SER B 520 35.46 -24.77 -5.57
N ARG B 521 36.12 -24.32 -4.49
CA ARG B 521 36.93 -23.12 -4.55
C ARG B 521 38.13 -23.34 -5.47
N ASP B 522 38.62 -24.56 -5.51
CA ASP B 522 39.78 -24.90 -6.34
C ASP B 522 39.41 -24.92 -7.81
N LEU B 523 38.12 -25.10 -8.10
CA LEU B 523 37.63 -25.05 -9.47
C LEU B 523 37.82 -23.66 -10.06
N LEU B 524 37.89 -22.66 -9.18
CA LEU B 524 38.09 -21.28 -9.60
C LEU B 524 39.47 -20.77 -9.18
N GLY B 525 40.45 -21.67 -9.17
CA GLY B 525 41.81 -21.30 -8.83
C GLY B 525 42.55 -20.76 -10.04
N GLY B 526 43.39 -19.76 -9.81
CA GLY B 526 44.14 -19.13 -10.88
C GLY B 526 43.27 -18.60 -12.00
N GLY C 17 40.23 8.43 -38.97
CA GLY C 17 39.70 9.16 -37.83
C GLY C 17 39.81 8.39 -36.54
N THR C 18 39.58 9.05 -35.42
CA THR C 18 39.63 8.41 -34.10
C THR C 18 38.34 7.68 -33.75
N ARG C 19 38.48 6.44 -33.28
CA ARG C 19 37.35 5.61 -32.89
C ARG C 19 37.42 5.23 -31.41
N PRO C 20 36.26 4.92 -30.80
CA PRO C 20 36.24 4.41 -29.43
C PRO C 20 36.76 2.97 -29.35
N LEU C 21 36.83 2.42 -28.14
CA LEU C 21 37.31 1.05 -27.96
C LEU C 21 36.39 0.03 -28.60
N THR C 22 36.97 -1.09 -29.03
CA THR C 22 36.19 -2.22 -29.51
C THR C 22 36.00 -3.22 -28.38
N GLY C 23 35.24 -4.29 -28.64
CA GLY C 23 35.01 -5.32 -27.65
C GLY C 23 36.31 -5.95 -27.16
N GLU C 24 37.20 -6.27 -28.10
CA GLU C 24 38.48 -6.89 -27.77
C GLU C 24 39.42 -5.94 -27.05
N GLU C 25 39.42 -4.68 -27.48
CA GLU C 25 40.28 -3.67 -26.87
C GLU C 25 39.88 -3.41 -25.42
N TYR C 26 38.57 -3.35 -25.16
CA TYR C 26 38.06 -3.19 -23.81
C TYR C 26 38.45 -4.37 -22.93
N LEU C 27 38.33 -5.57 -23.47
CA LEU C 27 38.66 -6.78 -22.74
C LEU C 27 40.15 -6.83 -22.40
N GLU C 28 40.97 -6.40 -23.36
CA GLU C 28 42.42 -6.36 -23.15
C GLU C 28 42.81 -5.30 -22.12
N SER C 29 42.00 -4.24 -22.03
CA SER C 29 42.28 -3.15 -21.11
C SER C 29 42.05 -3.58 -19.66
N LEU C 30 41.30 -4.67 -19.48
CA LEU C 30 41.02 -5.18 -18.14
C LEU C 30 42.10 -6.16 -17.70
N ARG C 31 42.89 -6.63 -18.66
CA ARG C 31 43.95 -7.60 -18.37
C ARG C 31 45.22 -6.91 -17.86
N ASP C 32 45.06 -6.07 -16.84
CA ASP C 32 46.19 -5.37 -16.25
C ASP C 32 46.46 -5.89 -14.84
N ALA C 33 47.18 -5.10 -14.05
CA ALA C 33 47.59 -5.53 -12.72
C ALA C 33 46.55 -5.23 -11.65
N ARG C 34 45.28 -5.20 -12.02
CA ARG C 34 44.22 -4.94 -11.05
C ARG C 34 44.15 -6.06 -10.02
N GLU C 35 44.06 -5.67 -8.75
CA GLU C 35 44.07 -6.63 -7.65
C GLU C 35 42.67 -6.90 -7.12
N VAL C 36 41.95 -7.81 -7.78
CA VAL C 36 40.59 -8.16 -7.39
C VAL C 36 40.53 -9.44 -6.56
N TYR C 37 39.81 -9.39 -5.45
CA TYR C 37 39.67 -10.55 -4.57
C TYR C 37 38.25 -11.10 -4.58
N LEU C 38 38.14 -12.42 -4.47
CA LEU C 38 36.85 -13.10 -4.49
C LEU C 38 36.99 -14.50 -3.91
N ASP C 39 36.16 -14.82 -2.91
CA ASP C 39 36.17 -16.12 -2.26
C ASP C 39 37.55 -16.43 -1.68
N GLY C 40 38.19 -15.38 -1.15
CA GLY C 40 39.48 -15.53 -0.49
C GLY C 40 40.68 -15.62 -1.40
N SER C 41 40.43 -15.76 -2.70
CA SER C 41 41.50 -15.85 -3.67
C SER C 41 41.60 -14.57 -4.49
N ARG C 42 42.79 -14.28 -4.99
CA ARG C 42 42.97 -13.15 -5.90
C ARG C 42 42.67 -13.60 -7.32
N VAL C 43 41.91 -12.80 -8.05
CA VAL C 43 41.58 -13.12 -9.43
C VAL C 43 42.74 -12.78 -10.37
N LYS C 44 43.33 -13.80 -10.98
CA LYS C 44 44.48 -13.60 -11.87
C LYS C 44 44.06 -12.89 -13.15
N ASP C 45 43.05 -13.42 -13.82
CA ASP C 45 42.51 -12.80 -15.02
C ASP C 45 41.02 -12.54 -14.88
N VAL C 46 40.67 -11.26 -14.77
CA VAL C 46 39.29 -10.84 -14.57
C VAL C 46 38.41 -11.24 -15.75
N THR C 47 38.95 -11.15 -16.96
CA THR C 47 38.20 -11.46 -18.17
C THR C 47 38.02 -12.97 -18.37
N ALA C 48 38.64 -13.76 -17.50
CA ALA C 48 38.60 -15.22 -17.64
C ALA C 48 37.78 -15.87 -16.52
N HIS C 49 37.77 -15.25 -15.36
CA HIS C 49 37.03 -15.77 -14.22
C HIS C 49 35.53 -15.71 -14.47
N PRO C 50 34.81 -16.81 -14.16
CA PRO C 50 33.37 -16.93 -14.38
C PRO C 50 32.55 -15.80 -13.78
N ALA C 51 33.05 -15.21 -12.70
CA ALA C 51 32.37 -14.10 -12.03
C ALA C 51 32.28 -12.87 -12.93
N PHE C 52 33.25 -12.73 -13.83
CA PHE C 52 33.33 -11.52 -14.65
C PHE C 52 33.39 -11.81 -16.15
N HIS C 53 33.58 -13.08 -16.51
CA HIS C 53 33.78 -13.45 -17.91
C HIS C 53 32.61 -13.02 -18.79
N ASN C 54 31.45 -13.64 -18.57
CA ASN C 54 30.25 -13.31 -19.33
C ASN C 54 29.75 -11.86 -19.13
N PRO C 55 29.85 -11.31 -17.90
CA PRO C 55 29.52 -9.89 -17.78
C PRO C 55 30.41 -8.98 -18.64
N ALA C 56 31.68 -9.35 -18.79
CA ALA C 56 32.61 -8.57 -19.60
C ALA C 56 32.26 -8.68 -21.08
N ARG C 57 31.82 -9.86 -21.50
CA ARG C 57 31.42 -10.08 -22.89
C ARG C 57 30.17 -9.29 -23.25
N MSE C 58 29.29 -9.08 -22.26
CA MSE C 58 28.09 -8.28 -22.48
C MSE C 58 28.43 -6.80 -22.60
O MSE C 58 27.83 -6.09 -23.41
CB MSE C 58 27.10 -8.50 -21.33
CG MSE C 58 26.52 -9.90 -21.26
SE MSE C 58 25.42 -10.34 -22.82
CE MSE C 58 23.98 -9.06 -22.54
N THR C 59 29.40 -6.36 -21.82
CA THR C 59 29.88 -4.98 -21.90
C THR C 59 30.65 -4.79 -23.21
N ALA C 60 31.31 -5.85 -23.66
CA ALA C 60 32.05 -5.83 -24.91
C ALA C 60 31.10 -5.63 -26.09
N ARG C 61 29.88 -6.13 -25.95
CA ARG C 61 28.84 -5.95 -26.96
C ARG C 61 28.51 -4.48 -27.16
N LEU C 62 28.51 -3.73 -26.07
CA LEU C 62 28.22 -2.30 -26.10
C LEU C 62 29.26 -1.53 -26.89
N TYR C 63 30.54 -1.84 -26.64
CA TYR C 63 31.64 -1.21 -27.35
C TYR C 63 31.63 -1.54 -28.83
N ASP C 64 31.27 -2.79 -29.14
CA ASP C 64 31.23 -3.25 -30.53
C ASP C 64 30.10 -2.57 -31.31
N SER C 65 29.03 -2.21 -30.61
CA SER C 65 27.88 -1.57 -31.23
C SER C 65 28.23 -0.17 -31.75
N LEU C 66 29.22 0.46 -31.12
CA LEU C 66 29.67 1.79 -31.51
C LEU C 66 30.33 1.79 -32.88
N HIS C 67 30.75 0.61 -33.33
CA HIS C 67 31.46 0.49 -34.60
C HIS C 67 30.55 -0.07 -35.69
N ASP C 68 29.36 -0.49 -35.29
CA ASP C 68 28.35 -0.95 -36.24
C ASP C 68 27.77 0.25 -36.97
N PRO C 69 27.94 0.29 -38.30
CA PRO C 69 27.44 1.40 -39.13
C PRO C 69 25.92 1.55 -39.05
N ALA C 70 25.24 0.47 -38.70
CA ALA C 70 23.79 0.48 -38.58
C ALA C 70 23.32 1.11 -37.26
N GLN C 71 24.27 1.40 -36.37
CA GLN C 71 23.91 1.93 -35.06
C GLN C 71 24.59 3.27 -34.74
N LYS C 72 25.43 3.75 -35.65
CA LYS C 72 26.18 4.98 -35.39
C LYS C 72 25.28 6.20 -35.32
N ALA C 73 24.22 6.23 -36.12
CA ALA C 73 23.30 7.36 -36.14
C ALA C 73 22.59 7.50 -34.80
N VAL C 74 22.25 6.36 -34.19
CA VAL C 74 21.55 6.34 -32.91
C VAL C 74 22.52 6.53 -31.74
N LEU C 75 23.66 5.84 -31.81
CA LEU C 75 24.57 5.75 -30.67
C LEU C 75 25.67 6.81 -30.64
N THR C 76 26.08 7.31 -31.81
CA THR C 76 27.30 8.10 -31.88
C THR C 76 27.11 9.57 -32.24
N ALA C 77 28.19 10.33 -32.07
CA ALA C 77 28.21 11.77 -32.32
C ALA C 77 29.67 12.22 -32.35
N PRO C 78 29.95 13.38 -32.97
CA PRO C 78 31.35 13.85 -32.99
C PRO C 78 31.91 14.10 -31.59
N THR C 79 33.24 14.21 -31.49
CA THR C 79 33.91 14.23 -30.19
C THR C 79 34.49 15.59 -29.79
N ASP C 80 33.74 16.66 -30.07
CA ASP C 80 34.14 18.02 -29.72
C ASP C 80 35.41 18.48 -30.45
N ALA C 81 36.48 17.71 -30.32
CA ALA C 81 37.71 17.98 -31.04
C ALA C 81 37.52 17.77 -32.55
N GLY C 82 36.55 16.92 -32.90
CA GLY C 82 36.21 16.71 -34.28
C GLY C 82 37.13 15.74 -34.99
N ASP C 83 38.08 15.18 -34.24
CA ASP C 83 39.05 14.26 -34.81
C ASP C 83 38.48 12.85 -34.97
N GLY C 84 37.25 12.66 -34.51
CA GLY C 84 36.60 11.36 -34.57
C GLY C 84 35.18 11.40 -34.04
N PHE C 85 34.66 10.24 -33.68
CA PHE C 85 33.32 10.15 -33.11
C PHE C 85 33.37 9.49 -31.74
N THR C 86 32.24 9.47 -31.06
CA THR C 86 32.16 8.94 -29.69
C THR C 86 30.74 8.57 -29.35
N HIS C 87 30.54 7.99 -28.16
CA HIS C 87 29.20 7.71 -27.71
C HIS C 87 28.49 9.02 -27.44
N ARG C 88 27.27 9.15 -27.94
CA ARG C 88 26.56 10.42 -27.94
C ARG C 88 26.32 11.01 -26.55
N PHE C 89 26.13 10.15 -25.55
CA PHE C 89 25.82 10.62 -24.20
C PHE C 89 27.05 11.21 -23.49
N PHE C 90 28.22 11.03 -24.09
CA PHE C 90 29.44 11.59 -23.53
C PHE C 90 29.63 13.04 -23.97
N THR C 91 28.69 13.53 -24.77
CA THR C 91 28.71 14.91 -25.23
C THR C 91 27.54 15.70 -24.66
N ALA C 92 27.78 16.98 -24.37
CA ALA C 92 26.75 17.84 -23.82
C ALA C 92 25.72 18.25 -24.86
N PRO C 93 24.42 18.09 -24.53
CA PRO C 93 23.31 18.48 -25.39
C PRO C 93 23.11 19.99 -25.48
N ARG C 94 22.73 20.49 -26.65
CA ARG C 94 22.51 21.91 -26.85
C ARG C 94 21.10 22.19 -27.36
N SER C 95 20.29 21.15 -27.44
CA SER C 95 18.92 21.29 -27.91
C SER C 95 18.06 20.14 -27.38
N VAL C 96 16.75 20.29 -27.48
CA VAL C 96 15.82 19.25 -27.08
C VAL C 96 16.03 18.01 -27.95
N ASP C 97 16.32 18.24 -29.22
CA ASP C 97 16.57 17.17 -30.17
C ASP C 97 17.74 16.28 -29.74
N ASP C 98 18.76 16.90 -29.14
CA ASP C 98 19.92 16.15 -28.66
C ASP C 98 19.56 15.22 -27.50
N LEU C 99 18.76 15.72 -26.57
CA LEU C 99 18.38 14.94 -25.39
C LEU C 99 17.43 13.82 -25.75
N VAL C 100 16.64 14.01 -26.80
CA VAL C 100 15.77 12.95 -27.30
C VAL C 100 16.63 11.85 -27.92
N LYS C 101 17.68 12.26 -28.64
CA LYS C 101 18.63 11.31 -29.20
C LYS C 101 19.44 10.64 -28.09
N ASP C 102 19.72 11.39 -27.03
CA ASP C 102 20.37 10.84 -25.84
C ASP C 102 19.51 9.74 -25.23
N GLN C 103 18.20 9.99 -25.18
CA GLN C 103 17.25 9.02 -24.65
C GLN C 103 17.27 7.73 -25.47
N ALA C 104 17.35 7.87 -26.79
CA ALA C 104 17.38 6.72 -27.68
C ALA C 104 18.67 5.92 -27.50
N ALA C 105 19.78 6.63 -27.34
CA ALA C 105 21.08 5.99 -27.16
C ALA C 105 21.14 5.20 -25.85
N ILE C 106 20.63 5.80 -24.78
CA ILE C 106 20.59 5.15 -23.48
C ILE C 106 19.69 3.93 -23.52
N ALA C 107 18.53 4.08 -24.14
CA ALA C 107 17.58 2.98 -24.28
C ALA C 107 18.14 1.86 -25.15
N SER C 108 18.96 2.24 -26.12
CA SER C 108 19.57 1.26 -27.03
C SER C 108 20.49 0.31 -26.29
N TRP C 109 21.43 0.85 -25.52
CA TRP C 109 22.37 0.04 -24.76
C TRP C 109 21.69 -0.70 -23.62
N ALA C 110 20.61 -0.13 -23.10
CA ALA C 110 19.86 -0.75 -22.03
C ALA C 110 19.21 -2.06 -22.50
N ARG C 111 18.73 -2.05 -23.74
CA ARG C 111 18.08 -3.22 -24.32
C ARG C 111 19.08 -4.35 -24.56
N LYS C 112 20.34 -3.99 -24.82
CA LYS C 112 21.38 -4.97 -25.08
C LYS C 112 21.68 -5.80 -23.85
N SER C 113 21.43 -5.21 -22.68
CA SER C 113 21.60 -5.92 -21.42
C SER C 113 20.24 -6.20 -20.80
N TYR C 114 19.20 -5.96 -21.59
CA TYR C 114 17.81 -6.18 -21.19
C TYR C 114 17.42 -5.36 -19.97
N GLY C 115 18.09 -4.22 -19.79
CA GLY C 115 17.75 -3.26 -18.76
C GLY C 115 18.27 -3.58 -17.37
N TRP C 116 19.14 -4.58 -17.25
CA TRP C 116 19.61 -5.01 -15.95
C TRP C 116 20.93 -4.37 -15.55
N MSE C 117 21.86 -4.24 -16.49
N MSE C 117 21.85 -4.25 -16.50
CA MSE C 117 23.15 -3.65 -16.17
CA MSE C 117 23.13 -3.59 -16.27
C MSE C 117 23.07 -2.13 -16.04
C MSE C 117 22.92 -2.10 -16.07
O MSE C 117 23.22 -1.40 -17.01
O MSE C 117 22.88 -1.33 -17.04
CB MSE C 117 24.20 -4.05 -17.22
CB MSE C 117 24.09 -3.84 -17.43
CG MSE C 117 24.30 -5.56 -17.41
CG MSE C 117 25.46 -3.20 -17.27
SE MSE C 117 25.98 -6.16 -18.18
SE MSE C 117 26.58 -3.39 -18.84
CE MSE C 117 26.01 -5.04 -19.77
CE MSE C 117 26.64 -5.34 -18.94
N GLY C 118 22.79 -1.67 -14.82
CA GLY C 118 22.61 -0.28 -14.52
C GLY C 118 23.87 0.56 -14.55
N ARG C 119 24.99 -0.04 -14.15
CA ARG C 119 26.26 0.67 -14.11
C ARG C 119 27.07 0.44 -15.38
N SER C 120 26.38 0.45 -16.52
CA SER C 120 27.02 0.39 -17.83
C SER C 120 27.94 1.60 -18.01
N PRO C 121 28.89 1.53 -18.97
CA PRO C 121 29.83 2.64 -19.18
C PRO C 121 29.18 3.99 -19.45
N ASP C 122 27.95 3.99 -19.95
CA ASP C 122 27.26 5.24 -20.27
C ASP C 122 26.64 5.89 -19.04
N TYR C 123 26.50 5.14 -17.95
CA TYR C 123 25.92 5.70 -16.73
C TYR C 123 26.82 6.77 -16.13
N LYS C 124 28.11 6.49 -16.07
CA LYS C 124 29.06 7.44 -15.50
C LYS C 124 29.29 8.60 -16.46
N ALA C 125 28.82 8.45 -17.70
CA ALA C 125 28.90 9.51 -18.69
C ALA C 125 27.96 10.66 -18.32
N SER C 126 27.09 10.42 -17.34
CA SER C 126 26.24 11.46 -16.80
C SER C 126 27.08 12.55 -16.14
N PHE C 127 28.26 12.16 -15.66
CA PHE C 127 29.23 13.10 -15.12
C PHE C 127 30.26 13.54 -16.16
N LEU C 128 30.84 12.56 -16.85
CA LEU C 128 31.92 12.83 -17.81
C LEU C 128 31.46 13.71 -18.96
N GLY C 129 30.18 13.57 -19.33
CA GLY C 129 29.62 14.32 -20.44
C GLY C 129 29.46 15.81 -20.15
N THR C 130 29.76 16.22 -18.92
CA THR C 130 29.59 17.61 -18.52
C THR C 130 30.90 18.28 -18.15
N LEU C 131 32.01 17.54 -18.28
CA LEU C 131 33.32 18.09 -17.94
C LEU C 131 33.76 19.13 -18.96
N GLY C 132 33.16 19.09 -20.15
CA GLY C 132 33.49 20.04 -21.19
C GLY C 132 32.97 21.44 -20.91
N ALA C 133 31.66 21.55 -20.65
CA ALA C 133 31.04 22.85 -20.41
C ALA C 133 31.23 23.33 -18.98
N ASN C 134 31.56 22.40 -18.09
CA ASN C 134 31.71 22.74 -16.67
C ASN C 134 33.13 22.45 -16.18
N ALA C 135 34.12 22.78 -17.01
CA ALA C 135 35.52 22.54 -16.68
C ALA C 135 36.05 23.54 -15.66
N ASP C 136 35.74 24.81 -15.87
CA ASP C 136 36.26 25.89 -15.03
C ASP C 136 35.78 25.81 -13.59
N PHE C 137 34.74 25.01 -13.35
CA PHE C 137 34.24 24.80 -12.00
C PHE C 137 35.25 24.05 -11.14
N TYR C 138 36.15 23.32 -11.80
CA TYR C 138 37.10 22.48 -11.09
C TYR C 138 38.49 23.10 -11.00
N GLU C 139 38.55 24.43 -11.14
CA GLU C 139 39.80 25.16 -10.95
C GLU C 139 40.35 24.90 -9.55
N PRO C 140 41.68 24.84 -9.40
CA PRO C 140 42.70 25.02 -10.44
C PRO C 140 42.91 23.81 -11.35
N PHE C 141 42.21 22.71 -11.05
CA PHE C 141 42.39 21.47 -11.80
C PHE C 141 41.49 21.38 -13.03
N ALA C 142 41.16 22.53 -13.61
CA ALA C 142 40.25 22.57 -14.75
C ALA C 142 40.85 21.89 -15.99
N ASP C 143 42.16 21.98 -16.15
CA ASP C 143 42.83 21.38 -17.29
C ASP C 143 42.86 19.85 -17.19
N ASN C 144 42.90 19.34 -15.96
CA ASN C 144 42.83 17.91 -15.74
C ASN C 144 41.47 17.37 -16.15
N ALA C 145 40.44 18.17 -15.89
CA ALA C 145 39.08 17.81 -16.28
C ALA C 145 38.91 17.91 -17.79
N ARG C 146 39.56 18.90 -18.40
CA ARG C 146 39.42 19.14 -19.82
C ARG C 146 40.04 18.02 -20.66
N ARG C 147 41.06 17.37 -20.11
CA ARG C 147 41.76 16.31 -20.82
C ARG C 147 41.10 14.96 -20.56
N TRP C 148 40.63 14.75 -19.33
CA TRP C 148 39.93 13.52 -19.01
C TRP C 148 38.58 13.53 -19.73
N TYR C 149 38.05 14.73 -19.96
CA TYR C 149 36.86 14.89 -20.79
C TYR C 149 37.20 14.52 -22.22
N ARG C 150 38.33 15.05 -22.69
CA ARG C 150 38.85 14.77 -24.02
C ARG C 150 39.10 13.27 -24.23
N GLU C 151 39.78 12.66 -23.28
CA GLU C 151 40.16 11.25 -23.40
C GLU C 151 38.98 10.30 -23.24
N SER C 152 38.11 10.57 -22.26
CA SER C 152 36.95 9.71 -22.01
C SER C 152 35.97 9.72 -23.18
N GLN C 153 35.99 10.80 -23.94
CA GLN C 153 35.20 10.89 -25.16
C GLN C 153 35.83 10.00 -26.23
N GLU C 154 37.15 10.08 -26.32
CA GLU C 154 37.88 9.43 -27.39
C GLU C 154 37.83 7.89 -27.37
N LYS C 155 37.90 7.28 -26.20
CA LYS C 155 37.82 5.82 -26.09
C LYS C 155 36.50 5.32 -25.49
N VAL C 156 35.64 6.23 -25.05
CA VAL C 156 34.47 5.90 -24.26
C VAL C 156 34.92 5.09 -23.04
N LEU C 157 35.53 5.80 -22.09
CA LEU C 157 36.08 5.17 -20.89
C LEU C 157 35.01 4.62 -19.97
N TYR C 158 35.36 3.57 -19.23
CA TYR C 158 34.44 2.95 -18.29
C TYR C 158 34.86 3.30 -16.86
N TRP C 159 34.15 4.23 -16.26
CA TRP C 159 34.40 4.61 -14.87
C TRP C 159 33.28 4.10 -13.96
N ASN C 160 33.63 3.79 -12.71
CA ASN C 160 32.64 3.42 -11.72
C ASN C 160 32.49 4.52 -10.67
N HIS C 161 31.26 4.74 -10.22
CA HIS C 161 30.98 5.80 -9.26
C HIS C 161 31.13 5.31 -7.83
N ALA C 162 32.30 5.55 -7.25
CA ALA C 162 32.56 5.23 -5.86
C ALA C 162 32.41 6.47 -4.99
N PHE C 163 31.30 6.58 -4.27
CA PHE C 163 31.01 7.78 -3.49
C PHE C 163 30.54 7.42 -2.09
N LEU C 164 29.97 6.23 -1.93
CA LEU C 164 29.43 5.79 -0.66
C LEU C 164 30.52 5.55 0.37
N HIS C 165 30.44 6.25 1.50
CA HIS C 165 31.40 6.07 2.57
C HIS C 165 31.19 4.72 3.24
N PRO C 166 32.30 4.07 3.62
CA PRO C 166 32.23 2.81 4.38
C PRO C 166 31.70 3.07 5.79
N PRO C 167 31.14 2.03 6.43
CA PRO C 167 30.59 2.20 7.78
C PRO C 167 31.64 2.63 8.80
N VAL C 168 31.28 3.57 9.66
CA VAL C 168 32.19 4.05 10.69
C VAL C 168 31.57 3.93 12.07
N ASP C 169 32.41 3.71 13.07
CA ASP C 169 31.96 3.60 14.44
C ASP C 169 31.83 4.99 15.06
N ARG C 170 30.60 5.43 15.32
CA ARG C 170 30.37 6.73 15.93
C ARG C 170 30.42 6.70 17.46
N SER C 171 30.94 5.62 18.01
CA SER C 171 31.12 5.52 19.46
C SER C 171 32.58 5.77 19.81
N LEU C 172 33.43 5.73 18.78
CA LEU C 172 34.82 6.18 18.90
C LEU C 172 34.90 7.67 18.55
N PRO C 173 35.97 8.34 18.99
CA PRO C 173 36.20 9.71 18.53
C PRO C 173 36.55 9.76 17.04
N ALA C 174 36.29 10.89 16.39
CA ALA C 174 36.53 11.04 14.96
C ALA C 174 38.03 10.95 14.62
N ASP C 175 38.85 11.17 15.64
CA ASP C 175 40.30 11.07 15.50
C ASP C 175 40.70 9.65 15.12
N GLU C 176 39.93 8.69 15.62
CA GLU C 176 40.20 7.29 15.35
C GLU C 176 39.50 6.75 14.10
N VAL C 177 38.31 7.26 13.82
CA VAL C 177 37.48 6.71 12.75
C VAL C 177 37.49 7.49 11.45
N GLY C 178 38.39 8.46 11.31
CA GLY C 178 38.45 9.19 10.07
C GLY C 178 39.48 8.61 9.12
N ASP C 179 40.11 7.52 9.54
CA ASP C 179 41.05 6.83 8.67
C ASP C 179 40.29 5.82 7.82
N VAL C 180 38.98 5.73 8.06
CA VAL C 180 38.11 4.85 7.30
C VAL C 180 37.66 5.55 6.01
N PHE C 181 37.65 6.87 6.05
CA PHE C 181 37.27 7.68 4.90
C PHE C 181 38.43 7.85 3.93
N ILE C 182 38.11 8.05 2.65
CA ILE C 182 39.11 8.44 1.67
C ILE C 182 39.74 9.76 2.09
N HIS C 183 41.07 9.77 2.23
CA HIS C 183 41.74 10.95 2.73
C HIS C 183 43.19 11.01 2.27
N VAL C 184 43.73 12.22 2.17
CA VAL C 184 45.12 12.42 1.80
C VAL C 184 46.00 12.29 3.04
N GLU C 185 47.01 11.45 2.95
CA GLU C 185 47.93 11.24 4.06
C GLU C 185 49.21 12.04 3.89
N ARG C 186 49.48 12.46 2.65
CA ARG C 186 50.75 13.09 2.35
C ARG C 186 50.72 13.77 0.98
N GLU C 187 51.38 14.93 0.87
CA GLU C 187 51.46 15.66 -0.39
C GLU C 187 52.87 15.60 -0.98
N THR C 188 53.08 14.66 -1.89
CA THR C 188 54.37 14.50 -2.55
C THR C 188 54.52 15.46 -3.73
N ASP C 189 55.72 15.49 -4.30
CA ASP C 189 55.97 16.30 -5.48
C ASP C 189 55.29 15.65 -6.69
N ALA C 190 55.17 14.33 -6.65
CA ALA C 190 54.55 13.58 -7.72
C ALA C 190 53.02 13.69 -7.69
N GLY C 191 52.46 13.72 -6.49
CA GLY C 191 51.01 13.78 -6.34
C GLY C 191 50.53 13.73 -4.90
N LEU C 192 49.57 12.85 -4.64
CA LEU C 192 48.95 12.76 -3.33
C LEU C 192 48.80 11.31 -2.87
N VAL C 193 49.30 11.04 -1.66
CA VAL C 193 49.18 9.71 -1.07
C VAL C 193 47.86 9.57 -0.31
N VAL C 194 47.02 8.64 -0.75
CA VAL C 194 45.66 8.54 -0.25
C VAL C 194 45.32 7.14 0.24
N SER C 195 44.71 7.07 1.42
CA SER C 195 44.20 5.82 1.96
C SER C 195 42.74 5.98 2.35
N GLY C 196 42.03 4.86 2.44
CA GLY C 196 40.61 4.89 2.73
C GLY C 196 39.87 3.83 1.95
N ALA C 197 38.55 3.96 1.89
CA ALA C 197 37.73 2.97 1.20
C ALA C 197 36.41 3.54 0.72
N LYS C 198 35.77 2.82 -0.21
CA LYS C 198 34.42 3.14 -0.67
C LYS C 198 33.64 1.85 -0.82
N VAL C 199 32.34 1.90 -0.55
CA VAL C 199 31.50 0.71 -0.60
C VAL C 199 30.50 0.77 -1.74
N VAL C 200 29.99 -0.41 -2.12
CA VAL C 200 29.06 -0.56 -3.24
C VAL C 200 29.64 0.07 -4.51
N ALA C 201 30.90 -0.23 -4.78
CA ALA C 201 31.53 0.17 -6.03
C ALA C 201 31.10 -0.79 -7.13
N THR C 202 29.88 -0.63 -7.59
CA THR C 202 29.27 -1.58 -8.53
C THR C 202 29.98 -1.59 -9.88
N GLY C 203 30.42 -2.76 -10.30
CA GLY C 203 31.05 -2.92 -11.61
C GLY C 203 32.51 -2.55 -11.66
N SER C 204 33.06 -2.14 -10.50
CA SER C 204 34.43 -1.65 -10.40
C SER C 204 35.47 -2.59 -11.01
N ALA C 205 35.29 -3.90 -10.80
CA ALA C 205 36.26 -4.89 -11.27
C ALA C 205 36.36 -4.93 -12.79
N LEU C 206 35.36 -4.39 -13.48
CA LEU C 206 35.34 -4.39 -14.93
C LEU C 206 35.50 -2.98 -15.53
N THR C 207 35.89 -2.03 -14.69
CA THR C 207 36.05 -0.65 -15.13
C THR C 207 37.50 -0.28 -15.42
N HIS C 208 37.69 0.89 -16.04
CA HIS C 208 39.02 1.38 -16.34
C HIS C 208 39.60 2.22 -15.21
N ALA C 209 38.73 2.94 -14.51
CA ALA C 209 39.16 3.82 -13.43
C ALA C 209 38.01 4.14 -12.48
N ALA C 210 38.33 4.27 -11.20
CA ALA C 210 37.33 4.64 -10.20
C ALA C 210 37.32 6.15 -9.97
N PHE C 211 36.15 6.75 -10.13
CA PHE C 211 35.98 8.17 -9.84
C PHE C 211 35.59 8.37 -8.38
N ILE C 212 36.53 8.85 -7.58
CA ILE C 212 36.29 9.05 -6.15
C ILE C 212 35.55 10.35 -5.91
N SER C 213 34.39 10.25 -5.27
CA SER C 213 33.59 11.41 -4.93
C SER C 213 32.96 11.25 -3.56
N HIS C 214 32.14 12.22 -3.16
CA HIS C 214 31.52 12.18 -1.84
C HIS C 214 30.12 12.76 -1.86
N TRP C 215 29.22 12.18 -1.08
CA TRP C 215 27.90 12.75 -0.87
C TRP C 215 28.01 13.66 0.34
N GLY C 216 28.85 14.68 0.22
CA GLY C 216 29.06 15.64 1.29
C GLY C 216 30.16 15.16 2.21
N LEU C 217 30.90 16.10 2.80
CA LEU C 217 32.00 15.76 3.70
C LEU C 217 31.49 15.49 5.12
N PRO C 218 31.77 14.28 5.63
CA PRO C 218 31.35 13.94 7.00
C PRO C 218 32.25 14.60 8.03
N ILE C 219 33.55 14.65 7.76
CA ILE C 219 34.47 15.40 8.60
C ILE C 219 34.97 16.59 7.79
N LYS C 220 34.87 17.78 8.36
CA LYS C 220 35.26 18.99 7.65
C LYS C 220 36.74 19.33 7.88
N ASP C 221 37.59 18.56 7.21
CA ASP C 221 39.03 18.78 7.24
C ASP C 221 39.57 18.69 5.82
N ARG C 222 40.62 19.46 5.53
CA ARG C 222 41.25 19.50 4.22
C ARG C 222 41.56 18.09 3.68
N LYS C 223 41.90 17.18 4.59
CA LYS C 223 42.37 15.85 4.19
C LYS C 223 41.25 15.04 3.54
N PHE C 224 40.01 15.42 3.80
CA PHE C 224 38.86 14.72 3.23
C PHE C 224 38.30 15.36 1.98
N ALA C 225 38.61 16.63 1.78
CA ALA C 225 38.12 17.36 0.61
C ALA C 225 38.89 16.95 -0.64
N LEU C 226 38.62 15.74 -1.12
CA LEU C 226 39.32 15.21 -2.28
C LEU C 226 38.37 14.60 -3.31
N VAL C 227 38.48 15.10 -4.54
CA VAL C 227 37.74 14.52 -5.67
C VAL C 227 38.70 14.24 -6.81
N ALA C 228 38.86 12.97 -7.16
CA ALA C 228 39.83 12.59 -8.18
C ALA C 228 39.51 11.23 -8.79
N THR C 229 40.21 10.91 -9.87
CA THR C 229 40.04 9.60 -10.52
C THR C 229 41.27 8.75 -10.32
N VAL C 230 41.07 7.46 -10.09
CA VAL C 230 42.17 6.52 -9.94
C VAL C 230 42.01 5.32 -10.88
N PRO C 231 43.08 5.02 -11.65
CA PRO C 231 43.08 3.84 -12.51
C PRO C 231 42.89 2.56 -11.70
N MSE C 232 42.16 1.60 -12.24
CA MSE C 232 41.85 0.38 -11.51
C MSE C 232 43.09 -0.49 -11.27
O MSE C 232 43.08 -1.36 -10.41
CB MSE C 232 40.77 -0.42 -12.24
CG MSE C 232 39.41 0.23 -12.21
SE MSE C 232 38.81 0.66 -10.40
CE MSE C 232 38.92 -1.12 -9.63
N ASP C 233 44.15 -0.24 -12.03
CA ASP C 233 45.39 -0.99 -11.87
C ASP C 233 46.40 -0.26 -10.99
N ALA C 234 45.96 0.80 -10.32
CA ALA C 234 46.83 1.57 -9.45
C ALA C 234 47.32 0.72 -8.28
N ASP C 235 48.64 0.73 -8.06
CA ASP C 235 49.24 -0.05 -6.99
C ASP C 235 48.80 0.46 -5.62
N GLY C 236 48.22 -0.42 -4.82
CA GLY C 236 47.71 -0.06 -3.51
C GLY C 236 46.20 -0.12 -3.46
N LEU C 237 45.57 -0.04 -4.62
CA LEU C 237 44.12 -0.12 -4.73
C LEU C 237 43.68 -1.57 -4.80
N LYS C 238 42.78 -1.95 -3.90
CA LYS C 238 42.30 -3.33 -3.86
C LYS C 238 40.78 -3.42 -3.99
N VAL C 239 40.30 -4.52 -4.56
CA VAL C 239 38.88 -4.73 -4.75
C VAL C 239 38.40 -5.97 -4.01
N ILE C 240 37.60 -5.78 -2.98
CA ILE C 240 37.03 -6.90 -2.23
C ILE C 240 35.57 -7.10 -2.64
N CYS C 241 35.31 -8.21 -3.33
CA CYS C 241 34.01 -8.45 -3.94
C CYS C 241 32.94 -8.90 -2.95
N ARG C 242 31.70 -8.61 -3.29
CA ARG C 242 30.52 -9.20 -2.65
C ARG C 242 30.32 -10.56 -3.32
N PRO C 243 29.56 -11.49 -2.68
CA PRO C 243 29.33 -12.79 -3.32
C PRO C 243 28.84 -12.69 -4.77
N SER C 244 29.54 -13.37 -5.67
CA SER C 244 29.23 -13.29 -7.10
C SER C 244 28.14 -14.28 -7.49
N TYR C 245 27.06 -13.75 -8.03
CA TYR C 245 25.92 -14.57 -8.46
C TYR C 245 26.20 -15.21 -9.80
N SER C 246 27.12 -14.62 -10.56
CA SER C 246 27.52 -15.16 -11.85
C SER C 246 28.49 -16.33 -11.67
N ALA C 247 29.35 -16.23 -10.67
CA ALA C 247 30.29 -17.30 -10.35
C ALA C 247 29.56 -18.52 -9.83
N ASN C 248 28.58 -18.30 -8.95
CA ASN C 248 27.78 -19.39 -8.39
C ASN C 248 26.96 -20.08 -9.46
N ALA C 249 26.49 -19.30 -10.42
CA ALA C 249 25.69 -19.84 -11.53
C ALA C 249 26.54 -20.68 -12.48
N ALA C 250 27.85 -20.41 -12.48
CA ALA C 250 28.77 -21.14 -13.34
C ALA C 250 29.00 -22.55 -12.81
N THR C 251 29.05 -22.68 -11.49
CA THR C 251 29.38 -23.97 -10.88
C THR C 251 28.15 -24.80 -10.49
N THR C 252 27.05 -24.12 -10.13
CA THR C 252 25.88 -24.84 -9.66
C THR C 252 24.66 -24.66 -10.56
N GLY C 253 24.74 -23.71 -11.49
CA GLY C 253 23.62 -23.44 -12.38
C GLY C 253 23.95 -23.65 -13.84
N SER C 254 23.28 -22.90 -14.70
CA SER C 254 23.46 -23.00 -16.14
C SER C 254 22.81 -21.80 -16.81
N PRO C 255 23.21 -21.50 -18.06
CA PRO C 255 22.57 -20.40 -18.82
C PRO C 255 21.05 -20.58 -18.93
N PHE C 256 20.59 -21.82 -18.90
CA PHE C 256 19.17 -22.12 -18.95
C PHE C 256 18.51 -21.91 -17.59
N ASP C 257 19.19 -22.38 -16.54
CA ASP C 257 18.65 -22.30 -15.19
C ASP C 257 18.89 -20.95 -14.54
N ASN C 258 19.88 -20.22 -15.03
CA ASN C 258 20.22 -18.91 -14.49
C ASN C 258 20.61 -17.92 -15.60
N PRO C 259 19.65 -17.54 -16.45
CA PRO C 259 19.92 -16.74 -17.65
C PRO C 259 20.40 -15.32 -17.37
N LEU C 260 19.91 -14.69 -16.32
CA LEU C 260 20.27 -13.30 -16.04
C LEU C 260 21.50 -13.18 -15.14
N SER C 261 21.50 -13.92 -14.04
CA SER C 261 22.56 -13.82 -13.05
C SER C 261 23.93 -14.23 -13.60
N SER C 262 23.93 -15.19 -14.51
CA SER C 262 25.18 -15.76 -15.01
C SER C 262 25.93 -14.87 -15.98
N ARG C 263 25.28 -13.81 -16.46
CA ARG C 263 25.90 -12.97 -17.49
C ARG C 263 25.66 -11.47 -17.31
N LEU C 264 24.83 -11.10 -16.34
CA LEU C 264 24.48 -9.69 -16.16
C LEU C 264 24.80 -9.20 -14.75
N ASP C 265 25.42 -10.04 -13.96
CA ASP C 265 25.71 -9.71 -12.57
C ASP C 265 26.76 -8.61 -12.43
N GLU C 266 26.38 -7.52 -11.77
CA GLU C 266 27.33 -6.45 -11.47
C GLU C 266 27.71 -6.49 -10.00
N ASN C 267 28.95 -6.87 -9.72
CA ASN C 267 29.39 -7.03 -8.34
C ASN C 267 29.56 -5.70 -7.62
N ASP C 268 28.81 -5.51 -6.53
CA ASP C 268 28.93 -4.31 -5.71
C ASP C 268 30.09 -4.48 -4.73
N ALA C 269 31.30 -4.26 -5.21
CA ALA C 269 32.49 -4.57 -4.43
C ALA C 269 32.96 -3.41 -3.56
N ILE C 270 33.73 -3.74 -2.52
CA ILE C 270 34.38 -2.74 -1.69
C ILE C 270 35.69 -2.28 -2.34
N LEU C 271 35.88 -0.97 -2.42
CA LEU C 271 37.07 -0.41 -3.05
C LEU C 271 38.01 0.15 -2.00
N VAL C 272 39.14 -0.51 -1.80
CA VAL C 272 40.08 -0.13 -0.75
C VAL C 272 41.36 0.47 -1.31
N LEU C 273 41.71 1.67 -0.84
CA LEU C 273 42.97 2.29 -1.19
C LEU C 273 43.96 2.20 -0.03
N ASP C 274 45.14 1.67 -0.31
CA ASP C 274 46.20 1.59 0.70
C ASP C 274 47.43 2.35 0.23
N GLN C 275 47.54 3.60 0.65
CA GLN C 275 48.65 4.48 0.28
C GLN C 275 48.79 4.60 -1.23
N VAL C 276 47.67 4.72 -1.92
CA VAL C 276 47.66 4.91 -3.37
C VAL C 276 48.13 6.32 -3.72
N LEU C 277 49.07 6.41 -4.65
CA LEU C 277 49.54 7.71 -5.13
C LEU C 277 48.62 8.23 -6.22
N ILE C 278 47.89 9.31 -5.92
CA ILE C 278 47.05 9.96 -6.92
C ILE C 278 47.80 11.15 -7.53
N PRO C 279 48.21 11.02 -8.80
CA PRO C 279 48.92 12.08 -9.51
C PRO C 279 48.11 13.37 -9.58
N TRP C 280 48.80 14.51 -9.63
CA TRP C 280 48.14 15.81 -9.72
C TRP C 280 47.29 15.92 -10.99
N GLU C 281 47.69 15.18 -12.02
CA GLU C 281 46.98 15.20 -13.30
C GLU C 281 45.64 14.47 -13.23
N ASN C 282 45.39 13.82 -12.09
CA ASN C 282 44.16 13.05 -11.90
C ASN C 282 43.20 13.71 -10.91
N VAL C 283 43.67 14.75 -10.24
CA VAL C 283 42.87 15.44 -9.24
C VAL C 283 41.88 16.40 -9.88
N PHE C 284 40.63 16.38 -9.42
CA PHE C 284 39.62 17.31 -9.88
C PHE C 284 39.36 18.41 -8.84
N VAL C 285 39.25 17.99 -7.57
CA VAL C 285 39.06 18.92 -6.47
C VAL C 285 39.93 18.50 -5.29
N TYR C 286 40.61 19.47 -4.68
CA TYR C 286 41.45 19.19 -3.52
C TYR C 286 41.56 20.40 -2.58
N GLY C 287 41.29 20.15 -1.30
CA GLY C 287 41.38 21.19 -0.29
C GLY C 287 40.13 22.05 -0.20
N ASN C 288 39.51 22.33 -1.34
CA ASN C 288 38.30 23.12 -1.39
C ASN C 288 37.12 22.37 -0.79
N LEU C 289 36.93 22.53 0.51
CA LEU C 289 35.87 21.83 1.23
C LEU C 289 34.47 22.21 0.74
N GLY C 290 34.37 23.38 0.10
CA GLY C 290 33.10 23.86 -0.40
C GLY C 290 32.64 23.13 -1.65
N LYS C 291 33.52 23.02 -2.64
CA LYS C 291 33.18 22.39 -3.90
C LYS C 291 32.89 20.90 -3.76
N VAL C 292 33.52 20.25 -2.79
CA VAL C 292 33.29 18.83 -2.56
C VAL C 292 31.90 18.56 -1.99
N HIS C 293 31.46 19.42 -1.07
CA HIS C 293 30.15 19.29 -0.46
C HIS C 293 29.05 19.73 -1.44
N LEU C 294 29.32 20.80 -2.17
CA LEU C 294 28.35 21.38 -3.10
C LEU C 294 28.21 20.58 -4.40
N LEU C 295 29.15 19.66 -4.64
CA LEU C 295 29.20 18.94 -5.90
C LEU C 295 27.95 18.12 -6.17
N ALA C 296 27.37 17.54 -5.12
CA ALA C 296 26.19 16.69 -5.26
C ALA C 296 24.93 17.52 -5.57
N GLY C 297 24.91 18.16 -6.74
CA GLY C 297 23.79 18.99 -7.13
C GLY C 297 24.22 20.11 -8.06
N GLN C 298 25.54 20.30 -8.17
CA GLN C 298 26.12 21.37 -8.99
C GLN C 298 26.95 20.77 -10.11
N SER C 299 27.19 19.46 -10.03
CA SER C 299 27.94 18.76 -11.06
C SER C 299 27.09 18.53 -12.30
N GLY C 300 25.78 18.49 -12.09
CA GLY C 300 24.83 18.24 -13.17
C GLY C 300 24.63 16.75 -13.38
N MSE C 301 25.34 15.94 -12.59
CA MSE C 301 25.27 14.49 -12.71
C MSE C 301 23.90 13.96 -12.30
O MSE C 301 23.32 13.12 -12.97
CB MSE C 301 26.35 13.82 -11.87
CG MSE C 301 26.60 12.36 -12.24
SE MSE C 301 27.52 11.33 -10.84
CE MSE C 301 25.99 11.00 -9.66
N ILE C 302 23.38 14.49 -11.19
CA ILE C 302 22.13 13.99 -10.62
C ILE C 302 20.95 14.15 -11.57
N GLU C 303 20.94 15.23 -12.35
CA GLU C 303 19.89 15.43 -13.34
C GLU C 303 19.99 14.39 -14.45
N ARG C 304 21.22 14.08 -14.86
CA ARG C 304 21.46 13.15 -15.96
C ARG C 304 21.46 11.70 -15.49
N ALA C 305 21.89 11.47 -14.25
CA ALA C 305 21.91 10.11 -13.69
C ALA C 305 20.49 9.60 -13.48
N THR C 306 19.61 10.49 -13.02
CA THR C 306 18.20 10.15 -12.87
C THR C 306 17.56 9.99 -14.24
N PHE C 307 18.01 10.80 -15.19
CA PHE C 307 17.55 10.70 -16.57
C PHE C 307 17.95 9.36 -17.18
N HIS C 308 19.18 8.94 -16.92
CA HIS C 308 19.70 7.67 -17.42
C HIS C 308 18.98 6.50 -16.78
N GLY C 309 18.85 6.55 -15.45
CA GLY C 309 18.23 5.47 -14.70
C GLY C 309 16.75 5.32 -15.03
N CYS C 310 16.08 6.44 -15.25
CA CYS C 310 14.66 6.43 -15.57
C CYS C 310 14.40 5.81 -16.93
N THR C 311 15.22 6.17 -17.91
CA THR C 311 15.13 5.61 -19.25
C THR C 311 15.41 4.11 -19.23
N ARG C 312 16.40 3.71 -18.45
CA ARG C 312 16.80 2.31 -18.33
C ARG C 312 15.73 1.47 -17.64
N LEU C 313 15.17 1.99 -16.56
CA LEU C 313 14.16 1.29 -15.80
C LEU C 313 12.91 1.03 -16.64
N ALA C 314 12.59 1.99 -17.50
CA ALA C 314 11.47 1.85 -18.44
C ALA C 314 11.73 0.66 -19.38
N VAL C 315 12.98 0.52 -19.79
CA VAL C 315 13.38 -0.60 -20.64
C VAL C 315 13.30 -1.92 -19.90
N LYS C 316 13.76 -1.94 -18.65
CA LYS C 316 13.73 -3.16 -17.84
C LYS C 316 12.30 -3.63 -17.58
N LEU C 317 11.39 -2.67 -17.36
CA LEU C 317 10.01 -3.01 -17.09
C LEU C 317 9.33 -3.65 -18.29
N GLU C 318 9.70 -3.20 -19.50
CA GLU C 318 9.19 -3.80 -20.72
C GLU C 318 9.63 -5.26 -20.81
N PHE C 319 10.87 -5.52 -20.43
CA PHE C 319 11.41 -6.88 -20.43
C PHE C 319 10.66 -7.75 -19.44
N ILE C 320 10.42 -7.22 -18.25
CA ILE C 320 9.69 -7.95 -17.22
C ILE C 320 8.23 -8.12 -17.60
N ALA C 321 7.66 -7.10 -18.25
CA ALA C 321 6.27 -7.14 -18.71
C ALA C 321 6.10 -8.23 -19.77
N GLY C 322 7.04 -8.28 -20.71
CA GLY C 322 7.02 -9.31 -21.74
C GLY C 322 7.19 -10.69 -21.14
N LEU C 323 8.04 -10.78 -20.11
CA LEU C 323 8.26 -12.03 -19.40
C LEU C 323 6.98 -12.49 -18.71
N LEU C 324 6.34 -11.58 -17.99
CA LEU C 324 5.12 -11.88 -17.27
C LEU C 324 4.01 -12.29 -18.22
N ALA C 325 3.92 -11.61 -19.35
CA ALA C 325 2.91 -11.90 -20.35
C ALA C 325 3.06 -13.32 -20.88
N LYS C 326 4.30 -13.73 -21.15
CA LYS C 326 4.56 -15.09 -21.60
C LYS C 326 4.25 -16.11 -20.52
N ALA C 327 4.55 -15.76 -19.26
CA ALA C 327 4.30 -16.66 -18.14
C ALA C 327 2.80 -16.88 -17.92
N LEU C 328 2.04 -15.79 -17.97
CA LEU C 328 0.60 -15.85 -17.79
C LEU C 328 -0.07 -16.55 -18.96
N ASP C 329 0.52 -16.38 -20.14
CA ASP C 329 0.01 -17.03 -21.35
C ASP C 329 0.23 -18.54 -21.24
N ILE C 330 1.35 -18.92 -20.65
CA ILE C 330 1.70 -20.33 -20.47
C ILE C 330 0.87 -21.00 -19.39
N THR C 331 0.64 -20.29 -18.28
CA THR C 331 -0.18 -20.84 -17.20
C THR C 331 -1.68 -20.75 -17.50
N GLY C 332 -2.04 -19.92 -18.47
CA GLY C 332 -3.43 -19.76 -18.87
C GLY C 332 -4.20 -18.79 -17.98
N ALA C 333 -3.51 -18.19 -17.02
CA ALA C 333 -4.13 -17.24 -16.10
C ALA C 333 -4.36 -15.89 -16.79
N LYS C 334 -3.89 -15.78 -18.03
N LYS C 334 -3.87 -15.77 -18.02
CA LYS C 334 -3.96 -14.54 -18.78
CA LYS C 334 -3.95 -14.53 -18.79
C LYS C 334 -5.40 -14.21 -19.16
C LYS C 334 -5.39 -14.23 -19.22
N ASP C 335 -6.25 -15.24 -19.16
CA ASP C 335 -7.64 -15.09 -19.56
C ASP C 335 -8.48 -14.43 -18.47
N PHE C 336 -8.00 -14.49 -17.23
CA PHE C 336 -8.73 -13.96 -16.09
C PHE C 336 -8.68 -12.43 -16.04
N ARG C 337 -9.80 -11.81 -15.66
CA ARG C 337 -9.90 -10.36 -15.64
C ARG C 337 -9.01 -9.72 -14.58
N GLY C 338 -8.97 -10.32 -13.40
CA GLY C 338 -8.18 -9.80 -12.30
C GLY C 338 -6.69 -9.81 -12.61
N VAL C 339 -6.25 -10.85 -13.30
CA VAL C 339 -4.86 -10.99 -13.70
C VAL C 339 -4.48 -9.93 -14.73
N GLN C 340 -5.43 -9.63 -15.63
CA GLN C 340 -5.21 -8.65 -16.68
C GLN C 340 -5.13 -7.23 -16.13
N THR C 341 -5.80 -6.97 -15.02
CA THR C 341 -5.76 -5.66 -14.39
C THR C 341 -4.36 -5.36 -13.87
N ARG C 342 -3.74 -6.36 -13.25
CA ARG C 342 -2.41 -6.21 -12.67
C ARG C 342 -1.33 -6.25 -13.75
N LEU C 343 -1.64 -6.89 -14.87
CA LEU C 343 -0.73 -6.88 -16.02
C LEU C 343 -0.68 -5.48 -16.61
N GLY C 344 -1.85 -4.85 -16.73
CA GLY C 344 -1.94 -3.48 -17.18
C GLY C 344 -1.33 -2.52 -16.19
N GLU C 345 -1.32 -2.92 -14.92
CA GLU C 345 -0.70 -2.12 -13.87
C GLU C 345 0.81 -2.06 -14.07
N VAL C 346 1.39 -3.18 -14.48
CA VAL C 346 2.81 -3.22 -14.80
C VAL C 346 3.09 -2.33 -16.00
N LEU C 347 2.17 -2.35 -16.96
CA LEU C 347 2.29 -1.52 -18.15
C LEU C 347 2.14 -0.05 -17.80
N ALA C 348 1.37 0.24 -16.76
CA ALA C 348 1.19 1.61 -16.29
C ALA C 348 2.49 2.18 -15.74
N TRP C 349 3.19 1.38 -14.95
CA TRP C 349 4.49 1.78 -14.41
C TRP C 349 5.50 1.91 -15.55
N ARG C 350 5.39 1.04 -16.55
CA ARG C 350 6.25 1.10 -17.72
C ARG C 350 6.09 2.43 -18.45
N ASN C 351 4.84 2.86 -18.60
CA ASN C 351 4.53 4.13 -19.24
C ASN C 351 4.99 5.31 -18.38
N LEU C 352 5.01 5.10 -17.07
CA LEU C 352 5.36 6.16 -16.14
C LEU C 352 6.79 6.63 -16.32
N PHE C 353 7.71 5.67 -16.35
CA PHE C 353 9.14 6.00 -16.44
C PHE C 353 9.52 6.46 -17.84
N TRP C 354 8.76 6.05 -18.84
CA TRP C 354 8.95 6.59 -20.18
C TRP C 354 8.47 8.03 -20.24
N SER C 355 7.42 8.33 -19.49
CA SER C 355 6.87 9.68 -19.43
C SER C 355 7.77 10.61 -18.64
N LEU C 356 8.30 10.11 -17.52
CA LEU C 356 9.27 10.86 -16.73
C LEU C 356 10.52 11.14 -17.54
N SER C 357 10.97 10.15 -18.30
CA SER C 357 12.14 10.29 -19.17
C SER C 357 11.87 11.27 -20.31
N ASP C 358 10.65 11.22 -20.86
CA ASP C 358 10.25 12.14 -21.91
C ASP C 358 10.25 13.58 -21.41
N ALA C 359 9.70 13.78 -20.22
CA ALA C 359 9.65 15.11 -19.61
C ALA C 359 11.07 15.61 -19.32
N ALA C 360 11.95 14.70 -18.94
CA ALA C 360 13.33 15.05 -18.66
C ALA C 360 14.06 15.47 -19.93
N ALA C 361 13.87 14.71 -20.99
CA ALA C 361 14.56 14.97 -22.26
C ALA C 361 13.96 16.14 -23.02
N ARG C 362 12.63 16.24 -23.03
CA ARG C 362 11.96 17.22 -23.88
C ARG C 362 11.61 18.52 -23.17
N ASN C 363 11.73 18.54 -21.85
CA ASN C 363 11.57 19.78 -21.11
C ASN C 363 12.80 20.08 -20.25
N PRO C 364 13.95 20.33 -20.90
CA PRO C 364 15.19 20.51 -20.15
C PRO C 364 15.35 21.90 -19.56
N VAL C 365 16.40 22.09 -18.78
CA VAL C 365 16.71 23.39 -18.19
C VAL C 365 18.02 23.91 -18.74
N PRO C 366 18.15 25.24 -18.89
CA PRO C 366 19.39 25.84 -19.38
C PRO C 366 20.54 25.63 -18.40
N TRP C 367 21.75 25.42 -18.90
CA TRP C 367 22.91 25.22 -18.05
C TRP C 367 24.11 26.01 -18.56
N LYS C 368 25.31 25.62 -18.13
CA LYS C 368 26.53 26.33 -18.49
C LYS C 368 26.94 26.13 -19.94
N ASN C 369 27.46 27.19 -20.55
CA ASN C 369 27.99 27.19 -21.91
C ASN C 369 27.02 26.64 -22.95
N GLY C 370 25.79 27.15 -22.91
CA GLY C 370 24.79 26.81 -23.91
C GLY C 370 24.33 25.36 -23.91
N THR C 371 24.72 24.62 -22.88
CA THR C 371 24.33 23.23 -22.76
C THR C 371 23.06 23.08 -21.93
N LEU C 372 22.43 21.91 -22.00
CA LEU C 372 21.17 21.68 -21.29
C LEU C 372 21.22 20.46 -20.39
N LEU C 373 20.62 20.58 -19.21
CA LEU C 373 20.41 19.46 -18.32
C LEU C 373 18.96 18.99 -18.41
N PRO C 374 18.74 17.68 -18.32
CA PRO C 374 17.36 17.16 -18.32
C PRO C 374 16.56 17.69 -17.14
N ASN C 375 15.24 17.75 -17.28
CA ASN C 375 14.36 18.30 -16.23
C ASN C 375 14.65 17.69 -14.87
N PRO C 376 15.14 18.52 -13.92
CA PRO C 376 15.51 18.04 -12.59
C PRO C 376 14.33 17.47 -11.80
N GLN C 377 13.18 18.15 -11.86
CA GLN C 377 12.01 17.72 -11.10
C GLN C 377 11.38 16.45 -11.67
N ALA C 378 11.61 16.20 -12.95
CA ALA C 378 11.16 14.95 -13.55
C ALA C 378 12.04 13.83 -13.01
N GLY C 379 13.30 14.17 -12.76
CA GLY C 379 14.25 13.22 -12.23
C GLY C 379 14.13 13.03 -10.73
N MSE C 380 13.88 14.11 -10.02
CA MSE C 380 13.74 14.06 -8.57
C MSE C 380 12.51 13.24 -8.16
O MSE C 380 12.47 12.67 -7.08
CB MSE C 380 13.65 15.47 -7.97
CG MSE C 380 14.92 16.29 -8.11
SE MSE C 380 16.41 15.67 -7.03
CE MSE C 380 16.02 16.67 -5.40
N ALA C 381 11.52 13.21 -9.05
CA ALA C 381 10.34 12.38 -8.84
C ALA C 381 10.65 10.91 -9.10
N TYR C 382 11.53 10.67 -10.07
CA TYR C 382 11.94 9.32 -10.43
C TYR C 382 12.60 8.60 -9.25
N ARG C 383 13.33 9.34 -8.44
CA ARG C 383 14.06 8.76 -7.31
C ARG C 383 13.11 8.19 -6.26
N TRP C 384 11.86 8.67 -6.25
CA TRP C 384 10.87 8.19 -5.30
C TRP C 384 9.98 7.07 -5.85
N PHE C 385 9.39 7.32 -7.02
CA PHE C 385 8.41 6.39 -7.59
C PHE C 385 9.04 5.08 -8.05
N MSE C 386 10.37 5.04 -8.10
CA MSE C 386 11.07 3.80 -8.41
C MSE C 386 11.04 2.87 -7.21
O MSE C 386 11.05 1.65 -7.35
CB MSE C 386 12.51 4.10 -8.82
CG MSE C 386 13.38 4.66 -7.71
SE MSE C 386 15.20 5.02 -8.29
CE MSE C 386 15.53 3.35 -9.24
N GLN C 387 10.98 3.46 -6.02
CA GLN C 387 11.06 2.72 -4.77
C GLN C 387 9.74 2.05 -4.42
N ILE C 388 8.67 2.47 -5.07
CA ILE C 388 7.35 1.89 -4.84
C ILE C 388 6.86 1.14 -6.08
N GLY C 389 7.28 1.59 -7.26
CA GLY C 389 6.85 0.99 -8.50
C GLY C 389 7.46 -0.37 -8.78
N TYR C 390 8.78 -0.45 -8.73
CA TYR C 390 9.50 -1.69 -9.00
C TYR C 390 9.17 -2.83 -8.02
N PRO C 391 9.07 -2.53 -6.71
CA PRO C 391 8.64 -3.63 -5.83
C PRO C 391 7.23 -4.12 -6.14
N ARG C 392 6.36 -3.20 -6.58
CA ARG C 392 5.00 -3.55 -6.94
C ARG C 392 4.97 -4.49 -8.14
N VAL C 393 5.83 -4.22 -9.12
CA VAL C 393 5.94 -5.06 -10.30
C VAL C 393 6.37 -6.48 -9.91
N LEU C 394 7.40 -6.57 -9.07
CA LEU C 394 7.87 -7.87 -8.59
C LEU C 394 6.82 -8.57 -7.75
N GLU C 395 6.00 -7.79 -7.06
CA GLU C 395 4.95 -8.35 -6.21
C GLU C 395 3.85 -8.99 -7.05
N ILE C 396 3.49 -8.32 -8.15
CA ILE C 396 2.46 -8.80 -9.04
C ILE C 396 2.84 -10.17 -9.62
N VAL C 397 4.12 -10.33 -9.95
CA VAL C 397 4.64 -11.60 -10.44
C VAL C 397 4.44 -12.71 -9.41
N GLN C 398 4.72 -12.40 -8.15
CA GLN C 398 4.56 -13.37 -7.07
C GLN C 398 3.09 -13.66 -6.79
N GLN C 399 2.22 -12.76 -7.24
CA GLN C 399 0.79 -12.91 -6.99
C GLN C 399 0.07 -13.62 -8.13
N ASP C 400 0.46 -13.30 -9.37
CA ASP C 400 -0.25 -13.82 -10.54
C ASP C 400 0.36 -15.12 -11.07
N VAL C 401 1.64 -15.34 -10.81
CA VAL C 401 2.28 -16.59 -11.19
C VAL C 401 2.32 -17.53 -9.99
N ALA C 402 2.54 -16.95 -8.81
CA ALA C 402 2.47 -17.66 -7.53
C ALA C 402 3.35 -18.90 -7.49
N SER C 403 2.78 -20.01 -7.01
CA SER C 403 3.50 -21.27 -6.86
C SER C 403 3.89 -21.89 -8.20
N GLY C 404 3.36 -21.32 -9.29
CA GLY C 404 3.69 -21.76 -10.63
C GLY C 404 5.17 -21.58 -10.97
N LEU C 405 5.84 -20.73 -10.20
CA LEU C 405 7.28 -20.53 -10.37
C LEU C 405 8.07 -21.72 -9.83
N MSE C 406 7.49 -22.41 -8.86
CA MSE C 406 8.14 -23.57 -8.26
C MSE C 406 7.85 -24.85 -9.03
O MSE C 406 8.32 -25.93 -8.67
CB MSE C 406 7.72 -23.73 -6.79
CG MSE C 406 8.17 -22.60 -5.87
SE MSE C 406 10.12 -22.45 -5.67
CE MSE C 406 10.48 -21.11 -7.04
N TYR C 407 7.07 -24.74 -10.11
CA TYR C 407 6.82 -25.88 -10.99
C TYR C 407 8.04 -26.17 -11.86
N VAL C 408 9.18 -26.39 -11.24
CA VAL C 408 10.43 -26.52 -11.99
C VAL C 408 11.30 -27.66 -11.48
N ASN C 409 12.25 -28.07 -12.33
CA ASN C 409 13.20 -29.10 -11.98
C ASN C 409 14.52 -28.49 -11.52
N SER C 410 15.40 -29.31 -10.96
CA SER C 410 16.67 -28.84 -10.43
C SER C 410 17.55 -28.18 -11.49
N SER C 411 17.76 -28.88 -12.61
CA SER C 411 18.63 -28.38 -13.66
C SER C 411 18.29 -29.00 -15.01
N THR C 412 19.05 -28.62 -16.03
CA THR C 412 18.83 -29.11 -17.38
C THR C 412 19.13 -30.60 -17.52
N GLU C 413 19.94 -31.12 -16.62
CA GLU C 413 20.33 -32.52 -16.66
C GLU C 413 19.16 -33.45 -16.35
N ASP C 414 18.12 -32.91 -15.70
CA ASP C 414 16.93 -33.68 -15.39
C ASP C 414 16.17 -34.02 -16.66
N PHE C 415 16.28 -33.15 -17.66
CA PHE C 415 15.66 -33.38 -18.96
C PHE C 415 16.48 -34.39 -19.77
N ARG C 416 17.78 -34.44 -19.52
CA ARG C 416 18.67 -35.32 -20.26
C ARG C 416 18.63 -36.74 -19.71
N ASN C 417 18.45 -36.85 -18.39
CA ASN C 417 18.33 -38.14 -17.73
C ASN C 417 17.07 -38.86 -18.18
N PRO C 418 17.24 -40.05 -18.79
CA PRO C 418 16.12 -40.86 -19.26
C PRO C 418 15.15 -41.26 -18.16
N GLU C 419 15.62 -41.25 -16.91
CA GLU C 419 14.81 -41.65 -15.78
C GLU C 419 13.82 -40.55 -15.38
N THR C 420 14.14 -39.31 -15.72
CA THR C 420 13.31 -38.17 -15.33
C THR C 420 12.83 -37.35 -16.53
N GLY C 421 13.64 -37.34 -17.59
CA GLY C 421 13.36 -36.56 -18.79
C GLY C 421 11.94 -36.64 -19.32
N PRO C 422 11.50 -37.84 -19.76
CA PRO C 422 10.15 -38.06 -20.28
C PRO C 422 9.05 -37.59 -19.32
N TYR C 423 9.26 -37.76 -18.02
CA TYR C 423 8.29 -37.34 -17.02
C TYR C 423 8.08 -35.83 -17.03
N LEU C 424 9.18 -35.09 -17.12
CA LEU C 424 9.11 -33.64 -17.14
C LEU C 424 8.32 -33.14 -18.36
N GLU C 425 8.57 -33.75 -19.51
CA GLU C 425 7.91 -33.35 -20.74
C GLU C 425 6.42 -33.68 -20.74
N LYS C 426 6.04 -34.65 -19.92
CA LYS C 426 4.64 -35.04 -19.84
C LYS C 426 3.85 -34.18 -18.84
N TYR C 427 4.47 -33.87 -17.69
CA TYR C 427 3.75 -33.25 -16.58
C TYR C 427 3.96 -31.75 -16.43
N LEU C 428 4.92 -31.18 -17.15
CA LEU C 428 5.21 -29.76 -17.01
C LEU C 428 4.93 -28.97 -18.28
N ARG C 429 3.99 -29.42 -19.09
CA ARG C 429 3.64 -28.68 -20.29
C ARG C 429 2.84 -27.43 -19.94
N GLY C 430 2.85 -26.45 -20.84
CA GLY C 430 2.12 -25.22 -20.63
C GLY C 430 0.72 -25.25 -21.19
N SER C 431 -0.07 -24.24 -20.83
CA SER C 431 -1.46 -24.12 -21.27
C SER C 431 -1.48 -23.58 -22.70
N ASP C 432 -0.40 -22.89 -23.05
CA ASP C 432 -0.22 -22.24 -24.33
C ASP C 432 -0.16 -23.25 -25.47
N GLY C 433 0.00 -24.52 -25.12
CA GLY C 433 0.28 -25.56 -26.08
C GLY C 433 1.78 -25.73 -26.17
N ALA C 434 2.48 -25.03 -25.28
CA ALA C 434 3.93 -25.06 -25.23
C ALA C 434 4.45 -26.33 -24.58
N GLY C 435 5.69 -26.69 -24.88
CA GLY C 435 6.31 -27.87 -24.30
C GLY C 435 6.81 -27.56 -22.90
N ALA C 436 7.25 -28.59 -22.19
CA ALA C 436 7.73 -28.43 -20.82
C ALA C 436 9.03 -27.64 -20.78
N VAL C 437 9.89 -27.86 -21.78
CA VAL C 437 11.17 -27.18 -21.85
C VAL C 437 10.99 -25.67 -21.93
N GLU C 438 10.07 -25.23 -22.77
CA GLU C 438 9.77 -23.80 -22.92
C GLU C 438 9.19 -23.21 -21.64
N ARG C 439 8.29 -23.95 -20.99
CA ARG C 439 7.66 -23.47 -19.77
C ARG C 439 8.68 -23.29 -18.64
N VAL C 440 9.51 -24.30 -18.43
CA VAL C 440 10.54 -24.24 -17.40
C VAL C 440 11.53 -23.12 -17.73
N LYS C 441 11.76 -22.91 -19.03
CA LYS C 441 12.65 -21.87 -19.51
C LYS C 441 12.16 -20.49 -19.08
N VAL C 442 10.87 -20.24 -19.29
CA VAL C 442 10.26 -18.97 -18.92
C VAL C 442 10.20 -18.78 -17.41
N MSE C 443 9.84 -19.85 -16.70
CA MSE C 443 9.69 -19.77 -15.24
C MSE C 443 11.02 -19.52 -14.55
O MSE C 443 11.08 -18.76 -13.59
CB MSE C 443 9.05 -21.06 -14.71
CG MSE C 443 7.63 -21.28 -15.19
SE MSE C 443 6.45 -19.79 -14.77
CE MSE C 443 5.10 -20.07 -16.14
N LYS C 444 12.08 -20.15 -15.04
CA LYS C 444 13.40 -19.97 -14.44
C LYS C 444 13.97 -18.60 -14.78
N LEU C 445 13.62 -18.08 -15.96
CA LEU C 445 14.02 -16.74 -16.35
C LEU C 445 13.29 -15.70 -15.50
N LEU C 446 12.00 -15.94 -15.30
CA LEU C 446 11.17 -15.05 -14.48
C LEU C 446 11.61 -15.06 -13.02
N TRP C 447 11.94 -16.24 -12.51
CA TRP C 447 12.38 -16.36 -11.13
C TRP C 447 13.74 -15.73 -10.91
N ASP C 448 14.62 -15.85 -11.90
CA ASP C 448 15.94 -15.25 -11.84
C ASP C 448 15.82 -13.72 -11.81
N ALA C 449 14.70 -13.23 -12.34
CA ALA C 449 14.44 -11.80 -12.39
C ALA C 449 13.70 -11.30 -11.16
N VAL C 450 13.14 -12.21 -10.37
CA VAL C 450 12.21 -11.84 -9.31
C VAL C 450 12.62 -12.38 -7.93
N GLY C 451 13.01 -13.65 -7.86
CA GLY C 451 13.20 -14.30 -6.59
C GLY C 451 14.60 -14.79 -6.28
N SER C 452 15.49 -14.74 -7.27
CA SER C 452 16.86 -15.19 -7.06
C SER C 452 17.67 -14.18 -6.26
N ASP C 453 18.89 -14.57 -5.89
CA ASP C 453 19.85 -13.66 -5.27
C ASP C 453 20.04 -12.44 -6.16
N PHE C 454 20.06 -12.69 -7.47
CA PHE C 454 20.19 -11.65 -8.48
C PHE C 454 18.97 -10.74 -8.47
N GLY C 455 17.79 -11.36 -8.36
CA GLY C 455 16.54 -10.62 -8.30
C GLY C 455 16.39 -9.85 -7.00
N GLY C 456 16.82 -10.46 -5.91
CA GLY C 456 16.79 -9.82 -4.61
C GLY C 456 17.69 -8.61 -4.57
N ARG C 457 18.92 -8.78 -5.06
CA ARG C 457 19.89 -7.69 -5.13
C ARG C 457 19.37 -6.55 -6.00
N HIS C 458 18.68 -6.90 -7.09
CA HIS C 458 18.17 -5.90 -8.01
C HIS C 458 16.96 -5.18 -7.46
N GLU C 459 16.16 -5.88 -6.65
CA GLU C 459 15.06 -5.24 -5.93
C GLU C 459 15.60 -4.22 -4.95
N LEU C 460 16.61 -4.63 -4.17
CA LEU C 460 17.28 -3.75 -3.22
C LEU C 460 17.97 -2.60 -3.95
N TYR C 461 18.49 -2.89 -5.13
CA TYR C 461 19.17 -1.90 -5.96
C TYR C 461 18.23 -0.78 -6.37
N GLU C 462 17.19 -1.14 -7.12
CA GLU C 462 16.20 -0.16 -7.60
C GLU C 462 15.48 0.57 -6.47
N ARG C 463 15.63 0.06 -5.25
CA ARG C 463 14.99 0.64 -4.07
C ARG C 463 15.81 1.76 -3.47
N ASN C 464 17.13 1.61 -3.55
CA ASN C 464 18.07 2.53 -2.91
C ASN C 464 19.10 3.06 -3.90
N TYR C 465 18.77 2.91 -5.18
CA TYR C 465 19.62 3.29 -6.30
C TYR C 465 20.14 4.73 -6.19
N SER C 466 19.29 5.64 -5.72
CA SER C 466 19.68 7.04 -5.60
C SER C 466 19.82 7.45 -4.14
N GLY C 467 19.17 6.69 -3.26
CA GLY C 467 19.20 6.98 -1.84
C GLY C 467 18.10 6.23 -1.11
N ASN C 468 18.18 6.22 0.22
CA ASN C 468 17.15 5.57 1.02
C ASN C 468 15.80 6.29 0.89
N HIS C 469 14.72 5.59 1.22
CA HIS C 469 13.37 6.08 0.94
C HIS C 469 13.00 7.35 1.69
N GLU C 470 13.79 7.71 2.71
CA GLU C 470 13.53 8.94 3.44
C GLU C 470 14.24 10.13 2.82
N ASN C 471 15.53 9.97 2.54
CA ASN C 471 16.35 11.05 2.01
C ASN C 471 15.91 11.50 0.62
N THR C 472 15.42 10.55 -0.17
CA THR C 472 14.97 10.86 -1.53
C THR C 472 13.81 11.86 -1.54
N ARG C 473 12.91 11.73 -0.56
CA ARG C 473 11.78 12.65 -0.44
C ARG C 473 12.17 13.96 0.23
N ILE C 474 13.04 13.87 1.23
CA ILE C 474 13.49 15.05 1.96
C ILE C 474 14.30 15.98 1.06
N GLU C 475 15.22 15.41 0.29
CA GLU C 475 16.06 16.19 -0.62
C GLU C 475 15.20 16.88 -1.67
N LEU C 476 14.05 16.28 -1.98
CA LEU C 476 13.07 16.89 -2.88
C LEU C 476 12.43 18.11 -2.23
N LEU C 477 12.08 17.98 -0.95
CA LEU C 477 11.49 19.07 -0.18
C LEU C 477 12.49 20.22 -0.04
N LEU C 478 13.73 19.89 0.27
CA LEU C 478 14.79 20.89 0.43
C LEU C 478 15.07 21.61 -0.88
N SER C 479 15.05 20.86 -1.98
CA SER C 479 15.31 21.42 -3.30
C SER C 479 14.24 22.43 -3.71
N GLN C 480 12.98 22.12 -3.41
CA GLN C 480 11.88 23.01 -3.75
C GLN C 480 11.75 24.16 -2.75
N THR C 481 12.27 23.94 -1.54
CA THR C 481 12.30 25.00 -0.54
C THR C 481 13.34 26.04 -0.92
N ALA C 482 14.49 25.57 -1.37
CA ALA C 482 15.59 26.44 -1.76
C ALA C 482 15.27 27.23 -3.04
N SER C 483 14.52 26.60 -3.94
CA SER C 483 14.17 27.23 -5.21
C SER C 483 12.98 28.18 -5.07
N GLY C 484 12.41 28.22 -3.87
CA GLY C 484 11.27 29.07 -3.59
C GLY C 484 9.95 28.52 -4.11
N LYS C 485 9.99 27.32 -4.67
CA LYS C 485 8.77 26.67 -5.15
C LYS C 485 7.83 26.33 -4.00
N LEU C 486 8.38 25.92 -2.87
CA LEU C 486 7.55 25.62 -1.70
C LEU C 486 6.84 26.87 -1.18
N ASP C 487 7.55 28.00 -1.20
CA ASP C 487 6.96 29.27 -0.82
C ASP C 487 5.89 29.67 -1.81
N SER C 488 6.11 29.33 -3.08
CA SER C 488 5.17 29.61 -4.15
C SER C 488 3.85 28.86 -3.95
N TYR C 489 3.94 27.62 -3.49
CA TYR C 489 2.76 26.81 -3.23
C TYR C 489 1.97 27.42 -2.08
N MSE C 490 2.69 27.91 -1.09
CA MSE C 490 2.06 28.50 0.09
C MSE C 490 1.46 29.87 -0.26
O MSE C 490 0.51 30.31 0.39
CB MSE C 490 3.06 28.62 1.23
CG MSE C 490 3.68 27.29 1.63
SE MSE C 490 4.81 27.40 3.22
CE MSE C 490 5.66 29.14 2.88
N ASP C 491 2.02 30.52 -1.27
CA ASP C 491 1.44 31.77 -1.77
C ASP C 491 0.18 31.47 -2.59
N PHE C 492 0.19 30.32 -3.27
CA PHE C 492 -0.98 29.87 -4.02
C PHE C 492 -2.14 29.64 -3.05
N ALA C 493 -1.86 28.95 -1.95
CA ALA C 493 -2.86 28.67 -0.93
C ALA C 493 -3.27 29.97 -0.23
N GLN C 494 -2.31 30.88 -0.06
CA GLN C 494 -2.56 32.16 0.59
C GLN C 494 -3.54 33.02 -0.23
N ALA C 495 -3.47 32.90 -1.55
CA ALA C 495 -4.34 33.66 -2.43
C ALA C 495 -5.80 33.31 -2.20
N CYS C 496 -6.07 32.09 -1.77
CA CYS C 496 -7.42 31.66 -1.46
C CYS C 496 -7.91 32.30 -0.17
N MSE C 497 -7.05 32.33 0.84
CA MSE C 497 -7.40 32.88 2.13
C MSE C 497 -7.58 34.40 2.07
O MSE C 497 -8.36 34.98 2.83
CB MSE C 497 -6.34 32.53 3.18
CG MSE C 497 -5.95 31.06 3.18
SE MSE C 497 -4.72 30.62 4.62
CE MSE C 497 -4.24 28.81 4.08
N ASP C 498 -6.87 35.04 1.16
CA ASP C 498 -6.93 36.49 1.01
C ASP C 498 -8.27 36.96 0.42
N GLU C 499 -9.07 36.01 -0.06
CA GLU C 499 -10.33 36.34 -0.71
C GLU C 499 -11.50 36.33 0.27
N TYR C 500 -11.21 36.09 1.55
CA TYR C 500 -12.26 36.14 2.57
C TYR C 500 -11.69 36.40 3.96
N ASP C 501 -12.59 36.63 4.91
CA ASP C 501 -12.23 36.88 6.29
C ASP C 501 -13.42 36.60 7.21
N LEU C 502 -13.31 37.00 8.47
CA LEU C 502 -14.35 36.74 9.46
C LEU C 502 -15.67 37.45 9.11
N ASP C 503 -15.58 38.46 8.25
CA ASP C 503 -16.76 39.21 7.83
C ASP C 503 -17.47 38.55 6.66
N GLY C 504 -16.72 37.82 5.84
CA GLY C 504 -17.26 37.22 4.64
C GLY C 504 -16.25 37.30 3.51
N TRP C 505 -16.74 37.34 2.27
CA TRP C 505 -15.86 37.50 1.12
C TRP C 505 -15.23 38.89 1.10
N THR C 506 -14.00 38.97 0.61
CA THR C 506 -13.37 40.26 0.38
C THR C 506 -13.38 40.55 -1.10
N ALA C 507 -13.59 39.51 -1.90
CA ALA C 507 -13.74 39.66 -3.34
C ALA C 507 -15.10 40.28 -3.66
N PRO C 508 -15.10 41.30 -4.53
CA PRO C 508 -16.31 42.08 -4.87
C PRO C 508 -17.39 41.25 -5.57
N ASP C 509 -16.99 40.31 -6.42
CA ASP C 509 -17.94 39.59 -7.26
C ASP C 509 -18.62 38.44 -6.54
N LEU C 510 -18.32 38.26 -5.27
CA LEU C 510 -18.89 37.15 -4.50
C LEU C 510 -19.89 37.60 -3.44
N GLU C 511 -20.93 36.81 -3.24
CA GLU C 511 -21.95 37.11 -2.25
C GLU C 511 -21.73 36.31 -0.98
N SER C 512 -21.90 36.96 0.17
CA SER C 512 -21.64 36.33 1.46
C SER C 512 -22.92 35.73 2.06
N PHE C 513 -24.06 36.16 1.53
CA PHE C 513 -25.37 35.70 2.01
C PHE C 513 -25.54 35.92 3.50
N HIS C 514 -25.19 37.13 3.95
CA HIS C 514 -25.31 37.50 5.36
C HIS C 514 -26.74 37.39 5.87
N ALA C 515 -27.69 37.76 5.02
CA ALA C 515 -29.09 37.79 5.39
C ALA C 515 -29.62 36.41 5.78
N MSE C 516 -29.61 35.47 4.85
CA MSE C 516 -30.19 34.16 5.10
C MSE C 516 -29.35 33.34 6.08
O MSE C 516 -29.86 32.40 6.68
CB MSE C 516 -30.38 33.39 3.78
CG MSE C 516 -29.08 32.90 3.14
SE MSE C 516 -29.45 31.83 1.56
CE MSE C 516 -30.41 33.16 0.51
N ARG C 517 -28.08 33.69 6.22
CA ARG C 517 -27.22 33.02 7.18
C ARG C 517 -27.64 33.38 8.60
N SER C 518 -27.81 34.68 8.85
CA SER C 518 -28.24 35.16 10.16
C SER C 518 -29.68 34.75 10.42
N ALA C 519 -30.48 34.71 9.36
CA ALA C 519 -31.86 34.28 9.45
C ALA C 519 -31.92 32.81 9.84
N SER C 520 -31.01 32.01 9.30
CA SER C 520 -30.94 30.59 9.63
C SER C 520 -30.39 30.42 11.04
N ARG C 521 -29.50 31.32 11.44
CA ARG C 521 -28.94 31.29 12.78
C ARG C 521 -30.02 31.58 13.82
N ASP C 522 -30.97 32.43 13.46
CA ASP C 522 -32.04 32.82 14.38
C ASP C 522 -33.07 31.70 14.53
N LEU C 523 -33.14 30.81 13.54
CA LEU C 523 -34.02 29.65 13.62
C LEU C 523 -33.58 28.71 14.74
N LEU C 524 -32.30 28.79 15.08
CA LEU C 524 -31.74 27.99 16.15
C LEU C 524 -31.38 28.89 17.33
N GLY C 525 -32.14 29.97 17.49
CA GLY C 525 -31.93 30.91 18.57
C GLY C 525 -32.66 30.48 19.83
N GLY C 526 -32.04 30.71 20.98
CA GLY C 526 -32.62 30.34 22.26
C GLY C 526 -32.97 28.87 22.36
N GLY D 17 5.91 -48.16 27.48
CA GLY D 17 5.02 -48.98 26.68
C GLY D 17 5.21 -48.75 25.20
N THR D 18 5.13 -47.49 24.78
CA THR D 18 5.33 -47.14 23.38
C THR D 18 5.84 -45.71 23.24
N ARG D 19 6.93 -45.53 22.50
CA ARG D 19 7.49 -44.22 22.26
C ARG D 19 7.53 -43.89 20.77
N PRO D 20 7.54 -42.60 20.43
CA PRO D 20 7.75 -42.17 19.03
C PRO D 20 9.20 -42.35 18.59
N LEU D 21 9.48 -42.04 17.33
CA LEU D 21 10.83 -42.17 16.79
C LEU D 21 11.81 -41.21 17.46
N THR D 22 13.08 -41.60 17.49
CA THR D 22 14.15 -40.71 17.93
C THR D 22 14.76 -40.05 16.70
N GLY D 23 15.71 -39.15 16.92
CA GLY D 23 16.39 -38.49 15.82
C GLY D 23 17.07 -39.46 14.87
N GLU D 24 17.79 -40.42 15.44
CA GLU D 24 18.50 -41.43 14.66
C GLU D 24 17.54 -42.39 13.97
N GLU D 25 16.48 -42.78 14.67
CA GLU D 25 15.50 -43.69 14.12
C GLU D 25 14.79 -43.08 12.90
N TYR D 26 14.47 -41.80 13.01
CA TYR D 26 13.87 -41.07 11.89
C TYR D 26 14.81 -41.06 10.69
N LEU D 27 16.09 -40.82 10.95
CA LEU D 27 17.11 -40.78 9.92
C LEU D 27 17.26 -42.14 9.23
N GLU D 28 17.19 -43.21 10.01
CA GLU D 28 17.30 -44.56 9.49
C GLU D 28 16.09 -44.91 8.61
N SER D 29 14.95 -44.32 8.93
CA SER D 29 13.72 -44.59 8.18
C SER D 29 13.77 -43.97 6.79
N LEU D 30 14.66 -43.00 6.61
CA LEU D 30 14.81 -42.35 5.31
C LEU D 30 15.81 -43.08 4.43
N ARG D 31 16.62 -43.94 5.05
CA ARG D 31 17.64 -44.68 4.32
C ARG D 31 17.05 -45.91 3.63
N ASP D 32 16.00 -45.72 2.85
CA ASP D 32 15.36 -46.80 2.12
C ASP D 32 15.56 -46.65 0.60
N ALA D 33 14.73 -47.35 -0.16
CA ALA D 33 14.86 -47.39 -1.61
C ALA D 33 14.11 -46.27 -2.31
N ARG D 34 13.94 -45.13 -1.64
CA ARG D 34 13.24 -43.99 -2.25
C ARG D 34 14.02 -43.46 -3.44
N GLU D 35 13.31 -43.16 -4.52
CA GLU D 35 13.94 -42.72 -5.76
C GLU D 35 13.88 -41.20 -5.91
N VAL D 36 14.85 -40.52 -5.29
CA VAL D 36 14.93 -39.07 -5.34
C VAL D 36 15.95 -38.61 -6.38
N TYR D 37 15.55 -37.68 -7.24
CA TYR D 37 16.42 -37.17 -8.28
C TYR D 37 16.78 -35.71 -8.06
N LEU D 38 18.00 -35.34 -8.43
CA LEU D 38 18.49 -33.98 -8.25
C LEU D 38 19.72 -33.73 -9.13
N ASP D 39 19.65 -32.67 -9.93
CA ASP D 39 20.74 -32.29 -10.83
C ASP D 39 21.09 -33.44 -11.79
N GLY D 40 20.07 -34.14 -12.25
CA GLY D 40 20.26 -35.21 -13.22
C GLY D 40 20.71 -36.53 -12.62
N SER D 41 21.09 -36.51 -11.34
CA SER D 41 21.56 -37.72 -10.67
C SER D 41 20.53 -38.21 -9.65
N ARG D 42 20.56 -39.52 -9.38
CA ARG D 42 19.74 -40.09 -8.32
C ARG D 42 20.46 -39.98 -6.97
N VAL D 43 19.74 -39.54 -5.96
CA VAL D 43 20.32 -39.44 -4.62
C VAL D 43 20.33 -40.80 -3.93
N LYS D 44 21.52 -41.32 -3.69
CA LYS D 44 21.67 -42.64 -3.08
C LYS D 44 21.26 -42.64 -1.61
N ASP D 45 21.82 -41.71 -0.84
CA ASP D 45 21.46 -41.58 0.56
C ASP D 45 20.96 -40.16 0.86
N VAL D 46 19.66 -40.05 1.12
CA VAL D 46 19.03 -38.77 1.38
C VAL D 46 19.61 -38.10 2.63
N THR D 47 19.91 -38.90 3.64
CA THR D 47 20.44 -38.39 4.90
C THR D 47 21.91 -37.99 4.80
N ALA D 48 22.54 -38.25 3.65
CA ALA D 48 23.95 -37.96 3.48
C ALA D 48 24.17 -36.83 2.48
N HIS D 49 23.27 -36.72 1.52
CA HIS D 49 23.36 -35.69 0.50
C HIS D 49 23.17 -34.30 1.09
N PRO D 50 24.04 -33.35 0.71
CA PRO D 50 24.04 -31.96 1.20
C PRO D 50 22.69 -31.26 1.07
N ALA D 51 21.91 -31.64 0.06
CA ALA D 51 20.60 -31.04 -0.17
C ALA D 51 19.64 -31.34 0.98
N PHE D 52 19.84 -32.47 1.65
CA PHE D 52 18.92 -32.91 2.68
C PHE D 52 19.58 -33.21 4.02
N HIS D 53 20.92 -33.25 4.03
CA HIS D 53 21.66 -33.68 5.21
C HIS D 53 21.35 -32.83 6.45
N ASN D 54 21.75 -31.56 6.41
CA ASN D 54 21.49 -30.65 7.52
C ASN D 54 19.99 -30.42 7.78
N PRO D 55 19.16 -30.33 6.72
CA PRO D 55 17.73 -30.30 7.01
C PRO D 55 17.22 -31.53 7.75
N ALA D 56 17.79 -32.70 7.45
CA ALA D 56 17.36 -33.93 8.12
C ALA D 56 17.80 -33.97 9.59
N ARG D 57 18.99 -33.45 9.86
CA ARG D 57 19.48 -33.37 11.24
C ARG D 57 18.66 -32.37 12.03
N MSE D 58 18.13 -31.38 11.32
CA MSE D 58 17.29 -30.35 11.93
C MSE D 58 15.94 -30.93 12.32
O MSE D 58 15.40 -30.62 13.38
CB MSE D 58 17.11 -29.17 10.99
CG MSE D 58 17.05 -27.82 11.68
SE MSE D 58 18.74 -27.37 12.56
CE MSE D 58 18.23 -25.64 13.27
N THR D 59 15.39 -31.78 11.45
CA THR D 59 14.16 -32.48 11.73
C THR D 59 14.36 -33.48 12.86
N ALA D 60 15.56 -34.04 12.93
CA ALA D 60 15.93 -34.98 13.99
C ALA D 60 15.87 -34.33 15.36
N ARG D 61 16.15 -33.03 15.40
CA ARG D 61 16.08 -32.28 16.66
C ARG D 61 14.65 -32.27 17.20
N LEU D 62 13.67 -32.19 16.30
CA LEU D 62 12.28 -32.20 16.70
C LEU D 62 11.90 -33.53 17.33
N TYR D 63 12.31 -34.63 16.69
CA TYR D 63 12.05 -35.96 17.21
C TYR D 63 12.77 -36.20 18.53
N ASP D 64 13.98 -35.68 18.65
CA ASP D 64 14.77 -35.85 19.86
C ASP D 64 14.17 -35.09 21.04
N SER D 65 13.48 -33.98 20.74
CA SER D 65 12.87 -33.16 21.78
C SER D 65 11.72 -33.88 22.49
N LEU D 66 11.09 -34.82 21.78
CA LEU D 66 9.98 -35.58 22.32
C LEU D 66 10.42 -36.51 23.45
N HIS D 67 11.72 -36.80 23.51
CA HIS D 67 12.25 -37.74 24.48
C HIS D 67 12.96 -37.04 25.63
N ASP D 68 13.14 -35.73 25.50
CA ASP D 68 13.71 -34.92 26.57
C ASP D 68 12.68 -34.75 27.68
N PRO D 69 12.97 -35.26 28.88
CA PRO D 69 12.05 -35.18 30.03
C PRO D 69 11.68 -33.74 30.41
N ALA D 70 12.55 -32.79 30.07
CA ALA D 70 12.31 -31.39 30.38
C ALA D 70 11.31 -30.76 29.42
N GLN D 71 10.95 -31.48 28.37
CA GLN D 71 10.07 -30.94 27.34
C GLN D 71 8.80 -31.78 27.12
N LYS D 72 8.69 -32.88 27.86
CA LYS D 72 7.58 -33.82 27.66
C LYS D 72 6.23 -33.20 28.03
N ALA D 73 6.22 -32.37 29.07
CA ALA D 73 4.98 -31.74 29.52
C ALA D 73 4.45 -30.79 28.45
N VAL D 74 5.35 -30.09 27.78
CA VAL D 74 4.97 -29.13 26.75
C VAL D 74 4.67 -29.80 25.41
N LEU D 75 5.50 -30.76 25.03
CA LEU D 75 5.45 -31.32 23.68
C LEU D 75 4.58 -32.57 23.55
N THR D 76 4.45 -33.33 24.63
CA THR D 76 3.87 -34.67 24.52
C THR D 76 2.52 -34.83 25.23
N ALA D 77 1.88 -35.95 24.94
CA ALA D 77 0.56 -36.28 25.47
C ALA D 77 0.30 -37.76 25.21
N PRO D 78 -0.63 -38.38 25.97
CA PRO D 78 -0.93 -39.79 25.72
C PRO D 78 -1.46 -40.04 24.31
N THR D 79 -1.46 -41.30 23.88
CA THR D 79 -1.73 -41.63 22.48
C THR D 79 -3.09 -42.27 22.26
N ASP D 80 -4.11 -41.75 22.95
CA ASP D 80 -5.49 -42.23 22.83
C ASP D 80 -5.65 -43.69 23.27
N ALA D 81 -4.85 -44.58 22.66
CA ALA D 81 -4.82 -45.97 23.07
C ALA D 81 -4.22 -46.10 24.47
N GLY D 82 -3.39 -45.13 24.85
CA GLY D 82 -2.83 -45.07 26.18
C GLY D 82 -1.61 -45.95 26.41
N ASP D 83 -1.16 -46.62 25.34
CA ASP D 83 -0.01 -47.51 25.46
C ASP D 83 1.31 -46.76 25.45
N GLY D 84 1.24 -45.45 25.27
CA GLY D 84 2.44 -44.62 25.20
C GLY D 84 2.14 -43.15 25.07
N PHE D 85 3.12 -42.39 24.61
CA PHE D 85 2.95 -40.95 24.39
C PHE D 85 3.25 -40.59 22.95
N THR D 86 2.97 -39.34 22.59
CA THR D 86 3.12 -38.88 21.22
C THR D 86 3.24 -37.36 21.19
N HIS D 87 3.47 -36.79 20.02
CA HIS D 87 3.47 -35.35 19.89
C HIS D 87 2.05 -34.85 20.12
N ARG D 88 1.92 -33.81 20.92
CA ARG D 88 0.62 -33.32 21.39
C ARG D 88 -0.35 -32.95 20.27
N PHE D 89 0.18 -32.40 19.17
CA PHE D 89 -0.66 -31.95 18.08
C PHE D 89 -1.24 -33.10 17.25
N PHE D 90 -0.74 -34.30 17.50
CA PHE D 90 -1.25 -35.49 16.81
C PHE D 90 -2.47 -36.06 17.50
N THR D 91 -2.88 -35.42 18.60
CA THR D 91 -4.08 -35.83 19.32
C THR D 91 -5.16 -34.77 19.21
N ALA D 92 -6.42 -35.20 19.15
CA ALA D 92 -7.54 -34.26 19.06
C ALA D 92 -7.79 -33.57 20.40
N PRO D 93 -7.89 -32.24 20.39
CA PRO D 93 -8.18 -31.46 21.59
C PRO D 93 -9.63 -31.62 22.05
N ARG D 94 -9.86 -31.65 23.35
CA ARG D 94 -11.20 -31.83 23.88
C ARG D 94 -11.57 -30.68 24.81
N SER D 95 -10.68 -29.70 24.90
CA SER D 95 -10.91 -28.53 25.75
C SER D 95 -10.07 -27.36 25.26
N VAL D 96 -10.39 -26.17 25.75
CA VAL D 96 -9.63 -24.97 25.43
C VAL D 96 -8.20 -25.10 25.95
N ASP D 97 -8.08 -25.70 27.14
CA ASP D 97 -6.78 -25.93 27.76
C ASP D 97 -5.87 -26.78 26.88
N ASP D 98 -6.47 -27.75 26.20
CA ASP D 98 -5.71 -28.60 25.28
C ASP D 98 -5.18 -27.82 24.09
N LEU D 99 -6.03 -26.94 23.54
CA LEU D 99 -5.65 -26.15 22.38
C LEU D 99 -4.61 -25.09 22.71
N VAL D 100 -4.62 -24.62 23.96
CA VAL D 100 -3.59 -23.69 24.42
C VAL D 100 -2.26 -24.42 24.53
N LYS D 101 -2.30 -25.66 25.02
CA LYS D 101 -1.12 -26.49 25.10
C LYS D 101 -0.65 -26.91 23.71
N ASP D 102 -1.62 -27.08 22.80
CA ASP D 102 -1.32 -27.35 21.39
C ASP D 102 -0.50 -26.21 20.80
N GLN D 103 -0.89 -24.98 21.14
CA GLN D 103 -0.21 -23.78 20.67
C GLN D 103 1.25 -23.72 21.11
N ALA D 104 1.48 -24.09 22.38
CA ALA D 104 2.83 -24.07 22.93
C ALA D 104 3.74 -25.08 22.26
N ALA D 105 3.19 -26.26 21.97
CA ALA D 105 3.94 -27.34 21.32
C ALA D 105 4.35 -26.94 19.91
N ILE D 106 3.42 -26.33 19.17
CA ILE D 106 3.68 -25.88 17.81
C ILE D 106 4.76 -24.79 17.80
N ALA D 107 4.62 -23.84 18.72
CA ALA D 107 5.58 -22.75 18.84
C ALA D 107 6.96 -23.26 19.25
N SER D 108 6.97 -24.34 20.03
CA SER D 108 8.21 -24.93 20.51
C SER D 108 9.05 -25.47 19.36
N TRP D 109 8.44 -26.28 18.51
CA TRP D 109 9.14 -26.85 17.35
C TRP D 109 9.47 -25.77 16.33
N ALA D 110 8.65 -24.72 16.28
CA ALA D 110 8.87 -23.62 15.35
C ALA D 110 10.16 -22.88 15.69
N ARG D 111 10.44 -22.72 16.98
CA ARG D 111 11.63 -22.02 17.44
C ARG D 111 12.90 -22.82 17.14
N LYS D 112 12.76 -24.15 17.11
CA LYS D 112 13.91 -25.02 16.86
C LYS D 112 14.42 -24.85 15.43
N SER D 113 13.52 -24.44 14.53
CA SER D 113 13.90 -24.14 13.16
C SER D 113 13.81 -22.65 12.92
N TYR D 114 13.60 -21.89 13.98
CA TYR D 114 13.48 -20.43 13.94
C TYR D 114 12.32 -19.98 13.05
N GLY D 115 11.31 -20.82 12.96
CA GLY D 115 10.07 -20.48 12.25
C GLY D 115 10.12 -20.62 10.74
N TRP D 116 11.18 -21.22 10.22
CA TRP D 116 11.34 -21.30 8.77
C TRP D 116 10.83 -22.60 8.17
N MSE D 117 11.03 -23.71 8.86
N MSE D 117 11.05 -23.71 8.87
CA MSE D 117 10.57 -25.00 8.34
CA MSE D 117 10.55 -25.00 8.43
C MSE D 117 9.08 -25.20 8.55
C MSE D 117 9.04 -25.07 8.63
O MSE D 117 8.65 -25.75 9.57
O MSE D 117 8.56 -25.40 9.71
CB MSE D 117 11.38 -26.14 8.98
CB MSE D 117 11.25 -26.14 9.17
CG MSE D 117 12.88 -26.01 8.79
CG MSE D 117 10.69 -27.52 8.87
SE MSE D 117 13.90 -27.54 9.41
SE MSE D 117 11.86 -28.97 9.46
CE MSE D 117 14.08 -28.50 7.72
CE MSE D 117 12.31 -28.31 11.23
N GLY D 118 8.29 -24.75 7.57
CA GLY D 118 6.84 -24.81 7.64
C GLY D 118 6.29 -26.22 7.56
N ARG D 119 6.95 -27.08 6.80
CA ARG D 119 6.51 -28.46 6.65
C ARG D 119 7.18 -29.41 7.63
N SER D 120 7.32 -28.97 8.88
CA SER D 120 7.80 -29.85 9.93
C SER D 120 6.79 -30.99 10.10
N PRO D 121 7.20 -32.10 10.73
CA PRO D 121 6.30 -33.25 10.89
C PRO D 121 4.98 -32.93 11.59
N ASP D 122 4.95 -31.87 12.39
CA ASP D 122 3.74 -31.52 13.13
C ASP D 122 2.71 -30.79 12.28
N TYR D 123 3.13 -30.25 11.14
CA TYR D 123 2.20 -29.53 10.28
C TYR D 123 1.13 -30.43 9.67
N LYS D 124 1.55 -31.58 9.17
CA LYS D 124 0.62 -32.52 8.54
C LYS D 124 -0.25 -33.20 9.59
N ALA D 125 0.12 -33.02 10.86
CA ALA D 125 -0.68 -33.53 11.97
C ALA D 125 -1.98 -32.75 12.10
N SER D 126 -2.06 -31.62 11.39
CA SER D 126 -3.29 -30.85 11.32
C SER D 126 -4.39 -31.68 10.68
N PHE D 127 -3.98 -32.63 9.84
CA PHE D 127 -4.89 -33.60 9.25
C PHE D 127 -4.94 -34.88 10.06
N LEU D 128 -3.76 -35.40 10.40
CA LEU D 128 -3.64 -36.67 11.10
C LEU D 128 -4.31 -36.65 12.47
N GLY D 129 -4.32 -35.48 13.10
CA GLY D 129 -4.89 -35.32 14.42
C GLY D 129 -6.40 -35.40 14.47
N THR D 130 -7.03 -35.52 13.31
CA THR D 130 -8.49 -35.54 13.23
C THR D 130 -9.04 -36.86 12.71
N LEU D 131 -8.14 -37.81 12.44
CA LEU D 131 -8.55 -39.11 11.92
C LEU D 131 -9.27 -39.94 12.98
N GLY D 132 -9.07 -39.59 14.25
CA GLY D 132 -9.72 -40.30 15.34
C GLY D 132 -11.20 -39.98 15.46
N ALA D 133 -11.51 -38.70 15.59
CA ALA D 133 -12.90 -38.27 15.77
C ALA D 133 -13.68 -38.20 14.46
N ASN D 134 -12.95 -38.14 13.35
CA ASN D 134 -13.59 -38.00 12.05
C ASN D 134 -13.26 -39.20 11.15
N ALA D 135 -13.28 -40.38 11.74
CA ALA D 135 -12.96 -41.61 11.02
C ALA D 135 -14.10 -42.01 10.09
N ASP D 136 -15.33 -41.91 10.60
CA ASP D 136 -16.52 -42.34 9.87
C ASP D 136 -16.76 -41.54 8.59
N PHE D 137 -16.10 -40.39 8.48
CA PHE D 137 -16.19 -39.58 7.27
C PHE D 137 -15.55 -40.28 6.07
N TYR D 138 -14.65 -41.22 6.35
CA TYR D 138 -13.87 -41.86 5.30
C TYR D 138 -14.41 -43.24 4.92
N GLU D 139 -15.67 -43.50 5.26
CA GLU D 139 -16.32 -44.74 4.84
C GLU D 139 -16.31 -44.87 3.32
N PRO D 140 -16.17 -46.10 2.81
CA PRO D 140 -16.06 -47.37 3.54
C PRO D 140 -14.66 -47.61 4.10
N PHE D 141 -13.71 -46.73 3.80
CA PHE D 141 -12.33 -46.90 4.23
C PHE D 141 -12.07 -46.29 5.61
N ALA D 142 -13.09 -46.28 6.45
CA ALA D 142 -13.00 -45.66 7.76
C ALA D 142 -12.00 -46.36 8.68
N ASP D 143 -11.87 -47.67 8.53
CA ASP D 143 -10.95 -48.45 9.35
C ASP D 143 -9.50 -48.15 9.01
N ASN D 144 -9.23 -47.76 7.77
CA ASN D 144 -7.89 -47.36 7.35
C ASN D 144 -7.45 -46.10 8.07
N ALA D 145 -8.40 -45.19 8.29
CA ALA D 145 -8.14 -43.96 9.02
C ALA D 145 -7.90 -44.27 10.48
N ARG D 146 -8.62 -45.27 10.98
CA ARG D 146 -8.57 -45.65 12.39
C ARG D 146 -7.19 -46.21 12.74
N ARG D 147 -6.54 -46.82 11.75
CA ARG D 147 -5.24 -47.44 11.97
C ARG D 147 -4.09 -46.47 11.72
N TRP D 148 -4.23 -45.65 10.68
CA TRP D 148 -3.21 -44.65 10.37
C TRP D 148 -3.17 -43.55 11.42
N TYR D 149 -4.32 -43.31 12.05
CA TYR D 149 -4.38 -42.40 13.19
C TYR D 149 -3.59 -42.98 14.36
N ARG D 150 -3.84 -44.26 14.64
CA ARG D 150 -3.14 -44.97 15.69
C ARG D 150 -1.63 -45.00 15.45
N GLU D 151 -1.24 -45.37 14.24
CA GLU D 151 0.18 -45.54 13.92
C GLU D 151 0.93 -44.21 13.81
N SER D 152 0.31 -43.22 13.18
CA SER D 152 0.94 -41.91 13.05
C SER D 152 1.09 -41.26 14.42
N GLN D 153 0.23 -41.64 15.36
CA GLN D 153 0.37 -41.23 16.74
C GLN D 153 1.54 -41.99 17.37
N GLU D 154 1.59 -43.28 17.08
CA GLU D 154 2.57 -44.19 17.67
C GLU D 154 4.00 -43.84 17.31
N LYS D 155 4.22 -43.46 16.06
CA LYS D 155 5.57 -43.16 15.58
C LYS D 155 5.86 -41.67 15.40
N VAL D 156 4.79 -40.87 15.46
CA VAL D 156 4.83 -39.47 15.03
C VAL D 156 5.39 -39.46 13.61
N LEU D 157 4.57 -39.95 12.68
CA LEU D 157 4.97 -40.08 11.28
C LEU D 157 5.12 -38.73 10.58
N TYR D 158 5.99 -38.70 9.59
CA TYR D 158 6.25 -37.49 8.82
C TYR D 158 5.62 -37.64 7.43
N TRP D 159 4.49 -36.97 7.22
CA TRP D 159 3.83 -36.99 5.92
C TRP D 159 3.94 -35.65 5.21
N ASN D 160 3.99 -35.68 3.88
CA ASN D 160 3.97 -34.46 3.08
C ASN D 160 2.65 -34.33 2.32
N HIS D 161 2.15 -33.10 2.21
CA HIS D 161 0.88 -32.85 1.56
C HIS D 161 1.03 -32.60 0.05
N ALA D 162 0.85 -33.65 -0.74
CA ALA D 162 0.89 -33.53 -2.20
C ALA D 162 -0.53 -33.45 -2.78
N PHE D 163 -0.94 -32.26 -3.19
CA PHE D 163 -2.30 -32.05 -3.66
C PHE D 163 -2.40 -31.23 -4.94
N LEU D 164 -1.40 -30.39 -5.21
CA LEU D 164 -1.42 -29.53 -6.38
C LEU D 164 -1.26 -30.31 -7.69
N HIS D 165 -2.23 -30.14 -8.59
CA HIS D 165 -2.18 -30.78 -9.89
C HIS D 165 -1.09 -30.15 -10.77
N PRO D 166 -0.40 -30.98 -11.56
CA PRO D 166 0.58 -30.46 -12.52
C PRO D 166 -0.09 -29.70 -13.65
N PRO D 167 0.64 -28.80 -14.32
CA PRO D 167 0.10 -28.02 -15.43
C PRO D 167 -0.34 -28.95 -16.57
N VAL D 168 -1.48 -28.64 -17.19
CA VAL D 168 -2.00 -29.49 -18.25
C VAL D 168 -2.21 -28.75 -19.57
N ASP D 169 -2.07 -29.46 -20.68
CA ASP D 169 -2.31 -28.87 -21.99
C ASP D 169 -3.82 -28.92 -22.22
N ARG D 170 -4.34 -28.16 -23.19
CA ARG D 170 -5.79 -28.19 -23.46
C ARG D 170 -6.07 -28.72 -24.86
N SER D 171 -5.07 -29.38 -25.45
CA SER D 171 -5.23 -29.97 -26.77
C SER D 171 -5.42 -31.48 -26.70
N ASP D 175 -5.70 -36.12 -26.57
CA ASP D 175 -6.88 -35.30 -26.32
C ASP D 175 -7.57 -35.83 -25.07
N GLU D 176 -7.51 -37.15 -24.89
CA GLU D 176 -8.02 -37.84 -23.71
C GLU D 176 -6.89 -37.92 -22.66
N VAL D 177 -5.92 -37.01 -22.77
CA VAL D 177 -4.71 -37.07 -21.97
C VAL D 177 -4.87 -36.23 -20.72
N GLY D 178 -5.75 -36.71 -19.85
CA GLY D 178 -5.99 -36.14 -18.53
C GLY D 178 -5.24 -37.00 -17.52
N ASP D 179 -4.41 -37.90 -18.03
CA ASP D 179 -3.66 -38.85 -17.21
C ASP D 179 -2.43 -38.21 -16.57
N VAL D 180 -2.29 -36.90 -16.73
CA VAL D 180 -1.20 -36.18 -16.08
C VAL D 180 -1.59 -36.04 -14.62
N PHE D 181 -2.89 -36.16 -14.36
CA PHE D 181 -3.43 -36.13 -13.01
C PHE D 181 -3.24 -37.50 -12.36
N ILE D 182 -3.20 -37.52 -11.03
CA ILE D 182 -3.20 -38.78 -10.30
C ILE D 182 -4.46 -39.56 -10.67
N HIS D 183 -4.28 -40.79 -11.12
CA HIS D 183 -5.41 -41.58 -11.62
C HIS D 183 -5.16 -43.08 -11.51
N VAL D 184 -6.26 -43.83 -11.39
CA VAL D 184 -6.19 -45.28 -11.33
C VAL D 184 -6.17 -45.91 -12.72
N GLU D 185 -5.19 -46.78 -12.96
CA GLU D 185 -5.09 -47.48 -14.23
C GLU D 185 -5.65 -48.90 -14.13
N ARG D 186 -5.78 -49.39 -12.90
CA ARG D 186 -6.20 -50.76 -12.65
C ARG D 186 -6.59 -50.96 -11.20
N GLU D 187 -7.64 -51.75 -10.96
CA GLU D 187 -8.05 -52.09 -9.61
C GLU D 187 -7.76 -53.56 -9.31
N THR D 188 -6.62 -53.81 -8.69
CA THR D 188 -6.23 -55.15 -8.30
C THR D 188 -6.86 -55.54 -6.97
N ASP D 189 -6.67 -56.79 -6.58
CA ASP D 189 -7.16 -57.28 -5.29
C ASP D 189 -6.35 -56.71 -4.15
N ALA D 190 -5.07 -56.41 -4.41
CA ALA D 190 -4.17 -55.87 -3.40
C ALA D 190 -4.47 -54.42 -3.11
N GLY D 191 -4.83 -53.67 -4.15
CA GLY D 191 -5.07 -52.25 -4.00
C GLY D 191 -5.38 -51.57 -5.32
N LEU D 192 -4.67 -50.48 -5.57
CA LEU D 192 -4.93 -49.65 -6.73
C LEU D 192 -3.64 -49.27 -7.45
N VAL D 193 -3.57 -49.56 -8.75
CA VAL D 193 -2.42 -49.20 -9.55
C VAL D 193 -2.59 -47.77 -10.05
N VAL D 194 -1.68 -46.89 -9.66
CA VAL D 194 -1.86 -45.46 -9.89
C VAL D 194 -0.68 -44.80 -10.59
N SER D 195 -0.99 -43.97 -11.59
CA SER D 195 0.01 -43.15 -12.26
C SER D 195 -0.46 -41.70 -12.25
N GLY D 196 0.48 -40.78 -12.40
CA GLY D 196 0.16 -39.37 -12.35
C GLY D 196 1.26 -38.58 -11.65
N ALA D 197 0.95 -37.35 -11.26
CA ALA D 197 1.95 -36.52 -10.61
C ALA D 197 1.34 -35.43 -9.72
N LYS D 198 2.16 -34.89 -8.84
CA LYS D 198 1.79 -33.76 -8.01
C LYS D 198 2.98 -32.80 -7.92
N VAL D 199 2.70 -31.51 -7.86
CA VAL D 199 3.75 -30.51 -7.84
C VAL D 199 3.83 -29.78 -6.50
N VAL D 200 4.99 -29.18 -6.25
CA VAL D 200 5.29 -28.50 -4.99
C VAL D 200 5.03 -29.42 -3.79
N ALA D 201 5.54 -30.64 -3.88
CA ALA D 201 5.49 -31.57 -2.76
C ALA D 201 6.61 -31.23 -1.77
N THR D 202 6.40 -30.17 -1.00
CA THR D 202 7.44 -29.62 -0.13
C THR D 202 7.85 -30.57 0.99
N GLY D 203 9.15 -30.87 1.06
CA GLY D 203 9.69 -31.69 2.13
C GLY D 203 9.54 -33.18 1.92
N SER D 204 8.94 -33.56 0.81
CA SER D 204 8.63 -34.96 0.49
C SER D 204 9.82 -35.91 0.63
N ALA D 205 10.99 -35.47 0.20
CA ALA D 205 12.18 -36.30 0.20
C ALA D 205 12.64 -36.72 1.60
N LEU D 206 12.16 -36.00 2.62
CA LEU D 206 12.52 -36.29 3.99
C LEU D 206 11.34 -36.84 4.78
N THR D 207 10.28 -37.21 4.07
CA THR D 207 9.07 -37.72 4.71
C THR D 207 8.97 -39.23 4.66
N HIS D 208 8.02 -39.77 5.41
CA HIS D 208 7.77 -41.21 5.43
C HIS D 208 6.76 -41.62 4.36
N ALA D 209 5.83 -40.71 4.07
CA ALA D 209 4.76 -41.01 3.11
C ALA D 209 4.13 -39.74 2.54
N ALA D 210 3.74 -39.79 1.28
CA ALA D 210 3.05 -38.68 0.64
C ALA D 210 1.54 -38.84 0.75
N PHE D 211 0.88 -37.83 1.30
CA PHE D 211 -0.58 -37.83 1.38
C PHE D 211 -1.19 -37.19 0.14
N ILE D 212 -1.74 -38.02 -0.74
CA ILE D 212 -2.33 -37.54 -1.99
C ILE D 212 -3.76 -37.05 -1.80
N SER D 213 -3.99 -35.79 -2.15
CA SER D 213 -5.32 -35.19 -2.09
C SER D 213 -5.49 -34.25 -3.28
N HIS D 214 -6.63 -33.55 -3.33
CA HIS D 214 -6.91 -32.65 -4.45
C HIS D 214 -7.67 -31.42 -3.99
N TRP D 215 -7.38 -30.28 -4.60
CA TRP D 215 -8.13 -29.05 -4.33
C TRP D 215 -9.33 -28.98 -5.27
N GLY D 216 -9.37 -29.90 -6.22
CA GLY D 216 -10.49 -30.04 -7.12
C GLY D 216 -10.20 -30.93 -8.31
N LEU D 217 -11.22 -31.68 -8.73
CA LEU D 217 -11.11 -32.58 -9.88
C LEU D 217 -11.48 -31.89 -11.18
N PRO D 218 -10.53 -31.80 -12.13
CA PRO D 218 -10.84 -31.19 -13.42
C PRO D 218 -11.68 -32.12 -14.30
N ILE D 219 -11.39 -33.41 -14.26
CA ILE D 219 -12.26 -34.38 -14.93
C ILE D 219 -12.96 -35.19 -13.85
N LYS D 220 -14.29 -35.19 -13.92
CA LYS D 220 -15.09 -35.86 -12.90
C LYS D 220 -15.41 -37.31 -13.24
N ASP D 221 -14.42 -38.18 -13.05
CA ASP D 221 -14.57 -39.62 -13.26
C ASP D 221 -13.96 -40.36 -12.08
N ARG D 222 -14.52 -41.53 -11.77
CA ARG D 222 -14.08 -42.36 -10.64
C ARG D 222 -12.56 -42.55 -10.54
N LYS D 223 -11.89 -42.65 -11.68
CA LYS D 223 -10.47 -42.98 -11.69
C LYS D 223 -9.61 -41.85 -11.14
N PHE D 224 -10.16 -40.64 -11.07
CA PHE D 224 -9.42 -39.50 -10.56
C PHE D 224 -9.72 -39.22 -9.09
N ALA D 225 -10.87 -39.69 -8.62
CA ALA D 225 -11.30 -39.47 -7.25
C ALA D 225 -10.56 -40.37 -6.24
N LEU D 226 -9.30 -40.06 -5.97
CA LEU D 226 -8.52 -40.88 -5.05
C LEU D 226 -7.79 -40.04 -4.02
N VAL D 227 -8.00 -40.38 -2.75
CA VAL D 227 -7.27 -39.76 -1.64
C VAL D 227 -6.67 -40.85 -0.79
N ALA D 228 -5.34 -40.88 -0.74
CA ALA D 228 -4.63 -41.96 -0.05
C ALA D 228 -3.21 -41.55 0.31
N THR D 229 -2.57 -42.38 1.12
CA THR D 229 -1.17 -42.15 1.49
C THR D 229 -0.28 -43.18 0.81
N VAL D 230 0.88 -42.73 0.34
CA VAL D 230 1.84 -43.62 -0.28
C VAL D 230 3.22 -43.47 0.35
N PRO D 231 3.83 -44.59 0.74
N PRO D 231 3.83 -44.60 0.74
CA PRO D 231 5.21 -44.59 1.27
CA PRO D 231 5.21 -44.59 1.27
C PRO D 231 6.19 -44.02 0.26
C PRO D 231 6.18 -44.01 0.25
N MSE D 232 7.17 -43.27 0.74
CA MSE D 232 8.13 -42.61 -0.16
C MSE D 232 9.09 -43.57 -0.84
O MSE D 232 9.82 -43.18 -1.76
CB MSE D 232 8.91 -41.55 0.62
CG MSE D 232 8.04 -40.40 1.13
SE MSE D 232 7.08 -39.48 -0.31
CE MSE D 232 8.61 -38.86 -1.33
N ASP D 233 9.12 -44.82 -0.39
CA ASP D 233 9.97 -45.84 -0.99
C ASP D 233 9.17 -46.80 -1.88
N ALA D 234 7.93 -46.44 -2.15
CA ALA D 234 7.05 -47.26 -2.98
C ALA D 234 7.61 -47.38 -4.40
N ASP D 235 7.63 -48.61 -4.92
CA ASP D 235 8.16 -48.87 -6.25
C ASP D 235 7.30 -48.19 -7.30
N GLY D 236 7.93 -47.31 -8.09
CA GLY D 236 7.22 -46.55 -9.11
C GLY D 236 7.15 -45.08 -8.75
N LEU D 237 7.29 -44.77 -7.47
CA LEU D 237 7.24 -43.40 -7.00
C LEU D 237 8.61 -42.73 -7.13
N LYS D 238 8.64 -41.61 -7.83
CA LYS D 238 9.89 -40.88 -8.05
C LYS D 238 9.77 -39.42 -7.58
N VAL D 239 10.89 -38.87 -7.15
CA VAL D 239 10.92 -37.49 -6.68
C VAL D 239 11.87 -36.62 -7.50
N ILE D 240 11.32 -35.69 -8.26
CA ILE D 240 12.13 -34.76 -9.04
C ILE D 240 12.21 -33.42 -8.33
N CYS D 241 13.40 -33.09 -7.83
CA CYS D 241 13.58 -31.91 -6.98
C CYS D 241 13.62 -30.59 -7.76
N ARG D 242 13.23 -29.52 -7.09
CA ARG D 242 13.49 -28.17 -7.56
C ARG D 242 14.92 -27.85 -7.15
N PRO D 243 15.54 -26.79 -7.73
CA PRO D 243 16.91 -26.44 -7.35
C PRO D 243 17.09 -26.32 -5.83
N SER D 244 18.08 -27.04 -5.31
CA SER D 244 18.31 -27.09 -3.87
C SER D 244 19.17 -25.94 -3.38
N TYR D 245 18.62 -25.14 -2.49
CA TYR D 245 19.33 -23.98 -1.95
C TYR D 245 20.30 -24.40 -0.85
N SER D 246 20.04 -25.56 -0.25
CA SER D 246 20.90 -26.10 0.79
C SER D 246 22.13 -26.78 0.21
N ALA D 247 21.95 -27.46 -0.92
CA ALA D 247 23.05 -28.11 -1.61
C ALA D 247 24.01 -27.08 -2.18
N ASN D 248 23.45 -26.03 -2.78
CA ASN D 248 24.24 -24.95 -3.35
C ASN D 248 25.03 -24.19 -2.28
N ALA D 249 24.45 -24.09 -1.10
CA ALA D 249 25.10 -23.41 0.02
C ALA D 249 26.25 -24.28 0.55
N ALA D 250 26.17 -25.58 0.32
CA ALA D 250 27.21 -26.50 0.78
C ALA D 250 28.47 -26.39 -0.09
N THR D 251 28.27 -26.19 -1.40
CA THR D 251 29.39 -26.20 -2.34
C THR D 251 29.94 -24.81 -2.65
N THR D 252 29.08 -23.79 -2.60
CA THR D 252 29.49 -22.44 -2.95
C THR D 252 29.36 -21.45 -1.80
N GLY D 253 28.70 -21.86 -0.73
CA GLY D 253 28.50 -21.00 0.41
C GLY D 253 29.11 -21.55 1.68
N SER D 254 28.52 -21.23 2.83
CA SER D 254 29.03 -21.66 4.12
C SER D 254 27.98 -21.44 5.20
N PRO D 255 28.09 -22.14 6.34
CA PRO D 255 27.19 -21.91 7.47
C PRO D 255 27.17 -20.45 7.92
N PHE D 256 28.29 -19.76 7.73
CA PHE D 256 28.39 -18.34 8.07
C PHE D 256 27.72 -17.47 7.02
N ASP D 257 27.97 -17.79 5.74
CA ASP D 257 27.46 -16.99 4.63
C ASP D 257 26.03 -17.38 4.27
N ASN D 258 25.62 -18.58 4.67
CA ASN D 258 24.27 -19.06 4.38
C ASN D 258 23.69 -19.85 5.54
N PRO D 259 23.43 -19.17 6.67
CA PRO D 259 23.03 -19.84 7.92
C PRO D 259 21.66 -20.51 7.85
N LEU D 260 20.72 -19.92 7.13
CA LEU D 260 19.36 -20.45 7.06
C LEU D 260 19.18 -21.43 5.91
N SER D 261 19.63 -21.04 4.72
CA SER D 261 19.41 -21.83 3.52
C SER D 261 20.12 -23.18 3.56
N SER D 262 21.28 -23.23 4.21
CA SER D 262 22.11 -24.42 4.21
C SER D 262 21.57 -25.54 5.09
N ARG D 263 20.60 -25.24 5.94
CA ARG D 263 20.12 -26.24 6.90
C ARG D 263 18.60 -26.25 7.10
N LEU D 264 17.90 -25.31 6.48
CA LEU D 264 16.46 -25.20 6.69
C LEU D 264 15.67 -25.25 5.39
N ASP D 265 16.37 -25.49 4.27
CA ASP D 265 15.72 -25.49 2.97
C ASP D 265 14.78 -26.68 2.80
N GLU D 266 13.51 -26.39 2.51
CA GLU D 266 12.53 -27.42 2.23
C GLU D 266 12.25 -27.49 0.74
N ASN D 267 12.72 -28.56 0.10
CA ASN D 267 12.61 -28.69 -1.36
C ASN D 267 11.19 -28.94 -1.83
N ASP D 268 10.67 -28.03 -2.64
CA ASP D 268 9.34 -28.19 -3.24
C ASP D 268 9.46 -29.05 -4.49
N ALA D 269 9.53 -30.36 -4.30
CA ALA D 269 9.83 -31.27 -5.41
C ALA D 269 8.58 -31.76 -6.14
N ILE D 270 8.79 -32.20 -7.38
CA ILE D 270 7.73 -32.84 -8.15
C ILE D 270 7.62 -34.30 -7.76
N LEU D 271 6.41 -34.76 -7.48
CA LEU D 271 6.18 -36.13 -7.04
C LEU D 271 5.49 -36.95 -8.14
N VAL D 272 6.23 -37.88 -8.74
CA VAL D 272 5.73 -38.64 -9.88
C VAL D 272 5.47 -40.11 -9.53
N LEU D 273 4.26 -40.57 -9.81
CA LEU D 273 3.92 -41.98 -9.65
C LEU D 273 3.86 -42.69 -11.00
N ASP D 274 4.57 -43.81 -11.12
CA ASP D 274 4.52 -44.61 -12.33
C ASP D 274 4.07 -46.02 -11.99
N GLN D 275 2.76 -46.26 -12.13
CA GLN D 275 2.14 -47.55 -11.85
C GLN D 275 2.42 -48.01 -10.41
N VAL D 276 2.35 -47.07 -9.48
CA VAL D 276 2.52 -47.39 -8.06
C VAL D 276 1.31 -48.15 -7.52
N LEU D 277 1.58 -49.25 -6.82
CA LEU D 277 0.49 -50.00 -6.20
C LEU D 277 0.12 -49.40 -4.85
N ILE D 278 -1.06 -48.80 -4.78
CA ILE D 278 -1.59 -48.27 -3.52
C ILE D 278 -2.53 -49.27 -2.88
N PRO D 279 -2.10 -49.88 -1.76
CA PRO D 279 -2.91 -50.88 -1.05
C PRO D 279 -4.24 -50.29 -0.58
N TRP D 280 -5.27 -51.13 -0.47
CA TRP D 280 -6.58 -50.68 0.00
C TRP D 280 -6.50 -50.16 1.43
N GLU D 281 -5.51 -50.64 2.18
CA GLU D 281 -5.31 -50.22 3.57
C GLU D 281 -4.74 -48.80 3.65
N ASN D 282 -4.39 -48.23 2.49
CA ASN D 282 -3.83 -46.89 2.45
C ASN D 282 -4.81 -45.88 1.87
N VAL D 283 -5.92 -46.37 1.33
CA VAL D 283 -6.92 -45.51 0.72
C VAL D 283 -7.84 -44.91 1.78
N PHE D 284 -8.07 -43.61 1.68
CA PHE D 284 -9.01 -42.92 2.56
C PHE D 284 -10.32 -42.66 1.84
N VAL D 285 -10.21 -42.18 0.61
CA VAL D 285 -11.36 -41.92 -0.24
C VAL D 285 -11.11 -42.41 -1.67
N TYR D 286 -12.09 -43.09 -2.25
CA TYR D 286 -11.98 -43.54 -3.63
C TYR D 286 -13.35 -43.60 -4.30
N GLY D 287 -13.44 -42.97 -5.47
CA GLY D 287 -14.67 -42.95 -6.25
C GLY D 287 -15.63 -41.85 -5.81
N ASN D 288 -15.72 -41.63 -4.51
CA ASN D 288 -16.59 -40.61 -3.96
C ASN D 288 -16.09 -39.20 -4.27
N LEU D 289 -16.50 -38.66 -5.42
CA LEU D 289 -16.05 -37.33 -5.85
C LEU D 289 -16.51 -36.24 -4.90
N GLY D 290 -17.55 -36.53 -4.13
CA GLY D 290 -18.10 -35.57 -3.19
C GLY D 290 -17.17 -35.42 -2.00
N LYS D 291 -16.74 -36.53 -1.43
CA LYS D 291 -15.86 -36.50 -0.28
C LYS D 291 -14.51 -35.89 -0.64
N VAL D 292 -14.12 -36.04 -1.90
CA VAL D 292 -12.88 -35.42 -2.38
C VAL D 292 -13.06 -33.91 -2.38
N HIS D 293 -14.26 -33.48 -2.75
CA HIS D 293 -14.62 -32.06 -2.75
C HIS D 293 -14.83 -31.55 -1.32
N LEU D 294 -15.47 -32.36 -0.49
CA LEU D 294 -15.80 -31.95 0.86
C LEU D 294 -14.59 -31.97 1.78
N LEU D 295 -13.53 -32.64 1.35
CA LEU D 295 -12.34 -32.80 2.18
C LEU D 295 -11.69 -31.46 2.47
N ALA D 296 -11.71 -30.57 1.49
CA ALA D 296 -11.07 -29.26 1.62
C ALA D 296 -11.81 -28.28 2.53
N GLY D 297 -12.78 -28.79 3.31
CA GLY D 297 -13.54 -27.91 4.18
C GLY D 297 -14.21 -28.60 5.35
N GLN D 298 -14.27 -29.93 5.33
CA GLN D 298 -14.93 -30.66 6.41
C GLN D 298 -13.97 -31.62 7.11
N SER D 299 -12.77 -31.76 6.58
CA SER D 299 -11.77 -32.64 7.16
C SER D 299 -11.22 -32.08 8.46
N GLY D 300 -11.33 -30.77 8.62
CA GLY D 300 -10.84 -30.10 9.81
C GLY D 300 -9.37 -29.74 9.73
N MSE D 301 -8.75 -30.05 8.59
CA MSE D 301 -7.34 -29.76 8.40
C MSE D 301 -7.09 -28.27 8.29
O MSE D 301 -6.18 -27.74 8.92
CB MSE D 301 -6.81 -30.46 7.14
CG MSE D 301 -5.30 -30.42 7.01
SE MSE D 301 -4.67 -30.65 5.18
CE MSE D 301 -5.98 -31.96 4.57
N ILE D 302 -7.90 -27.59 7.48
CA ILE D 302 -7.69 -26.18 7.18
C ILE D 302 -7.78 -25.29 8.41
N GLU D 303 -8.65 -25.65 9.35
CA GLU D 303 -8.75 -24.89 10.59
C GLU D 303 -7.49 -25.04 11.42
N ARG D 304 -6.94 -26.25 11.42
CA ARG D 304 -5.75 -26.56 12.20
C ARG D 304 -4.47 -26.18 11.47
N ALA D 305 -4.50 -26.24 10.14
CA ALA D 305 -3.35 -25.85 9.33
C ALA D 305 -3.10 -24.35 9.43
N THR D 306 -4.18 -23.58 9.45
CA THR D 306 -4.08 -22.13 9.64
C THR D 306 -3.67 -21.84 11.07
N PHE D 307 -4.14 -22.65 12.00
CA PHE D 307 -3.76 -22.54 13.41
C PHE D 307 -2.27 -22.80 13.59
N HIS D 308 -1.77 -23.83 12.91
CA HIS D 308 -0.35 -24.18 12.97
C HIS D 308 0.52 -23.12 12.30
N GLY D 309 0.14 -22.71 11.09
CA GLY D 309 0.91 -21.76 10.33
C GLY D 309 0.97 -20.38 10.94
N CYS D 310 -0.14 -19.95 11.56
CA CYS D 310 -0.21 -18.65 12.19
C CYS D 310 0.70 -18.57 13.41
N THR D 311 0.68 -19.63 14.21
CA THR D 311 1.54 -19.73 15.39
C THR D 311 3.00 -19.72 14.99
N ARG D 312 3.33 -20.44 13.94
CA ARG D 312 4.70 -20.53 13.44
C ARG D 312 5.17 -19.19 12.87
N LEU D 313 4.30 -18.55 12.08
CA LEU D 313 4.62 -17.27 11.47
C LEU D 313 4.87 -16.21 12.55
N ALA D 314 4.11 -16.29 13.63
CA ALA D 314 4.31 -15.41 14.77
C ALA D 314 5.70 -15.59 15.36
N VAL D 315 6.15 -16.84 15.41
CA VAL D 315 7.48 -17.17 15.90
C VAL D 315 8.56 -16.63 14.96
N LYS D 316 8.34 -16.81 13.66
CA LYS D 316 9.30 -16.35 12.66
C LYS D 316 9.46 -14.84 12.69
N LEU D 317 8.35 -14.13 12.93
CA LEU D 317 8.37 -12.68 12.99
C LEU D 317 9.20 -12.19 14.18
N GLU D 318 9.17 -12.94 15.27
CA GLU D 318 10.00 -12.62 16.43
C GLU D 318 11.48 -12.72 16.05
N PHE D 319 11.82 -13.74 15.28
CA PHE D 319 13.18 -13.96 14.80
C PHE D 319 13.65 -12.83 13.88
N ILE D 320 12.78 -12.46 12.93
CA ILE D 320 13.10 -11.39 11.99
C ILE D 320 13.15 -10.04 12.70
N ALA D 321 12.27 -9.84 13.67
CA ALA D 321 12.26 -8.61 14.45
C ALA D 321 13.56 -8.46 15.23
N GLY D 322 13.98 -9.56 15.87
CA GLY D 322 15.23 -9.59 16.60
C GLY D 322 16.42 -9.40 15.68
N LEU D 323 16.34 -9.97 14.49
CA LEU D 323 17.37 -9.81 13.47
C LEU D 323 17.48 -8.35 13.07
N LEU D 324 16.33 -7.75 12.78
CA LEU D 324 16.27 -6.35 12.37
C LEU D 324 16.77 -5.43 13.48
N ALA D 325 16.40 -5.73 14.72
CA ALA D 325 16.80 -4.92 15.87
C ALA D 325 18.32 -4.92 16.04
N LYS D 326 18.93 -6.09 15.93
CA LYS D 326 20.37 -6.21 16.02
C LYS D 326 21.06 -5.49 14.85
N ALA D 327 20.43 -5.57 13.67
CA ALA D 327 20.96 -4.92 12.48
C ALA D 327 20.94 -3.41 12.61
N LEU D 328 19.85 -2.88 13.14
CA LEU D 328 19.71 -1.44 13.33
C LEU D 328 20.68 -0.91 14.38
N ASP D 329 20.98 -1.75 15.38
CA ASP D 329 21.93 -1.39 16.42
C ASP D 329 23.34 -1.29 15.83
N ILE D 330 23.66 -2.20 14.92
CA ILE D 330 24.98 -2.26 14.31
C ILE D 330 25.19 -1.10 13.33
N THR D 331 24.18 -0.81 12.52
CA THR D 331 24.26 0.31 11.58
C THR D 331 24.05 1.63 12.31
N GLY D 332 23.52 1.57 13.52
CA GLY D 332 23.29 2.77 14.31
C GLY D 332 22.00 3.48 13.96
N ALA D 333 21.23 2.88 13.05
CA ALA D 333 19.98 3.48 12.59
C ALA D 333 18.86 3.39 13.63
N LYS D 334 19.13 2.72 14.75
CA LYS D 334 18.10 2.51 15.77
C LYS D 334 17.76 3.82 16.48
N ASP D 335 18.65 4.80 16.38
CA ASP D 335 18.47 6.07 17.06
C ASP D 335 17.48 6.97 16.34
N PHE D 336 17.24 6.69 15.06
CA PHE D 336 16.34 7.50 14.25
C PHE D 336 14.89 7.19 14.58
N ARG D 337 14.05 8.24 14.61
CA ARG D 337 12.65 8.07 14.98
C ARG D 337 11.86 7.28 13.95
N GLY D 338 12.10 7.57 12.67
CA GLY D 338 11.40 6.91 11.59
C GLY D 338 11.67 5.42 11.55
N VAL D 339 12.92 5.06 11.86
CA VAL D 339 13.32 3.66 11.89
C VAL D 339 12.62 2.91 13.03
N GLN D 340 12.44 3.58 14.16
CA GLN D 340 11.79 2.98 15.31
C GLN D 340 10.30 2.74 15.08
N THR D 341 9.70 3.59 14.25
CA THR D 341 8.28 3.43 13.91
C THR D 341 8.06 2.15 13.11
N ARG D 342 8.96 1.90 12.15
CA ARG D 342 8.84 0.73 11.29
C ARG D 342 9.26 -0.54 12.02
N LEU D 343 10.13 -0.41 13.02
CA LEU D 343 10.50 -1.55 13.85
C LEU D 343 9.30 -1.99 14.68
N GLY D 344 8.59 -1.01 15.25
CA GLY D 344 7.38 -1.28 16.00
C GLY D 344 6.29 -1.81 15.09
N GLU D 345 6.37 -1.46 13.81
CA GLU D 345 5.42 -1.95 12.82
C GLU D 345 5.61 -3.45 12.61
N VAL D 346 6.87 -3.89 12.60
CA VAL D 346 7.19 -5.31 12.50
C VAL D 346 6.69 -6.04 13.75
N LEU D 347 6.84 -5.38 14.90
CA LEU D 347 6.38 -5.92 16.16
C LEU D 347 4.86 -5.99 16.22
N ALA D 348 4.21 -5.07 15.53
CA ALA D 348 2.74 -5.04 15.45
C ALA D 348 2.21 -6.26 14.70
N TRP D 349 2.86 -6.59 13.59
CA TRP D 349 2.50 -7.78 12.82
C TRP D 349 2.77 -9.04 13.62
N ARG D 350 3.84 -9.01 14.42
CA ARG D 350 4.17 -10.12 15.29
C ARG D 350 3.04 -10.37 16.29
N ASN D 351 2.51 -9.31 16.87
CA ASN D 351 1.42 -9.40 17.83
C ASN D 351 0.12 -9.85 17.17
N LEU D 352 -0.07 -9.50 15.90
CA LEU D 352 -1.29 -9.81 15.18
C LEU D 352 -1.46 -11.32 15.06
N PHE D 353 -0.42 -12.01 14.59
CA PHE D 353 -0.50 -13.45 14.37
C PHE D 353 -0.47 -14.23 15.67
N TRP D 354 0.09 -13.63 16.71
CA TRP D 354 0.01 -14.23 18.05
C TRP D 354 -1.42 -14.11 18.58
N SER D 355 -2.08 -13.01 18.23
CA SER D 355 -3.45 -12.77 18.65
C SER D 355 -4.43 -13.66 17.88
N LEU D 356 -4.18 -13.82 16.58
CA LEU D 356 -5.00 -14.72 15.77
C LEU D 356 -4.88 -16.14 16.30
N SER D 357 -3.66 -16.52 16.68
CA SER D 357 -3.40 -17.83 17.26
C SER D 357 -4.06 -17.95 18.62
N ASP D 358 -4.03 -16.86 19.40
CA ASP D 358 -4.69 -16.83 20.69
C ASP D 358 -6.18 -17.01 20.55
N ALA D 359 -6.77 -16.27 19.61
CA ALA D 359 -8.20 -16.35 19.32
C ALA D 359 -8.58 -17.73 18.78
N ALA D 360 -7.71 -18.31 17.96
CA ALA D 360 -7.95 -19.61 17.38
C ALA D 360 -7.98 -20.71 18.44
N ALA D 361 -7.00 -20.66 19.34
CA ALA D 361 -6.87 -21.69 20.37
C ALA D 361 -7.89 -21.51 21.50
N ARG D 362 -8.15 -20.26 21.87
CA ARG D 362 -8.96 -19.98 23.07
C ARG D 362 -10.44 -19.72 22.75
N ASN D 363 -10.77 -19.54 21.49
CA ASN D 363 -12.18 -19.46 21.08
C ASN D 363 -12.52 -20.50 20.01
N PRO D 364 -12.45 -21.80 20.36
N PRO D 364 -12.47 -21.80 20.37
CA PRO D 364 -12.65 -22.87 19.39
CA PRO D 364 -12.66 -22.88 19.40
C PRO D 364 -14.11 -23.16 19.10
C PRO D 364 -14.12 -23.08 19.02
N VAL D 365 -14.36 -24.06 18.14
CA VAL D 365 -15.71 -24.47 17.81
C VAL D 365 -15.85 -25.97 18.07
N PRO D 366 -17.05 -26.40 18.50
CA PRO D 366 -17.30 -27.83 18.73
C PRO D 366 -17.24 -28.64 17.43
N TRP D 367 -16.73 -29.87 17.51
CA TRP D 367 -16.63 -30.72 16.34
C TRP D 367 -17.10 -32.14 16.68
N LYS D 368 -16.65 -33.12 15.91
CA LYS D 368 -17.08 -34.50 16.11
C LYS D 368 -16.52 -35.13 17.39
N ASN D 369 -17.37 -35.91 18.05
CA ASN D 369 -17.00 -36.69 19.24
C ASN D 369 -16.35 -35.87 20.35
N GLY D 370 -16.96 -34.73 20.69
CA GLY D 370 -16.50 -33.91 21.79
C GLY D 370 -15.16 -33.24 21.59
N THR D 371 -14.66 -33.28 20.35
CA THR D 371 -13.39 -32.64 20.03
C THR D 371 -13.63 -31.21 19.54
N LEU D 372 -12.57 -30.41 19.50
CA LEU D 372 -12.70 -29.01 19.11
C LEU D 372 -11.76 -28.63 17.97
N LEU D 373 -12.26 -27.82 17.05
CA LEU D 373 -11.42 -27.22 16.02
C LEU D 373 -11.13 -25.78 16.39
N PRO D 374 -9.91 -25.30 16.08
CA PRO D 374 -9.55 -23.90 16.35
C PRO D 374 -10.47 -22.94 15.62
N ASN D 375 -10.62 -21.73 16.14
CA ASN D 375 -11.52 -20.73 15.57
C ASN D 375 -11.32 -20.55 14.07
N PRO D 376 -12.34 -20.90 13.28
CA PRO D 376 -12.27 -20.81 11.82
C PRO D 376 -12.09 -19.37 11.37
N GLN D 377 -12.77 -18.44 12.04
CA GLN D 377 -12.73 -17.03 11.65
C GLN D 377 -11.35 -16.44 11.92
N ALA D 378 -10.65 -17.00 12.89
CA ALA D 378 -9.28 -16.59 13.18
C ALA D 378 -8.35 -17.15 12.11
N GLY D 379 -8.69 -18.33 11.60
CA GLY D 379 -7.89 -18.99 10.58
C GLY D 379 -8.13 -18.44 9.18
N MSE D 380 -9.37 -18.04 8.91
N MSE D 380 -9.39 -18.07 8.92
CA MSE D 380 -9.68 -17.50 7.58
CA MSE D 380 -9.77 -17.46 7.66
C MSE D 380 -9.08 -16.10 7.38
C MSE D 380 -8.98 -16.18 7.42
O MSE D 380 -8.82 -15.70 6.26
O MSE D 380 -8.49 -15.93 6.33
CB MSE D 380 -11.19 -17.47 7.36
CB MSE D 380 -11.27 -17.12 7.64
CG MSE D 380 -11.85 -18.85 7.33
CG MSE D 380 -12.23 -18.31 7.69
SE MSE D 380 -11.08 -20.03 5.97
SE MSE D 380 -14.06 -17.71 8.04
CE MSE D 380 -11.75 -19.14 4.38
CE MSE D 380 -14.86 -19.40 8.57
N ALA D 381 -8.87 -15.38 8.48
CA ALA D 381 -8.23 -14.07 8.41
C ALA D 381 -6.73 -14.17 8.22
N TYR D 382 -6.13 -15.19 8.83
CA TYR D 382 -4.68 -15.40 8.73
C TYR D 382 -4.22 -15.60 7.30
N ARG D 383 -5.03 -16.26 6.49
CA ARG D 383 -4.68 -16.56 5.11
C ARG D 383 -4.55 -15.30 4.25
N TRP D 384 -5.16 -14.20 4.69
CA TRP D 384 -5.08 -12.96 3.95
C TRP D 384 -3.97 -12.04 4.43
N PHE D 385 -3.93 -11.79 5.73
CA PHE D 385 -2.98 -10.83 6.29
C PHE D 385 -1.53 -11.32 6.22
N MSE D 386 -1.35 -12.62 6.02
CA MSE D 386 -0.02 -13.17 5.82
C MSE D 386 0.53 -12.74 4.47
O MSE D 386 1.75 -12.65 4.28
CB MSE D 386 -0.05 -14.70 5.91
CG MSE D 386 -0.72 -15.38 4.72
SE MSE D 386 -0.75 -17.33 4.86
CE MSE D 386 1.13 -17.62 5.29
N GLN D 387 -0.36 -12.44 3.53
CA GLN D 387 0.01 -12.10 2.18
C GLN D 387 0.41 -10.63 2.05
N ILE D 388 0.04 -9.83 3.06
CA ILE D 388 0.41 -8.43 3.07
C ILE D 388 1.38 -8.11 4.21
N GLY D 389 1.27 -8.87 5.30
CA GLY D 389 2.11 -8.65 6.47
C GLY D 389 3.56 -9.05 6.27
N TYR D 390 3.77 -10.29 5.82
CA TYR D 390 5.11 -10.81 5.60
C TYR D 390 5.91 -10.04 4.54
N PRO D 391 5.26 -9.66 3.41
CA PRO D 391 6.01 -8.82 2.47
C PRO D 391 6.36 -7.45 3.04
N ARG D 392 5.50 -6.90 3.88
CA ARG D 392 5.75 -5.60 4.50
C ARG D 392 6.97 -5.67 5.40
N VAL D 393 7.09 -6.77 6.15
CA VAL D 393 8.24 -6.98 7.02
C VAL D 393 9.52 -7.02 6.21
N LEU D 394 9.50 -7.78 5.12
CA LEU D 394 10.65 -7.88 4.23
C LEU D 394 10.96 -6.53 3.57
N GLU D 395 9.92 -5.74 3.35
CA GLU D 395 10.08 -4.42 2.74
C GLU D 395 10.76 -3.45 3.70
N ILE D 396 10.35 -3.49 4.97
CA ILE D 396 10.92 -2.63 5.99
C ILE D 396 12.41 -2.88 6.15
N VAL D 397 12.79 -4.16 6.08
CA VAL D 397 14.20 -4.54 6.15
C VAL D 397 14.98 -3.93 4.99
N GLN D 398 14.41 -4.00 3.80
CA GLN D 398 15.05 -3.44 2.61
C GLN D 398 15.07 -1.91 2.63
N GLN D 399 14.21 -1.31 3.46
CA GLN D 399 14.12 0.14 3.53
C GLN D 399 15.00 0.74 4.62
N ASP D 400 15.06 0.08 5.77
CA ASP D 400 15.78 0.64 6.92
C ASP D 400 17.23 0.17 6.99
N VAL D 401 17.52 -0.98 6.39
CA VAL D 401 18.89 -1.47 6.32
C VAL D 401 19.48 -1.10 4.96
N ALA D 402 18.63 -1.16 3.93
CA ALA D 402 18.97 -0.72 2.58
C ALA D 402 20.25 -1.35 2.05
N SER D 403 21.13 -0.52 1.48
CA SER D 403 22.38 -0.98 0.90
C SER D 403 23.34 -1.50 1.95
N GLY D 404 23.01 -1.30 3.23
CA GLY D 404 23.81 -1.82 4.32
C GLY D 404 23.85 -3.33 4.31
N LEU D 405 22.91 -3.94 3.60
CA LEU D 405 22.89 -5.39 3.40
C LEU D 405 23.96 -5.80 2.40
N MSE D 406 24.36 -4.86 1.55
CA MSE D 406 25.37 -5.12 0.53
C MSE D 406 26.78 -4.79 0.99
O MSE D 406 27.75 -5.10 0.31
CB MSE D 406 25.04 -4.35 -0.75
CG MSE D 406 23.87 -4.91 -1.55
SE MSE D 406 24.20 -6.71 -2.28
CE MSE D 406 23.39 -7.77 -0.87
N TYR D 407 26.89 -4.15 2.16
CA TYR D 407 28.19 -3.87 2.76
C TYR D 407 28.87 -5.13 3.27
N VAL D 408 29.07 -6.11 2.40
CA VAL D 408 29.57 -7.41 2.82
C VAL D 408 30.64 -7.97 1.88
N ASN D 409 31.38 -8.97 2.37
CA ASN D 409 32.42 -9.63 1.60
C ASN D 409 31.93 -10.95 0.99
N SER D 410 32.74 -11.51 0.09
CA SER D 410 32.37 -12.72 -0.64
C SER D 410 32.12 -13.93 0.25
N SER D 411 33.10 -14.25 1.11
CA SER D 411 33.01 -15.43 1.96
C SER D 411 33.92 -15.33 3.18
N THR D 412 33.95 -16.40 3.98
CA THR D 412 34.76 -16.45 5.20
C THR D 412 36.25 -16.45 4.89
N GLU D 413 36.60 -16.83 3.67
CA GLU D 413 37.99 -16.84 3.22
C GLU D 413 38.58 -15.44 3.12
N ASP D 414 37.71 -14.44 3.00
CA ASP D 414 38.15 -13.05 2.93
C ASP D 414 38.69 -12.57 4.27
N PHE D 415 38.14 -13.10 5.36
CA PHE D 415 38.62 -12.76 6.70
C PHE D 415 39.89 -13.50 7.06
N ARG D 416 40.07 -14.69 6.50
CA ARG D 416 41.27 -15.49 6.77
C ARG D 416 42.44 -15.07 5.91
N ASN D 417 42.16 -14.61 4.70
CA ASN D 417 43.21 -14.11 3.81
C ASN D 417 43.84 -12.85 4.40
N PRO D 418 45.15 -12.91 4.69
CA PRO D 418 45.88 -11.76 5.25
C PRO D 418 45.81 -10.54 4.34
N GLU D 419 45.55 -10.77 3.06
CA GLU D 419 45.51 -9.70 2.07
C GLU D 419 44.23 -8.87 2.15
N THR D 420 43.16 -9.47 2.68
CA THR D 420 41.86 -8.79 2.73
C THR D 420 41.32 -8.67 4.15
N GLY D 421 41.66 -9.65 4.98
CA GLY D 421 41.18 -9.72 6.36
C GLY D 421 41.21 -8.43 7.15
N PRO D 422 42.42 -7.89 7.41
CA PRO D 422 42.60 -6.64 8.15
C PRO D 422 41.81 -5.48 7.57
N TYR D 423 41.70 -5.42 6.25
CA TYR D 423 40.94 -4.35 5.59
C TYR D 423 39.46 -4.43 5.96
N LEU D 424 38.91 -5.64 5.96
CA LEU D 424 37.51 -5.84 6.31
C LEU D 424 37.22 -5.40 7.73
N GLU D 425 38.11 -5.74 8.66
CA GLU D 425 37.91 -5.38 10.07
C GLU D 425 38.05 -3.88 10.29
N LYS D 426 38.74 -3.21 9.39
CA LYS D 426 38.94 -1.76 9.51
C LYS D 426 37.77 -0.96 8.92
N TYR D 427 37.27 -1.40 7.77
CA TYR D 427 36.31 -0.61 7.00
C TYR D 427 34.86 -1.09 7.14
N LEU D 428 34.66 -2.25 7.75
CA LEU D 428 33.31 -2.80 7.88
C LEU D 428 32.82 -2.94 9.32
N ARG D 429 33.29 -2.10 10.22
CA ARG D 429 32.80 -2.15 11.61
C ARG D 429 31.41 -1.55 11.78
N GLY D 430 30.74 -1.97 12.85
CA GLY D 430 29.42 -1.47 13.20
C GLY D 430 29.46 -0.33 14.21
N SER D 431 28.31 0.30 14.42
CA SER D 431 28.18 1.41 15.36
C SER D 431 28.13 0.96 16.82
N ASP D 432 27.74 -0.29 17.05
CA ASP D 432 27.63 -0.85 18.40
C ASP D 432 28.96 -0.90 19.14
N GLY D 433 30.04 -0.68 18.41
CA GLY D 433 31.38 -0.94 18.93
C GLY D 433 31.66 -2.35 18.49
N ALA D 434 30.77 -2.86 17.65
CA ALA D 434 30.84 -4.22 17.13
C ALA D 434 31.91 -4.34 16.05
N GLY D 435 32.41 -5.57 15.89
CA GLY D 435 33.41 -5.85 14.88
C GLY D 435 32.81 -6.07 13.51
N ALA D 436 33.67 -6.18 12.51
CA ALA D 436 33.22 -6.42 11.14
C ALA D 436 32.62 -7.81 11.03
N VAL D 437 33.20 -8.76 11.74
CA VAL D 437 32.74 -10.15 11.73
C VAL D 437 31.30 -10.24 12.23
N GLU D 438 31.02 -9.56 13.33
CA GLU D 438 29.67 -9.54 13.90
C GLU D 438 28.69 -8.85 12.96
N ARG D 439 29.11 -7.74 12.36
CA ARG D 439 28.26 -7.00 11.44
C ARG D 439 27.93 -7.82 10.18
N VAL D 440 28.97 -8.40 9.57
CA VAL D 440 28.78 -9.21 8.38
C VAL D 440 27.95 -10.47 8.68
N LYS D 441 28.12 -11.00 9.88
CA LYS D 441 27.38 -12.18 10.32
C LYS D 441 25.88 -11.91 10.32
N VAL D 442 25.48 -10.79 10.91
CA VAL D 442 24.08 -10.41 10.97
C VAL D 442 23.54 -10.04 9.59
N MSE D 443 24.33 -9.33 8.81
CA MSE D 443 23.89 -8.86 7.49
C MSE D 443 23.61 -10.01 6.53
O MSE D 443 22.63 -9.98 5.79
CB MSE D 443 24.92 -7.91 6.88
CG MSE D 443 25.05 -6.58 7.62
SE MSE D 443 23.36 -5.62 7.74
CE MSE D 443 23.68 -4.68 9.42
N LYS D 444 24.48 -11.01 6.52
CA LYS D 444 24.28 -12.19 5.67
C LYS D 444 23.14 -13.06 6.18
N LEU D 445 22.95 -13.08 7.50
CA LEU D 445 21.84 -13.82 8.08
C LEU D 445 20.52 -13.15 7.72
N LEU D 446 20.52 -11.82 7.79
CA LEU D 446 19.35 -11.03 7.43
C LEU D 446 19.03 -11.15 5.94
N TRP D 447 20.08 -11.14 5.12
CA TRP D 447 19.93 -11.25 3.67
C TRP D 447 19.44 -12.63 3.24
N ASP D 448 19.92 -13.66 3.94
CA ASP D 448 19.50 -15.04 3.66
C ASP D 448 18.02 -15.19 3.96
N ALA D 449 17.51 -14.33 4.83
CA ALA D 449 16.11 -14.34 5.22
C ALA D 449 15.25 -13.46 4.32
N VAL D 450 15.89 -12.60 3.54
CA VAL D 450 15.18 -11.56 2.81
C VAL D 450 15.41 -11.56 1.29
N GLY D 451 16.67 -11.69 0.88
CA GLY D 451 17.01 -11.48 -0.52
C GLY D 451 17.61 -12.67 -1.24
N SER D 452 17.94 -13.73 -0.51
CA SER D 452 18.52 -14.93 -1.10
C SER D 452 17.48 -15.75 -1.85
N ASP D 453 17.94 -16.79 -2.54
CA ASP D 453 17.06 -17.78 -3.16
C ASP D 453 16.10 -18.34 -2.12
N PHE D 454 16.64 -18.56 -0.92
CA PHE D 454 15.89 -19.06 0.22
C PHE D 454 14.85 -18.06 0.71
N GLY D 455 15.25 -16.79 0.78
CA GLY D 455 14.35 -15.73 1.19
C GLY D 455 13.28 -15.45 0.16
N GLY D 456 13.66 -15.50 -1.11
CA GLY D 456 12.74 -15.30 -2.21
C GLY D 456 11.68 -16.39 -2.24
N ARG D 457 12.11 -17.64 -2.10
CA ARG D 457 11.21 -18.77 -2.08
C ARG D 457 10.24 -18.65 -0.90
N HIS D 458 10.74 -18.18 0.25
CA HIS D 458 9.90 -18.07 1.44
C HIS D 458 8.92 -16.90 1.37
N GLU D 459 9.31 -15.83 0.69
CA GLU D 459 8.39 -14.73 0.43
C GLU D 459 7.24 -15.22 -0.43
N LEU D 460 7.58 -15.92 -1.51
CA LEU D 460 6.58 -16.53 -2.40
C LEU D 460 5.78 -17.56 -1.63
N TYR D 461 6.47 -18.27 -0.74
CA TYR D 461 5.87 -19.29 0.10
C TYR D 461 4.79 -18.69 0.99
N GLU D 462 5.19 -17.82 1.91
CA GLU D 462 4.24 -17.22 2.85
C GLU D 462 3.15 -16.39 2.16
N ARG D 463 3.33 -16.10 0.87
CA ARG D 463 2.34 -15.31 0.13
C ARG D 463 1.27 -16.19 -0.50
N ASN D 464 1.63 -17.39 -0.90
CA ASN D 464 0.71 -18.28 -1.63
C ASN D 464 0.64 -19.65 -0.95
N TYR D 465 1.09 -19.68 0.30
CA TYR D 465 1.18 -20.90 1.10
C TYR D 465 -0.12 -21.68 1.20
N SER D 466 -1.23 -20.96 1.33
CA SER D 466 -2.54 -21.57 1.48
C SER D 466 -3.40 -21.39 0.25
N GLY D 467 -3.06 -20.39 -0.56
CA GLY D 467 -3.78 -20.11 -1.79
C GLY D 467 -3.44 -18.75 -2.33
N ASN D 468 -3.82 -18.48 -3.57
CA ASN D 468 -3.55 -17.19 -4.18
C ASN D 468 -4.32 -16.05 -3.52
N HIS D 469 -3.85 -14.83 -3.74
CA HIS D 469 -4.35 -13.67 -3.02
C HIS D 469 -5.81 -13.34 -3.32
N GLU D 470 -6.36 -13.92 -4.38
CA GLU D 470 -7.78 -13.72 -4.70
C GLU D 470 -8.67 -14.75 -4.02
N ASN D 471 -8.30 -16.03 -4.12
CA ASN D 471 -9.12 -17.11 -3.59
C ASN D 471 -9.24 -17.10 -2.07
N THR D 472 -8.19 -16.64 -1.39
CA THR D 472 -8.21 -16.57 0.06
C THR D 472 -9.31 -15.63 0.55
N ARG D 473 -9.51 -14.54 -0.19
CA ARG D 473 -10.55 -13.57 0.14
C ARG D 473 -11.93 -14.05 -0.34
N ILE D 474 -11.97 -14.68 -1.50
CA ILE D 474 -13.23 -15.18 -2.04
C ILE D 474 -13.79 -16.30 -1.18
N GLU D 475 -12.93 -17.24 -0.80
CA GLU D 475 -13.35 -18.36 0.05
C GLU D 475 -13.81 -17.84 1.41
N LEU D 476 -13.29 -16.68 1.79
CA LEU D 476 -13.73 -16.01 3.00
C LEU D 476 -15.16 -15.48 2.85
N LEU D 477 -15.44 -14.88 1.70
CA LEU D 477 -16.77 -14.38 1.40
C LEU D 477 -17.79 -15.50 1.30
N LEU D 478 -17.42 -16.57 0.61
CA LEU D 478 -18.30 -17.72 0.42
C LEU D 478 -18.60 -18.43 1.74
N SER D 479 -17.59 -18.54 2.60
CA SER D 479 -17.75 -19.21 3.88
C SER D 479 -18.71 -18.46 4.79
N GLN D 480 -18.65 -17.13 4.78
CA GLN D 480 -19.51 -16.32 5.62
C GLN D 480 -20.91 -16.17 4.99
N THR D 481 -20.98 -16.35 3.68
CA THR D 481 -22.26 -16.33 2.99
C THR D 481 -23.02 -17.61 3.31
N ALA D 482 -22.31 -18.73 3.28
CA ALA D 482 -22.90 -20.03 3.56
C ALA D 482 -23.30 -20.18 5.03
N SER D 483 -22.53 -19.54 5.91
CA SER D 483 -22.79 -19.62 7.34
C SER D 483 -23.88 -18.64 7.77
N GLY D 484 -24.32 -17.81 6.82
CA GLY D 484 -25.36 -16.83 7.10
C GLY D 484 -24.84 -15.60 7.81
N LYS D 485 -23.52 -15.52 7.99
CA LYS D 485 -22.90 -14.36 8.63
C LYS D 485 -23.07 -13.10 7.78
N LEU D 486 -22.96 -13.27 6.46
CA LEU D 486 -23.14 -12.15 5.54
C LEU D 486 -24.58 -11.64 5.59
N ASP D 487 -25.52 -12.57 5.73
CA ASP D 487 -26.93 -12.19 5.85
C ASP D 487 -27.16 -11.40 7.14
N SER D 488 -26.42 -11.76 8.18
CA SER D 488 -26.52 -11.06 9.46
C SER D 488 -26.03 -9.62 9.36
N TYR D 489 -24.95 -9.41 8.61
CA TYR D 489 -24.39 -8.07 8.44
C TYR D 489 -25.37 -7.16 7.69
N MSE D 490 -26.04 -7.73 6.69
CA MSE D 490 -27.00 -6.99 5.90
C MSE D 490 -28.25 -6.69 6.71
O MSE D 490 -28.87 -5.63 6.56
CB MSE D 490 -27.36 -7.75 4.62
CG MSE D 490 -26.22 -7.80 3.61
SE MSE D 490 -26.68 -8.75 1.97
CE MSE D 490 -26.49 -10.58 2.61
N ASP D 491 -28.64 -7.63 7.57
CA ASP D 491 -29.76 -7.42 8.48
C ASP D 491 -29.41 -6.36 9.51
N PHE D 492 -28.13 -6.33 9.90
CA PHE D 492 -27.63 -5.31 10.82
C PHE D 492 -27.80 -3.93 10.21
N ALA D 493 -27.39 -3.79 8.95
CA ALA D 493 -27.51 -2.52 8.25
C ALA D 493 -28.97 -2.17 7.99
N GLN D 494 -29.79 -3.19 7.73
CA GLN D 494 -31.21 -3.00 7.48
C GLN D 494 -31.92 -2.45 8.71
N ALA D 495 -31.45 -2.86 9.88
CA ALA D 495 -32.01 -2.39 11.15
C ALA D 495 -31.86 -0.87 11.28
N CYS D 496 -30.81 -0.35 10.67
CA CYS D 496 -30.57 1.10 10.68
C CYS D 496 -31.54 1.82 9.76
N MSE D 497 -31.89 1.17 8.66
CA MSE D 497 -32.76 1.76 7.65
C MSE D 497 -34.23 1.68 8.04
O MSE D 497 -35.05 2.48 7.56
CB MSE D 497 -32.54 1.07 6.29
CG MSE D 497 -31.12 0.58 6.09
SE MSE D 497 -30.76 -0.08 4.30
CE MSE D 497 -30.61 1.64 3.41
N ASP D 498 -34.56 0.72 8.90
CA ASP D 498 -35.94 0.54 9.34
C ASP D 498 -36.37 1.63 10.32
N GLU D 499 -35.41 2.42 10.79
CA GLU D 499 -35.68 3.44 11.79
C GLU D 499 -36.04 4.79 11.19
N TYR D 500 -36.11 4.85 9.85
CA TYR D 500 -36.52 6.08 9.18
C TYR D 500 -37.08 5.80 7.79
N ASP D 501 -37.63 6.84 7.17
CA ASP D 501 -38.14 6.77 5.80
C ASP D 501 -38.22 8.17 5.20
N LEU D 502 -38.89 8.29 4.05
CA LEU D 502 -38.94 9.56 3.31
C LEU D 502 -39.63 10.68 4.09
N ASP D 503 -40.44 10.32 5.08
CA ASP D 503 -41.13 11.32 5.90
C ASP D 503 -40.27 11.79 7.06
N GLY D 504 -39.35 10.93 7.49
CA GLY D 504 -38.51 11.20 8.65
C GLY D 504 -38.26 9.94 9.45
N TRP D 505 -38.05 10.10 10.75
CA TRP D 505 -37.83 8.95 11.62
C TRP D 505 -39.10 8.12 11.77
N THR D 506 -38.94 6.81 11.91
CA THR D 506 -40.05 5.93 12.22
C THR D 506 -39.96 5.52 13.69
N ALA D 507 -38.77 5.70 14.27
CA ALA D 507 -38.57 5.47 15.69
C ALA D 507 -39.23 6.58 16.49
N PRO D 508 -40.01 6.22 17.52
CA PRO D 508 -40.79 7.17 18.32
C PRO D 508 -39.94 8.19 19.08
N ASP D 509 -38.79 7.76 19.59
CA ASP D 509 -37.98 8.61 20.47
C ASP D 509 -37.09 9.62 19.73
N LEU D 510 -37.19 9.68 18.41
CA LEU D 510 -36.37 10.60 17.63
C LEU D 510 -37.18 11.74 17.02
N GLU D 511 -36.59 12.93 16.98
CA GLU D 511 -37.24 14.12 16.44
C GLU D 511 -36.78 14.37 15.01
N SER D 512 -37.71 14.71 14.12
CA SER D 512 -37.41 14.91 12.71
C SER D 512 -37.15 16.37 12.35
N PHE D 513 -37.55 17.28 13.23
CA PHE D 513 -37.40 18.72 13.02
C PHE D 513 -38.06 19.18 11.72
N HIS D 514 -39.28 18.71 11.49
CA HIS D 514 -40.03 19.07 10.28
C HIS D 514 -40.24 20.57 10.16
N ALA D 515 -40.50 21.21 11.30
CA ALA D 515 -40.81 22.64 11.34
C ALA D 515 -39.65 23.50 10.81
N MSE D 516 -38.48 23.37 11.45
CA MSE D 516 -37.34 24.19 11.07
C MSE D 516 -36.73 23.76 9.74
O MSE D 516 -36.05 24.55 9.08
CB MSE D 516 -36.27 24.15 12.18
CG MSE D 516 -35.68 22.78 12.43
SE MSE D 516 -34.22 22.84 13.72
CE MSE D 516 -35.18 23.60 15.23
N ARG D 517 -36.97 22.52 9.35
CA ARG D 517 -36.48 22.03 8.07
C ARG D 517 -37.22 22.68 6.92
N SER D 518 -38.55 22.71 7.03
CA SER D 518 -39.38 23.34 6.01
C SER D 518 -39.20 24.86 6.05
N ALA D 519 -38.96 25.39 7.24
CA ALA D 519 -38.71 26.81 7.42
C ALA D 519 -37.42 27.23 6.73
N SER D 520 -36.41 26.37 6.82
CA SER D 520 -35.13 26.62 6.17
C SER D 520 -35.22 26.47 4.65
N ARG D 521 -36.08 25.55 4.22
CA ARG D 521 -36.31 25.33 2.80
C ARG D 521 -36.98 26.54 2.16
N ASP D 522 -37.85 27.19 2.93
CA ASP D 522 -38.57 28.36 2.47
C ASP D 522 -37.69 29.61 2.44
N LEU D 523 -36.60 29.60 3.19
CA LEU D 523 -35.68 30.73 3.23
C LEU D 523 -35.04 30.98 1.86
N LEU D 524 -34.93 29.92 1.06
CA LEU D 524 -34.38 30.04 -0.28
C LEU D 524 -35.47 29.74 -1.32
N GLY D 525 -36.70 30.09 -0.97
CA GLY D 525 -37.83 29.90 -1.86
C GLY D 525 -37.98 31.03 -2.86
N GLY D 526 -38.37 30.69 -4.08
CA GLY D 526 -38.52 31.68 -5.12
C GLY D 526 -37.19 32.16 -5.67
N LEU D 527 -36.15 31.37 -5.46
CA LEU D 527 -34.82 31.70 -5.95
C LEU D 527 -34.35 30.69 -6.99
CA CA E . -12.07 10.36 2.70
C1 GOL F . 46.26 -24.81 -7.63
O1 GOL F . 47.36 -25.27 -8.39
C2 GOL F . 45.06 -25.73 -7.87
O2 GOL F . 44.44 -26.02 -6.63
C3 GOL F . 44.07 -25.05 -8.80
O3 GOL F . 44.65 -24.86 -10.06
CA CA G . 11.42 -9.83 -2.87
#